data_1IYU
# 
_entry.id   1IYU 
# 
_audit_conform.dict_name       mmcif_pdbx.dic 
_audit_conform.dict_version    5.392 
_audit_conform.dict_location   http://mmcif.pdb.org/dictionaries/ascii/mmcif_pdbx.dic 
# 
loop_
_database_2.database_id 
_database_2.database_code 
_database_2.pdbx_database_accession 
_database_2.pdbx_DOI 
PDB   1IYU         pdb_00001iyu 10.2210/pdb1iyu/pdb 
WWPDB D_1000174291 ?            ?                   
# 
loop_
_pdbx_audit_revision_history.ordinal 
_pdbx_audit_revision_history.data_content_type 
_pdbx_audit_revision_history.major_revision 
_pdbx_audit_revision_history.minor_revision 
_pdbx_audit_revision_history.revision_date 
1 'Structure model' 1 0 1997-03-12 
2 'Structure model' 1 1 2008-03-24 
3 'Structure model' 1 2 2011-07-13 
4 'Structure model' 1 3 2022-02-23 
5 'Structure model' 1 4 2024-05-22 
# 
_pdbx_audit_revision_details.ordinal             1 
_pdbx_audit_revision_details.revision_ordinal    1 
_pdbx_audit_revision_details.data_content_type   'Structure model' 
_pdbx_audit_revision_details.provider            repository 
_pdbx_audit_revision_details.type                'Initial release' 
_pdbx_audit_revision_details.description         ? 
_pdbx_audit_revision_details.details             ? 
# 
loop_
_pdbx_audit_revision_group.ordinal 
_pdbx_audit_revision_group.revision_ordinal 
_pdbx_audit_revision_group.data_content_type 
_pdbx_audit_revision_group.group 
1 2 'Structure model' 'Version format compliance' 
2 3 'Structure model' 'Version format compliance' 
3 4 'Structure model' 'Database references'       
4 4 'Structure model' 'Derived calculations'      
5 4 'Structure model' Other                       
6 5 'Structure model' 'Data collection'           
# 
loop_
_pdbx_audit_revision_category.ordinal 
_pdbx_audit_revision_category.revision_ordinal 
_pdbx_audit_revision_category.data_content_type 
_pdbx_audit_revision_category.category 
1 4 'Structure model' database_2            
2 4 'Structure model' pdbx_database_status  
3 4 'Structure model' pdbx_struct_assembly  
4 4 'Structure model' pdbx_struct_oper_list 
5 5 'Structure model' chem_comp_atom        
6 5 'Structure model' chem_comp_bond        
# 
loop_
_pdbx_audit_revision_item.ordinal 
_pdbx_audit_revision_item.revision_ordinal 
_pdbx_audit_revision_item.data_content_type 
_pdbx_audit_revision_item.item 
1 4 'Structure model' '_database_2.pdbx_DOI'                
2 4 'Structure model' '_database_2.pdbx_database_accession' 
3 4 'Structure model' '_pdbx_database_status.process_site'  
# 
_pdbx_database_status.status_code                     REL 
_pdbx_database_status.entry_id                        1IYU 
_pdbx_database_status.recvd_initial_deposition_date   1996-09-25 
_pdbx_database_status.deposit_site                    ? 
_pdbx_database_status.process_site                    BNL 
_pdbx_database_status.status_code_sf                  ? 
_pdbx_database_status.status_code_mr                  REL 
_pdbx_database_status.SG_entry                        ? 
_pdbx_database_status.pdb_format_compatible           Y 
_pdbx_database_status.status_code_cs                  ? 
_pdbx_database_status.status_code_nmr_data            ? 
_pdbx_database_status.methods_development_category    ? 
# 
_pdbx_database_related.db_name        PDB 
_pdbx_database_related.db_id          1IYV 
_pdbx_database_related.details        . 
_pdbx_database_related.content_type   ensemble 
# 
loop_
_audit_author.name 
_audit_author.pdbx_ordinal 
'Berg, A.'     1 
'Vervoort, J.' 2 
'De Kok, A.'   3 
# 
loop_
_citation.id 
_citation.title 
_citation.journal_abbrev 
_citation.journal_volume 
_citation.page_first 
_citation.page_last 
_citation.year 
_citation.journal_id_ASTM 
_citation.country 
_citation.journal_id_ISSN 
_citation.journal_id_CSD 
_citation.book_publisher 
_citation.pdbx_database_id_PubMed 
_citation.pdbx_database_id_DOI 
primary 
;Three-dimensional structure in solution of the N-terminal lipoyl domain of the pyruvate dehydrogenase complex from Azotobacter vinelandii.
;
Eur.J.Biochem. 244 352 360 1997 EJBCAI IX 0014-2956 0262 ? 9119000 10.1111/j.1432-1033.1997.00352.x 
1       'Solution Structure of the Lipoyl Domain of the 2-Oxoglutarate Dehydrogenase Complex from Azotobacter Vinelandii' 
J.Mol.Biol.    261 432 ?   1996 JMOBAK UK 0022-2836 0070 ? ?       ?                                
2       
;Sequential 1H and 15N Nuclear Magnetic Resonance Assignments and Secondary Structure of the Lipoyl Domain of the 2-Oxoglutarate Dehydrogenase Complex from Azotobacter Vinelandii. Evidence for High Structural Similarity with the Lipoyl Domain of the Pyruvate Dehydrogenase Complex
;
Eur.J.Biochem. 234 148 ?   1995 EJBCAI IX 0014-2956 0262 ? ?       ?                                
3       
;Sequential 1H and 15N Nuclear Magnetic Resonance Assignments and Secondary Structure of the N-Terminal Lipoyl Domain of the Dihydrolipoyl Transacetylase Component of the Pyruvate Dehydrogenase Complex from Azotobacter Vinelandii
;
Eur.J.Biochem. 221 87  ?   1994 EJBCAI IX 0014-2956 0262 ? ?       ?                                
# 
loop_
_citation_author.citation_id 
_citation_author.name 
_citation_author.ordinal 
_citation_author.identifier_ORCID 
primary 'Berg, A.'     1  ? 
primary 'Vervoort, J.' 2  ? 
primary 'de Kok, A.'   3  ? 
1       'Berg, A.'     4  ? 
1       'Vervoort, J.' 5  ? 
1       'De Kok, A.'   6  ? 
2       'Berg, A.'     7  ? 
2       'Smits, O.'    8  ? 
2       'De Kok, A.'   9  ? 
2       'Vervoort, J.' 10 ? 
3       'Berg, A.'     11 ? 
3       'De Kok, A.'   12 ? 
3       'Vervoort, J.' 13 ? 
# 
_entity.id                         1 
_entity.type                       polymer 
_entity.src_method                 nat 
_entity.pdbx_description           'DIHYDROLIPOAMIDE ACETYLTRANSFERASE COMPONENT OF PYRUVATE DEHYDROGENASE COMPLEX' 
_entity.formula_weight             8173.404 
_entity.pdbx_number_of_molecules   1 
_entity.pdbx_ec                    2.3.1.12 
_entity.pdbx_mutation              ? 
_entity.pdbx_fragment              'LIPOYL DOMAIN, RESIDUES 1 - 79' 
_entity.details                    ? 
# 
_entity_name_com.entity_id   1 
_entity_name_com.name        E2P 
# 
_entity_poly.entity_id                      1 
_entity_poly.type                           'polypeptide(L)' 
_entity_poly.nstd_linkage                   no 
_entity_poly.nstd_monomer                   no 
_entity_poly.pdbx_seq_one_letter_code       SEIIRVPDIGGDGEVIELLVKTGDLIEVEQGLVVLESAKASMEVPSPKAGVVKSVSVKLGDKLKEGDAIIELEPAAGAR 
_entity_poly.pdbx_seq_one_letter_code_can   SEIIRVPDIGGDGEVIELLVKTGDLIEVEQGLVVLESAKASMEVPSPKAGVVKSVSVKLGDKLKEGDAIIELEPAAGAR 
_entity_poly.pdbx_strand_id                 A 
_entity_poly.pdbx_target_identifier         ? 
# 
loop_
_entity_poly_seq.entity_id 
_entity_poly_seq.num 
_entity_poly_seq.mon_id 
_entity_poly_seq.hetero 
1 1  SER n 
1 2  GLU n 
1 3  ILE n 
1 4  ILE n 
1 5  ARG n 
1 6  VAL n 
1 7  PRO n 
1 8  ASP n 
1 9  ILE n 
1 10 GLY n 
1 11 GLY n 
1 12 ASP n 
1 13 GLY n 
1 14 GLU n 
1 15 VAL n 
1 16 ILE n 
1 17 GLU n 
1 18 LEU n 
1 19 LEU n 
1 20 VAL n 
1 21 LYS n 
1 22 THR n 
1 23 GLY n 
1 24 ASP n 
1 25 LEU n 
1 26 ILE n 
1 27 GLU n 
1 28 VAL n 
1 29 GLU n 
1 30 GLN n 
1 31 GLY n 
1 32 LEU n 
1 33 VAL n 
1 34 VAL n 
1 35 LEU n 
1 36 GLU n 
1 37 SER n 
1 38 ALA n 
1 39 LYS n 
1 40 ALA n 
1 41 SER n 
1 42 MET n 
1 43 GLU n 
1 44 VAL n 
1 45 PRO n 
1 46 SER n 
1 47 PRO n 
1 48 LYS n 
1 49 ALA n 
1 50 GLY n 
1 51 VAL n 
1 52 VAL n 
1 53 LYS n 
1 54 SER n 
1 55 VAL n 
1 56 SER n 
1 57 VAL n 
1 58 LYS n 
1 59 LEU n 
1 60 GLY n 
1 61 ASP n 
1 62 LYS n 
1 63 LEU n 
1 64 LYS n 
1 65 GLU n 
1 66 GLY n 
1 67 ASP n 
1 68 ALA n 
1 69 ILE n 
1 70 ILE n 
1 71 GLU n 
1 72 LEU n 
1 73 GLU n 
1 74 PRO n 
1 75 ALA n 
1 76 ALA n 
1 77 GLY n 
1 78 ALA n 
1 79 ARG n 
# 
_entity_src_nat.entity_id                  1 
_entity_src_nat.pdbx_src_id                1 
_entity_src_nat.pdbx_alt_source_flag       sample 
_entity_src_nat.pdbx_beg_seq_num           ? 
_entity_src_nat.pdbx_end_seq_num           ? 
_entity_src_nat.common_name                ? 
_entity_src_nat.pdbx_organism_scientific   'Azotobacter vinelandii' 
_entity_src_nat.pdbx_ncbi_taxonomy_id      354 
_entity_src_nat.genus                      Azotobacter 
_entity_src_nat.species                    ? 
_entity_src_nat.strain                     ? 
_entity_src_nat.tissue                     ? 
_entity_src_nat.tissue_fraction            ? 
_entity_src_nat.pdbx_secretion             ? 
_entity_src_nat.pdbx_fragment              ? 
_entity_src_nat.pdbx_variant               ? 
_entity_src_nat.pdbx_cell_line             ? 
_entity_src_nat.pdbx_atcc                  ? 
_entity_src_nat.pdbx_cellular_location     ? 
_entity_src_nat.pdbx_organ                 ? 
_entity_src_nat.pdbx_organelle             ? 
_entity_src_nat.pdbx_cell                  ? 
_entity_src_nat.pdbx_plasmid_name          ? 
_entity_src_nat.pdbx_plasmid_details       ? 
_entity_src_nat.details                    ? 
# 
loop_
_chem_comp.id 
_chem_comp.type 
_chem_comp.mon_nstd_flag 
_chem_comp.name 
_chem_comp.pdbx_synonyms 
_chem_comp.formula 
_chem_comp.formula_weight 
ALA 'L-peptide linking' y ALANINE         ? 'C3 H7 N O2'     89.093  
ARG 'L-peptide linking' y ARGININE        ? 'C6 H15 N4 O2 1' 175.209 
ASP 'L-peptide linking' y 'ASPARTIC ACID' ? 'C4 H7 N O4'     133.103 
GLN 'L-peptide linking' y GLUTAMINE       ? 'C5 H10 N2 O3'   146.144 
GLU 'L-peptide linking' y 'GLUTAMIC ACID' ? 'C5 H9 N O4'     147.129 
GLY 'peptide linking'   y GLYCINE         ? 'C2 H5 N O2'     75.067  
ILE 'L-peptide linking' y ISOLEUCINE      ? 'C6 H13 N O2'    131.173 
LEU 'L-peptide linking' y LEUCINE         ? 'C6 H13 N O2'    131.173 
LYS 'L-peptide linking' y LYSINE          ? 'C6 H15 N2 O2 1' 147.195 
MET 'L-peptide linking' y METHIONINE      ? 'C5 H11 N O2 S'  149.211 
PRO 'L-peptide linking' y PROLINE         ? 'C5 H9 N O2'     115.130 
SER 'L-peptide linking' y SERINE          ? 'C3 H7 N O3'     105.093 
THR 'L-peptide linking' y THREONINE       ? 'C4 H9 N O3'     119.119 
VAL 'L-peptide linking' y VALINE          ? 'C5 H11 N O2'    117.146 
# 
loop_
_pdbx_poly_seq_scheme.asym_id 
_pdbx_poly_seq_scheme.entity_id 
_pdbx_poly_seq_scheme.seq_id 
_pdbx_poly_seq_scheme.mon_id 
_pdbx_poly_seq_scheme.ndb_seq_num 
_pdbx_poly_seq_scheme.pdb_seq_num 
_pdbx_poly_seq_scheme.auth_seq_num 
_pdbx_poly_seq_scheme.pdb_mon_id 
_pdbx_poly_seq_scheme.auth_mon_id 
_pdbx_poly_seq_scheme.pdb_strand_id 
_pdbx_poly_seq_scheme.pdb_ins_code 
_pdbx_poly_seq_scheme.hetero 
A 1 1  SER 1  1  1  SER SER A . n 
A 1 2  GLU 2  2  2  GLU GLU A . n 
A 1 3  ILE 3  3  3  ILE ILE A . n 
A 1 4  ILE 4  4  4  ILE ILE A . n 
A 1 5  ARG 5  5  5  ARG ARG A . n 
A 1 6  VAL 6  6  6  VAL VAL A . n 
A 1 7  PRO 7  7  7  PRO PRO A . n 
A 1 8  ASP 8  8  8  ASP ASP A . n 
A 1 9  ILE 9  9  9  ILE ILE A . n 
A 1 10 GLY 10 10 10 GLY GLY A . n 
A 1 11 GLY 11 11 11 GLY GLY A . n 
A 1 12 ASP 12 12 12 ASP ASP A . n 
A 1 13 GLY 13 13 13 GLY GLY A . n 
A 1 14 GLU 14 14 14 GLU GLU A . n 
A 1 15 VAL 15 15 15 VAL VAL A . n 
A 1 16 ILE 16 16 16 ILE ILE A . n 
A 1 17 GLU 17 17 17 GLU GLU A . n 
A 1 18 LEU 18 18 18 LEU LEU A . n 
A 1 19 LEU 19 19 19 LEU LEU A . n 
A 1 20 VAL 20 20 20 VAL VAL A . n 
A 1 21 LYS 21 21 21 LYS LYS A . n 
A 1 22 THR 22 22 22 THR THR A . n 
A 1 23 GLY 23 23 23 GLY GLY A . n 
A 1 24 ASP 24 24 24 ASP ASP A . n 
A 1 25 LEU 25 25 25 LEU LEU A . n 
A 1 26 ILE 26 26 26 ILE ILE A . n 
A 1 27 GLU 27 27 27 GLU GLU A . n 
A 1 28 VAL 28 28 28 VAL VAL A . n 
A 1 29 GLU 29 29 29 GLU GLU A . n 
A 1 30 GLN 30 30 30 GLN GLN A . n 
A 1 31 GLY 31 31 31 GLY GLY A . n 
A 1 32 LEU 32 32 32 LEU LEU A . n 
A 1 33 VAL 33 33 33 VAL VAL A . n 
A 1 34 VAL 34 34 34 VAL VAL A . n 
A 1 35 LEU 35 35 35 LEU LEU A . n 
A 1 36 GLU 36 36 36 GLU GLU A . n 
A 1 37 SER 37 37 37 SER SER A . n 
A 1 38 ALA 38 38 38 ALA ALA A . n 
A 1 39 LYS 39 39 39 LYS LYS A . n 
A 1 40 ALA 40 40 40 ALA ALA A . n 
A 1 41 SER 41 41 41 SER SER A . n 
A 1 42 MET 42 42 42 MET MET A . n 
A 1 43 GLU 43 43 43 GLU GLU A . n 
A 1 44 VAL 44 44 44 VAL VAL A . n 
A 1 45 PRO 45 45 45 PRO PRO A . n 
A 1 46 SER 46 46 46 SER SER A . n 
A 1 47 PRO 47 47 47 PRO PRO A . n 
A 1 48 LYS 48 48 48 LYS LYS A . n 
A 1 49 ALA 49 49 49 ALA ALA A . n 
A 1 50 GLY 50 50 50 GLY GLY A . n 
A 1 51 VAL 51 51 51 VAL VAL A . n 
A 1 52 VAL 52 52 52 VAL VAL A . n 
A 1 53 LYS 53 53 53 LYS LYS A . n 
A 1 54 SER 54 54 54 SER SER A . n 
A 1 55 VAL 55 55 55 VAL VAL A . n 
A 1 56 SER 56 56 56 SER SER A . n 
A 1 57 VAL 57 57 57 VAL VAL A . n 
A 1 58 LYS 58 58 58 LYS LYS A . n 
A 1 59 LEU 59 59 59 LEU LEU A . n 
A 1 60 GLY 60 60 60 GLY GLY A . n 
A 1 61 ASP 61 61 61 ASP ASP A . n 
A 1 62 LYS 62 62 62 LYS LYS A . n 
A 1 63 LEU 63 63 63 LEU LEU A . n 
A 1 64 LYS 64 64 64 LYS LYS A . n 
A 1 65 GLU 65 65 65 GLU GLU A . n 
A 1 66 GLY 66 66 66 GLY GLY A . n 
A 1 67 ASP 67 67 67 ASP ASP A . n 
A 1 68 ALA 68 68 68 ALA ALA A . n 
A 1 69 ILE 69 69 69 ILE ILE A . n 
A 1 70 ILE 70 70 70 ILE ILE A . n 
A 1 71 GLU 71 71 71 GLU GLU A . n 
A 1 72 LEU 72 72 72 LEU LEU A . n 
A 1 73 GLU 73 73 73 GLU GLU A . n 
A 1 74 PRO 74 74 74 PRO PRO A . n 
A 1 75 ALA 75 75 75 ALA ALA A . n 
A 1 76 ALA 76 76 76 ALA ALA A . n 
A 1 77 GLY 77 77 77 GLY GLY A . n 
A 1 78 ALA 78 78 78 ALA ALA A . n 
A 1 79 ARG 79 79 79 ARG ARG A . n 
# 
loop_
_software.name 
_software.classification 
_software.version 
_software.citation_id 
_software.pdbx_ordinal 
X-PLOR 'model building' 3.1 ? 1 
X-PLOR refinement       3.1 ? 2 
X-PLOR phasing          3.1 ? 3 
# 
_cell.entry_id           1IYU 
_cell.length_a           1.000 
_cell.length_b           1.000 
_cell.length_c           1.000 
_cell.angle_alpha        90.00 
_cell.angle_beta         90.00 
_cell.angle_gamma        90.00 
_cell.Z_PDB              1 
_cell.pdbx_unique_axis   ? 
# 
_symmetry.entry_id                         1IYU 
_symmetry.space_group_name_H-M             'P 1' 
_symmetry.pdbx_full_space_group_name_H-M   ? 
_symmetry.cell_setting                     ? 
_symmetry.Int_Tables_number                1 
# 
_exptl.entry_id          1IYU 
_exptl.method            'SOLUTION NMR' 
_exptl.crystals_number   ? 
# 
_struct.entry_id                  1IYU 
_struct.title                     'LIPOYL DOMAIN OF PYRUVATE DEHYDROGENASE COMPLEX, NMR, MINIMIZED AVERAGE STRUCTURE' 
_struct.pdbx_model_details        ? 
_struct.pdbx_CASP_flag            ? 
_struct.pdbx_model_type_details   ? 
# 
_struct_keywords.entry_id        1IYU 
_struct_keywords.pdbx_keywords   ACYLTRANSFERASE 
_struct_keywords.text            'GLYCOLYSIS, TRANSFERASE, ACYLTRANSFERASE, LIPOYL' 
# 
_struct_asym.id                            A 
_struct_asym.pdbx_blank_PDB_chainid_flag   Y 
_struct_asym.pdbx_modified                 N 
_struct_asym.entity_id                     1 
_struct_asym.details                       ? 
# 
_struct_ref.id                         1 
_struct_ref.db_name                    UNP 
_struct_ref.db_code                    ODP2_AZOVI 
_struct_ref.entity_id                  1 
_struct_ref.pdbx_db_accession          P10802 
_struct_ref.pdbx_align_begin           1 
_struct_ref.pdbx_seq_one_letter_code   
;SEIIRVPDIGGDGEVIELLVKTGDLIEVEQGLVVLESAKASMEVPSPKAGVVKSVSVKLGDKLKEGDAIIELEPAAGAAA
APAEAAAVPAAPTQAVDEAEAPSPGASATPAPAAASQEVRVPDIGSAGKARVIEVLVKAGDQVQAEQSLIVLESDKASME
IPSPASGVVESVAIQLNAEVGTGDLILTLRTTGAQAQPTAPAAAAAASPAPAPLAPAAAGPQEVKVPDIGSAGKARVIEV
LVKAGDQVQAEQSLIVLESDKASMEIPSPAAGVVESVAVQLNAEVGTGDQILTLRVAGAAPSGPRARGSPGQAAAAPGAA
PAPAPVGAPSRNGAKVHAGPAVRQLAREFGVELAAINSTGPRGRILKEDVQAYVKAMMQKAKEAPAAGAASGAGIPPIPP
VDFAKYGEIEEVPMTRLMQIGATNLHRSWLNVPHVTQFESADITELEAFRVAQKAVAEKAGVKLTVLPLLLKACAYLLKE
LPDFNSSLAPSGQALIRKKYVHIGFAVDTPDGLLVPVIRNVDQKSLLQLAAEAAELAEKARSKKLGADAMQGACFTISSL
GHIGGTAFTPIVNAPEVAILGVSKASMQPVWDGKAFQPRLMLPLSLSYDHRVINGAAAARFTKRLGDLLADIRAILL
;
_struct_ref.pdbx_db_isoform            ? 
# 
_struct_ref_seq.align_id                      1 
_struct_ref_seq.ref_id                        1 
_struct_ref_seq.pdbx_PDB_id_code              1IYU 
_struct_ref_seq.pdbx_strand_id                A 
_struct_ref_seq.seq_align_beg                 1 
_struct_ref_seq.pdbx_seq_align_beg_ins_code   ? 
_struct_ref_seq.seq_align_end                 78 
_struct_ref_seq.pdbx_seq_align_end_ins_code   ? 
_struct_ref_seq.pdbx_db_accession             P10802 
_struct_ref_seq.db_align_beg                  1 
_struct_ref_seq.pdbx_db_align_beg_ins_code    ? 
_struct_ref_seq.db_align_end                  78 
_struct_ref_seq.pdbx_db_align_end_ins_code    ? 
_struct_ref_seq.pdbx_auth_seq_align_beg       1 
_struct_ref_seq.pdbx_auth_seq_align_end       78 
# 
_pdbx_struct_assembly.id                   1 
_pdbx_struct_assembly.details              author_defined_assembly 
_pdbx_struct_assembly.method_details       ? 
_pdbx_struct_assembly.oligomeric_details   monomeric 
_pdbx_struct_assembly.oligomeric_count     1 
# 
_pdbx_struct_assembly_gen.assembly_id       1 
_pdbx_struct_assembly_gen.oper_expression   1 
_pdbx_struct_assembly_gen.asym_id_list      A 
# 
_pdbx_struct_oper_list.id                   1 
_pdbx_struct_oper_list.type                 'identity operation' 
_pdbx_struct_oper_list.name                 1_555 
_pdbx_struct_oper_list.symmetry_operation   x,y,z 
_pdbx_struct_oper_list.matrix[1][1]         1.0000000000 
_pdbx_struct_oper_list.matrix[1][2]         0.0000000000 
_pdbx_struct_oper_list.matrix[1][3]         0.0000000000 
_pdbx_struct_oper_list.vector[1]            0.0000000000 
_pdbx_struct_oper_list.matrix[2][1]         0.0000000000 
_pdbx_struct_oper_list.matrix[2][2]         1.0000000000 
_pdbx_struct_oper_list.matrix[2][3]         0.0000000000 
_pdbx_struct_oper_list.vector[2]            0.0000000000 
_pdbx_struct_oper_list.matrix[3][1]         0.0000000000 
_pdbx_struct_oper_list.matrix[3][2]         0.0000000000 
_pdbx_struct_oper_list.matrix[3][3]         1.0000000000 
_pdbx_struct_oper_list.vector[3]            0.0000000000 
# 
_struct_biol.id   1 
# 
loop_
_struct_sheet.id 
_struct_sheet.type 
_struct_sheet.number_strands 
_struct_sheet.details 
A ? 4 ? 
B ? 3 ? 
# 
loop_
_struct_sheet_order.sheet_id 
_struct_sheet_order.range_id_1 
_struct_sheet_order.range_id_2 
_struct_sheet_order.offset 
_struct_sheet_order.sense 
A 1 2 ? anti-parallel 
A 2 3 ? anti-parallel 
A 3 4 ? anti-parallel 
B 1 2 ? anti-parallel 
B 2 3 ? anti-parallel 
# 
loop_
_struct_sheet_range.sheet_id 
_struct_sheet_range.id 
_struct_sheet_range.beg_label_comp_id 
_struct_sheet_range.beg_label_asym_id 
_struct_sheet_range.beg_label_seq_id 
_struct_sheet_range.pdbx_beg_PDB_ins_code 
_struct_sheet_range.end_label_comp_id 
_struct_sheet_range.end_label_asym_id 
_struct_sheet_range.end_label_seq_id 
_struct_sheet_range.pdbx_end_PDB_ins_code 
_struct_sheet_range.beg_auth_comp_id 
_struct_sheet_range.beg_auth_asym_id 
_struct_sheet_range.beg_auth_seq_id 
_struct_sheet_range.end_auth_comp_id 
_struct_sheet_range.end_auth_asym_id 
_struct_sheet_range.end_auth_seq_id 
A 1 LYS A 62 ? LYS A 64 ? LYS A 62 LYS A 64 
A 2 ASP A 12 ? LEU A 18 ? ASP A 12 LEU A 18 
A 3 GLY A 31 ? GLU A 36 ? GLY A 31 GLU A 36 
A 4 SER A 41 ? PRO A 45 ? SER A 41 PRO A 45 
B 1 GLU A 2  ? ARG A 5  ? GLU A 2  ARG A 5  
B 2 ALA A 68 ? GLU A 73 ? ALA A 68 GLU A 73 
B 3 VAL A 51 ? VAL A 55 ? VAL A 51 VAL A 55 
# 
loop_
_pdbx_struct_sheet_hbond.sheet_id 
_pdbx_struct_sheet_hbond.range_id_1 
_pdbx_struct_sheet_hbond.range_id_2 
_pdbx_struct_sheet_hbond.range_1_label_atom_id 
_pdbx_struct_sheet_hbond.range_1_label_comp_id 
_pdbx_struct_sheet_hbond.range_1_label_asym_id 
_pdbx_struct_sheet_hbond.range_1_label_seq_id 
_pdbx_struct_sheet_hbond.range_1_PDB_ins_code 
_pdbx_struct_sheet_hbond.range_1_auth_atom_id 
_pdbx_struct_sheet_hbond.range_1_auth_comp_id 
_pdbx_struct_sheet_hbond.range_1_auth_asym_id 
_pdbx_struct_sheet_hbond.range_1_auth_seq_id 
_pdbx_struct_sheet_hbond.range_2_label_atom_id 
_pdbx_struct_sheet_hbond.range_2_label_comp_id 
_pdbx_struct_sheet_hbond.range_2_label_asym_id 
_pdbx_struct_sheet_hbond.range_2_label_seq_id 
_pdbx_struct_sheet_hbond.range_2_PDB_ins_code 
_pdbx_struct_sheet_hbond.range_2_auth_atom_id 
_pdbx_struct_sheet_hbond.range_2_auth_comp_id 
_pdbx_struct_sheet_hbond.range_2_auth_asym_id 
_pdbx_struct_sheet_hbond.range_2_auth_seq_id 
A 1 2 O LEU A 63 ? O LEU A 63 N GLY A 13 ? N GLY A 13 
A 2 3 O GLU A 14 ? O GLU A 14 N GLU A 36 ? N GLU A 36 
A 3 4 O LEU A 32 ? O LEU A 32 N VAL A 44 ? N VAL A 44 
B 1 2 O GLU A 2  ? O GLU A 2  N LEU A 72 ? N LEU A 72 
B 2 3 O GLU A 71 ? O GLU A 71 N SER A 54 ? N SER A 54 
# 
_struct_site.id                   LIP 
_struct_site.pdbx_evidence_code   Unknown 
_struct_site.pdbx_auth_asym_id    ? 
_struct_site.pdbx_auth_comp_id    ? 
_struct_site.pdbx_auth_seq_id     ? 
_struct_site.pdbx_auth_ins_code   ? 
_struct_site.pdbx_num_residues    1 
_struct_site.details              
;LYS 39 IS THE LIPOYLATION SITE WHERE LIPOIC ACID (6,8 THIOCTIC ACID) IS COVALENTLY ATTACHED VIA AN AMIDE LINKAGE TO THE LYSINE SIDE CHAIN.
;
# 
_struct_site_gen.id                   1 
_struct_site_gen.site_id              LIP 
_struct_site_gen.pdbx_num_res         1 
_struct_site_gen.label_comp_id        LYS 
_struct_site_gen.label_asym_id        A 
_struct_site_gen.label_seq_id         39 
_struct_site_gen.pdbx_auth_ins_code   ? 
_struct_site_gen.auth_comp_id         LYS 
_struct_site_gen.auth_asym_id         A 
_struct_site_gen.auth_seq_id          39 
_struct_site_gen.label_atom_id        . 
_struct_site_gen.label_alt_id         ? 
_struct_site_gen.symmetry             1_555 
_struct_site_gen.details              ? 
# 
loop_
_pdbx_validate_torsion.id 
_pdbx_validate_torsion.PDB_model_num 
_pdbx_validate_torsion.auth_comp_id 
_pdbx_validate_torsion.auth_asym_id 
_pdbx_validate_torsion.auth_seq_id 
_pdbx_validate_torsion.PDB_ins_code 
_pdbx_validate_torsion.label_alt_id 
_pdbx_validate_torsion.phi 
_pdbx_validate_torsion.psi 
1 1 GLU A 29 ? ? 161.53  -48.23  
2 1 LYS A 39 ? ? -150.15 20.55   
3 1 ALA A 40 ? ? 163.85  137.65  
4 1 PRO A 45 ? ? -77.82  -168.32 
5 1 ALA A 75 ? ? -45.96  98.24   
6 1 ALA A 78 ? ? 47.49   -93.10  
# 
loop_
_pdbx_validate_planes.id 
_pdbx_validate_planes.PDB_model_num 
_pdbx_validate_planes.auth_comp_id 
_pdbx_validate_planes.auth_asym_id 
_pdbx_validate_planes.auth_seq_id 
_pdbx_validate_planes.PDB_ins_code 
_pdbx_validate_planes.label_alt_id 
_pdbx_validate_planes.rmsd 
_pdbx_validate_planes.type 
1 1 ARG A 5  ? ? 0.186 'SIDE CHAIN' 
2 1 ARG A 79 ? ? 0.317 'SIDE CHAIN' 
# 
_pdbx_nmr_ensemble.entry_id                             1IYU 
_pdbx_nmr_ensemble.conformers_calculated_total_number   ? 
_pdbx_nmr_ensemble.conformers_submitted_total_number    1 
_pdbx_nmr_ensemble.conformer_selection_criteria         ? 
# 
_pdbx_nmr_software.classification   refinement 
_pdbx_nmr_software.name             X-PLOR 
_pdbx_nmr_software.version          3.1 
_pdbx_nmr_software.authors          BRUNGER 
_pdbx_nmr_software.ordinal          1 
# 
loop_
_chem_comp_atom.comp_id 
_chem_comp_atom.atom_id 
_chem_comp_atom.type_symbol 
_chem_comp_atom.pdbx_aromatic_flag 
_chem_comp_atom.pdbx_stereo_config 
_chem_comp_atom.pdbx_ordinal 
ALA N    N N N 1   
ALA CA   C N S 2   
ALA C    C N N 3   
ALA O    O N N 4   
ALA CB   C N N 5   
ALA OXT  O N N 6   
ALA H    H N N 7   
ALA H2   H N N 8   
ALA HA   H N N 9   
ALA HB1  H N N 10  
ALA HB2  H N N 11  
ALA HB3  H N N 12  
ALA HXT  H N N 13  
ARG N    N N N 14  
ARG CA   C N S 15  
ARG C    C N N 16  
ARG O    O N N 17  
ARG CB   C N N 18  
ARG CG   C N N 19  
ARG CD   C N N 20  
ARG NE   N N N 21  
ARG CZ   C N N 22  
ARG NH1  N N N 23  
ARG NH2  N N N 24  
ARG OXT  O N N 25  
ARG H    H N N 26  
ARG H2   H N N 27  
ARG HA   H N N 28  
ARG HB2  H N N 29  
ARG HB3  H N N 30  
ARG HG2  H N N 31  
ARG HG3  H N N 32  
ARG HD2  H N N 33  
ARG HD3  H N N 34  
ARG HE   H N N 35  
ARG HH11 H N N 36  
ARG HH12 H N N 37  
ARG HH21 H N N 38  
ARG HH22 H N N 39  
ARG HXT  H N N 40  
ASP N    N N N 41  
ASP CA   C N S 42  
ASP C    C N N 43  
ASP O    O N N 44  
ASP CB   C N N 45  
ASP CG   C N N 46  
ASP OD1  O N N 47  
ASP OD2  O N N 48  
ASP OXT  O N N 49  
ASP H    H N N 50  
ASP H2   H N N 51  
ASP HA   H N N 52  
ASP HB2  H N N 53  
ASP HB3  H N N 54  
ASP HD2  H N N 55  
ASP HXT  H N N 56  
GLN N    N N N 57  
GLN CA   C N S 58  
GLN C    C N N 59  
GLN O    O N N 60  
GLN CB   C N N 61  
GLN CG   C N N 62  
GLN CD   C N N 63  
GLN OE1  O N N 64  
GLN NE2  N N N 65  
GLN OXT  O N N 66  
GLN H    H N N 67  
GLN H2   H N N 68  
GLN HA   H N N 69  
GLN HB2  H N N 70  
GLN HB3  H N N 71  
GLN HG2  H N N 72  
GLN HG3  H N N 73  
GLN HE21 H N N 74  
GLN HE22 H N N 75  
GLN HXT  H N N 76  
GLU N    N N N 77  
GLU CA   C N S 78  
GLU C    C N N 79  
GLU O    O N N 80  
GLU CB   C N N 81  
GLU CG   C N N 82  
GLU CD   C N N 83  
GLU OE1  O N N 84  
GLU OE2  O N N 85  
GLU OXT  O N N 86  
GLU H    H N N 87  
GLU H2   H N N 88  
GLU HA   H N N 89  
GLU HB2  H N N 90  
GLU HB3  H N N 91  
GLU HG2  H N N 92  
GLU HG3  H N N 93  
GLU HE2  H N N 94  
GLU HXT  H N N 95  
GLY N    N N N 96  
GLY CA   C N N 97  
GLY C    C N N 98  
GLY O    O N N 99  
GLY OXT  O N N 100 
GLY H    H N N 101 
GLY H2   H N N 102 
GLY HA2  H N N 103 
GLY HA3  H N N 104 
GLY HXT  H N N 105 
ILE N    N N N 106 
ILE CA   C N S 107 
ILE C    C N N 108 
ILE O    O N N 109 
ILE CB   C N S 110 
ILE CG1  C N N 111 
ILE CG2  C N N 112 
ILE CD1  C N N 113 
ILE OXT  O N N 114 
ILE H    H N N 115 
ILE H2   H N N 116 
ILE HA   H N N 117 
ILE HB   H N N 118 
ILE HG12 H N N 119 
ILE HG13 H N N 120 
ILE HG21 H N N 121 
ILE HG22 H N N 122 
ILE HG23 H N N 123 
ILE HD11 H N N 124 
ILE HD12 H N N 125 
ILE HD13 H N N 126 
ILE HXT  H N N 127 
LEU N    N N N 128 
LEU CA   C N S 129 
LEU C    C N N 130 
LEU O    O N N 131 
LEU CB   C N N 132 
LEU CG   C N N 133 
LEU CD1  C N N 134 
LEU CD2  C N N 135 
LEU OXT  O N N 136 
LEU H    H N N 137 
LEU H2   H N N 138 
LEU HA   H N N 139 
LEU HB2  H N N 140 
LEU HB3  H N N 141 
LEU HG   H N N 142 
LEU HD11 H N N 143 
LEU HD12 H N N 144 
LEU HD13 H N N 145 
LEU HD21 H N N 146 
LEU HD22 H N N 147 
LEU HD23 H N N 148 
LEU HXT  H N N 149 
LYS N    N N N 150 
LYS CA   C N S 151 
LYS C    C N N 152 
LYS O    O N N 153 
LYS CB   C N N 154 
LYS CG   C N N 155 
LYS CD   C N N 156 
LYS CE   C N N 157 
LYS NZ   N N N 158 
LYS OXT  O N N 159 
LYS H    H N N 160 
LYS H2   H N N 161 
LYS HA   H N N 162 
LYS HB2  H N N 163 
LYS HB3  H N N 164 
LYS HG2  H N N 165 
LYS HG3  H N N 166 
LYS HD2  H N N 167 
LYS HD3  H N N 168 
LYS HE2  H N N 169 
LYS HE3  H N N 170 
LYS HZ1  H N N 171 
LYS HZ2  H N N 172 
LYS HZ3  H N N 173 
LYS HXT  H N N 174 
MET N    N N N 175 
MET CA   C N S 176 
MET C    C N N 177 
MET O    O N N 178 
MET CB   C N N 179 
MET CG   C N N 180 
MET SD   S N N 181 
MET CE   C N N 182 
MET OXT  O N N 183 
MET H    H N N 184 
MET H2   H N N 185 
MET HA   H N N 186 
MET HB2  H N N 187 
MET HB3  H N N 188 
MET HG2  H N N 189 
MET HG3  H N N 190 
MET HE1  H N N 191 
MET HE2  H N N 192 
MET HE3  H N N 193 
MET HXT  H N N 194 
PRO N    N N N 195 
PRO CA   C N S 196 
PRO C    C N N 197 
PRO O    O N N 198 
PRO CB   C N N 199 
PRO CG   C N N 200 
PRO CD   C N N 201 
PRO OXT  O N N 202 
PRO H    H N N 203 
PRO HA   H N N 204 
PRO HB2  H N N 205 
PRO HB3  H N N 206 
PRO HG2  H N N 207 
PRO HG3  H N N 208 
PRO HD2  H N N 209 
PRO HD3  H N N 210 
PRO HXT  H N N 211 
SER N    N N N 212 
SER CA   C N S 213 
SER C    C N N 214 
SER O    O N N 215 
SER CB   C N N 216 
SER OG   O N N 217 
SER OXT  O N N 218 
SER H    H N N 219 
SER H2   H N N 220 
SER HA   H N N 221 
SER HB2  H N N 222 
SER HB3  H N N 223 
SER HG   H N N 224 
SER HXT  H N N 225 
THR N    N N N 226 
THR CA   C N S 227 
THR C    C N N 228 
THR O    O N N 229 
THR CB   C N R 230 
THR OG1  O N N 231 
THR CG2  C N N 232 
THR OXT  O N N 233 
THR H    H N N 234 
THR H2   H N N 235 
THR HA   H N N 236 
THR HB   H N N 237 
THR HG1  H N N 238 
THR HG21 H N N 239 
THR HG22 H N N 240 
THR HG23 H N N 241 
THR HXT  H N N 242 
VAL N    N N N 243 
VAL CA   C N S 244 
VAL C    C N N 245 
VAL O    O N N 246 
VAL CB   C N N 247 
VAL CG1  C N N 248 
VAL CG2  C N N 249 
VAL OXT  O N N 250 
VAL H    H N N 251 
VAL H2   H N N 252 
VAL HA   H N N 253 
VAL HB   H N N 254 
VAL HG11 H N N 255 
VAL HG12 H N N 256 
VAL HG13 H N N 257 
VAL HG21 H N N 258 
VAL HG22 H N N 259 
VAL HG23 H N N 260 
VAL HXT  H N N 261 
# 
loop_
_chem_comp_bond.comp_id 
_chem_comp_bond.atom_id_1 
_chem_comp_bond.atom_id_2 
_chem_comp_bond.value_order 
_chem_comp_bond.pdbx_aromatic_flag 
_chem_comp_bond.pdbx_stereo_config 
_chem_comp_bond.pdbx_ordinal 
ALA N   CA   sing N N 1   
ALA N   H    sing N N 2   
ALA N   H2   sing N N 3   
ALA CA  C    sing N N 4   
ALA CA  CB   sing N N 5   
ALA CA  HA   sing N N 6   
ALA C   O    doub N N 7   
ALA C   OXT  sing N N 8   
ALA CB  HB1  sing N N 9   
ALA CB  HB2  sing N N 10  
ALA CB  HB3  sing N N 11  
ALA OXT HXT  sing N N 12  
ARG N   CA   sing N N 13  
ARG N   H    sing N N 14  
ARG N   H2   sing N N 15  
ARG CA  C    sing N N 16  
ARG CA  CB   sing N N 17  
ARG CA  HA   sing N N 18  
ARG C   O    doub N N 19  
ARG C   OXT  sing N N 20  
ARG CB  CG   sing N N 21  
ARG CB  HB2  sing N N 22  
ARG CB  HB3  sing N N 23  
ARG CG  CD   sing N N 24  
ARG CG  HG2  sing N N 25  
ARG CG  HG3  sing N N 26  
ARG CD  NE   sing N N 27  
ARG CD  HD2  sing N N 28  
ARG CD  HD3  sing N N 29  
ARG NE  CZ   sing N N 30  
ARG NE  HE   sing N N 31  
ARG CZ  NH1  sing N N 32  
ARG CZ  NH2  doub N N 33  
ARG NH1 HH11 sing N N 34  
ARG NH1 HH12 sing N N 35  
ARG NH2 HH21 sing N N 36  
ARG NH2 HH22 sing N N 37  
ARG OXT HXT  sing N N 38  
ASP N   CA   sing N N 39  
ASP N   H    sing N N 40  
ASP N   H2   sing N N 41  
ASP CA  C    sing N N 42  
ASP CA  CB   sing N N 43  
ASP CA  HA   sing N N 44  
ASP C   O    doub N N 45  
ASP C   OXT  sing N N 46  
ASP CB  CG   sing N N 47  
ASP CB  HB2  sing N N 48  
ASP CB  HB3  sing N N 49  
ASP CG  OD1  doub N N 50  
ASP CG  OD2  sing N N 51  
ASP OD2 HD2  sing N N 52  
ASP OXT HXT  sing N N 53  
GLN N   CA   sing N N 54  
GLN N   H    sing N N 55  
GLN N   H2   sing N N 56  
GLN CA  C    sing N N 57  
GLN CA  CB   sing N N 58  
GLN CA  HA   sing N N 59  
GLN C   O    doub N N 60  
GLN C   OXT  sing N N 61  
GLN CB  CG   sing N N 62  
GLN CB  HB2  sing N N 63  
GLN CB  HB3  sing N N 64  
GLN CG  CD   sing N N 65  
GLN CG  HG2  sing N N 66  
GLN CG  HG3  sing N N 67  
GLN CD  OE1  doub N N 68  
GLN CD  NE2  sing N N 69  
GLN NE2 HE21 sing N N 70  
GLN NE2 HE22 sing N N 71  
GLN OXT HXT  sing N N 72  
GLU N   CA   sing N N 73  
GLU N   H    sing N N 74  
GLU N   H2   sing N N 75  
GLU CA  C    sing N N 76  
GLU CA  CB   sing N N 77  
GLU CA  HA   sing N N 78  
GLU C   O    doub N N 79  
GLU C   OXT  sing N N 80  
GLU CB  CG   sing N N 81  
GLU CB  HB2  sing N N 82  
GLU CB  HB3  sing N N 83  
GLU CG  CD   sing N N 84  
GLU CG  HG2  sing N N 85  
GLU CG  HG3  sing N N 86  
GLU CD  OE1  doub N N 87  
GLU CD  OE2  sing N N 88  
GLU OE2 HE2  sing N N 89  
GLU OXT HXT  sing N N 90  
GLY N   CA   sing N N 91  
GLY N   H    sing N N 92  
GLY N   H2   sing N N 93  
GLY CA  C    sing N N 94  
GLY CA  HA2  sing N N 95  
GLY CA  HA3  sing N N 96  
GLY C   O    doub N N 97  
GLY C   OXT  sing N N 98  
GLY OXT HXT  sing N N 99  
ILE N   CA   sing N N 100 
ILE N   H    sing N N 101 
ILE N   H2   sing N N 102 
ILE CA  C    sing N N 103 
ILE CA  CB   sing N N 104 
ILE CA  HA   sing N N 105 
ILE C   O    doub N N 106 
ILE C   OXT  sing N N 107 
ILE CB  CG1  sing N N 108 
ILE CB  CG2  sing N N 109 
ILE CB  HB   sing N N 110 
ILE CG1 CD1  sing N N 111 
ILE CG1 HG12 sing N N 112 
ILE CG1 HG13 sing N N 113 
ILE CG2 HG21 sing N N 114 
ILE CG2 HG22 sing N N 115 
ILE CG2 HG23 sing N N 116 
ILE CD1 HD11 sing N N 117 
ILE CD1 HD12 sing N N 118 
ILE CD1 HD13 sing N N 119 
ILE OXT HXT  sing N N 120 
LEU N   CA   sing N N 121 
LEU N   H    sing N N 122 
LEU N   H2   sing N N 123 
LEU CA  C    sing N N 124 
LEU CA  CB   sing N N 125 
LEU CA  HA   sing N N 126 
LEU C   O    doub N N 127 
LEU C   OXT  sing N N 128 
LEU CB  CG   sing N N 129 
LEU CB  HB2  sing N N 130 
LEU CB  HB3  sing N N 131 
LEU CG  CD1  sing N N 132 
LEU CG  CD2  sing N N 133 
LEU CG  HG   sing N N 134 
LEU CD1 HD11 sing N N 135 
LEU CD1 HD12 sing N N 136 
LEU CD1 HD13 sing N N 137 
LEU CD2 HD21 sing N N 138 
LEU CD2 HD22 sing N N 139 
LEU CD2 HD23 sing N N 140 
LEU OXT HXT  sing N N 141 
LYS N   CA   sing N N 142 
LYS N   H    sing N N 143 
LYS N   H2   sing N N 144 
LYS CA  C    sing N N 145 
LYS CA  CB   sing N N 146 
LYS CA  HA   sing N N 147 
LYS C   O    doub N N 148 
LYS C   OXT  sing N N 149 
LYS CB  CG   sing N N 150 
LYS CB  HB2  sing N N 151 
LYS CB  HB3  sing N N 152 
LYS CG  CD   sing N N 153 
LYS CG  HG2  sing N N 154 
LYS CG  HG3  sing N N 155 
LYS CD  CE   sing N N 156 
LYS CD  HD2  sing N N 157 
LYS CD  HD3  sing N N 158 
LYS CE  NZ   sing N N 159 
LYS CE  HE2  sing N N 160 
LYS CE  HE3  sing N N 161 
LYS NZ  HZ1  sing N N 162 
LYS NZ  HZ2  sing N N 163 
LYS NZ  HZ3  sing N N 164 
LYS OXT HXT  sing N N 165 
MET N   CA   sing N N 166 
MET N   H    sing N N 167 
MET N   H2   sing N N 168 
MET CA  C    sing N N 169 
MET CA  CB   sing N N 170 
MET CA  HA   sing N N 171 
MET C   O    doub N N 172 
MET C   OXT  sing N N 173 
MET CB  CG   sing N N 174 
MET CB  HB2  sing N N 175 
MET CB  HB3  sing N N 176 
MET CG  SD   sing N N 177 
MET CG  HG2  sing N N 178 
MET CG  HG3  sing N N 179 
MET SD  CE   sing N N 180 
MET CE  HE1  sing N N 181 
MET CE  HE2  sing N N 182 
MET CE  HE3  sing N N 183 
MET OXT HXT  sing N N 184 
PRO N   CA   sing N N 185 
PRO N   CD   sing N N 186 
PRO N   H    sing N N 187 
PRO CA  C    sing N N 188 
PRO CA  CB   sing N N 189 
PRO CA  HA   sing N N 190 
PRO C   O    doub N N 191 
PRO C   OXT  sing N N 192 
PRO CB  CG   sing N N 193 
PRO CB  HB2  sing N N 194 
PRO CB  HB3  sing N N 195 
PRO CG  CD   sing N N 196 
PRO CG  HG2  sing N N 197 
PRO CG  HG3  sing N N 198 
PRO CD  HD2  sing N N 199 
PRO CD  HD3  sing N N 200 
PRO OXT HXT  sing N N 201 
SER N   CA   sing N N 202 
SER N   H    sing N N 203 
SER N   H2   sing N N 204 
SER CA  C    sing N N 205 
SER CA  CB   sing N N 206 
SER CA  HA   sing N N 207 
SER C   O    doub N N 208 
SER C   OXT  sing N N 209 
SER CB  OG   sing N N 210 
SER CB  HB2  sing N N 211 
SER CB  HB3  sing N N 212 
SER OG  HG   sing N N 213 
SER OXT HXT  sing N N 214 
THR N   CA   sing N N 215 
THR N   H    sing N N 216 
THR N   H2   sing N N 217 
THR CA  C    sing N N 218 
THR CA  CB   sing N N 219 
THR CA  HA   sing N N 220 
THR C   O    doub N N 221 
THR C   OXT  sing N N 222 
THR CB  OG1  sing N N 223 
THR CB  CG2  sing N N 224 
THR CB  HB   sing N N 225 
THR OG1 HG1  sing N N 226 
THR CG2 HG21 sing N N 227 
THR CG2 HG22 sing N N 228 
THR CG2 HG23 sing N N 229 
THR OXT HXT  sing N N 230 
VAL N   CA   sing N N 231 
VAL N   H    sing N N 232 
VAL N   H2   sing N N 233 
VAL CA  C    sing N N 234 
VAL CA  CB   sing N N 235 
VAL CA  HA   sing N N 236 
VAL C   O    doub N N 237 
VAL C   OXT  sing N N 238 
VAL CB  CG1  sing N N 239 
VAL CB  CG2  sing N N 240 
VAL CB  HB   sing N N 241 
VAL CG1 HG11 sing N N 242 
VAL CG1 HG12 sing N N 243 
VAL CG1 HG13 sing N N 244 
VAL CG2 HG21 sing N N 245 
VAL CG2 HG22 sing N N 246 
VAL CG2 HG23 sing N N 247 
VAL OXT HXT  sing N N 248 
# 
_atom_sites.entry_id                    1IYU 
_atom_sites.fract_transf_matrix[1][1]   1.000000 
_atom_sites.fract_transf_matrix[1][2]   0.000000 
_atom_sites.fract_transf_matrix[1][3]   0.000000 
_atom_sites.fract_transf_matrix[2][1]   0.000000 
_atom_sites.fract_transf_matrix[2][2]   1.000000 
_atom_sites.fract_transf_matrix[2][3]   0.000000 
_atom_sites.fract_transf_matrix[3][1]   0.000000 
_atom_sites.fract_transf_matrix[3][2]   0.000000 
_atom_sites.fract_transf_matrix[3][3]   1.000000 
_atom_sites.fract_transf_vector[1]      0.00000 
_atom_sites.fract_transf_vector[2]      0.00000 
_atom_sites.fract_transf_vector[3]      0.00000 
# 
loop_
_atom_type.symbol 
C 
H 
N 
O 
S 
# 
loop_
_atom_site.group_PDB 
_atom_site.id 
_atom_site.type_symbol 
_atom_site.label_atom_id 
_atom_site.label_alt_id 
_atom_site.label_comp_id 
_atom_site.label_asym_id 
_atom_site.label_entity_id 
_atom_site.label_seq_id 
_atom_site.pdbx_PDB_ins_code 
_atom_site.Cartn_x 
_atom_site.Cartn_y 
_atom_site.Cartn_z 
_atom_site.occupancy 
_atom_site.B_iso_or_equiv 
_atom_site.pdbx_formal_charge 
_atom_site.auth_seq_id 
_atom_site.auth_comp_id 
_atom_site.auth_asym_id 
_atom_site.auth_atom_id 
_atom_site.pdbx_PDB_model_num 
ATOM 1    N N    . SER A 1 1  ? 11.605  4.076   9.192   1.00 1.86  ? 1  SER A N    1 
ATOM 2    C CA   . SER A 1 1  ? 10.401  3.687   8.404   1.00 1.49  ? 1  SER A CA   1 
ATOM 3    C C    . SER A 1 1  ? 10.756  2.529   7.470   1.00 1.47  ? 1  SER A C    1 
ATOM 4    O O    . SER A 1 1  ? 11.912  2.255   7.216   1.00 1.69  ? 1  SER A O    1 
ATOM 5    C CB   . SER A 1 1  ? 9.926   4.881   7.577   1.00 1.40  ? 1  SER A CB   1 
ATOM 6    O OG   . SER A 1 1  ? 10.924  5.219   6.623   1.00 1.64  ? 1  SER A OG   1 
ATOM 7    H H1   . SER A 1 1  ? 12.194  3.237   9.364   1.00 2.07  ? 1  SER A H1   1 
ATOM 8    H H2   . SER A 1 1  ? 12.153  4.783   8.660   1.00 2.27  ? 1  SER A H2   1 
ATOM 9    H H3   . SER A 1 1  ? 11.308  4.480   10.103  1.00 2.19  ? 1  SER A H3   1 
ATOM 10   H HA   . SER A 1 1  ? 9.615   3.379   9.077   1.00 1.48  ? 1  SER A HA   1 
ATOM 11   H HB2  . SER A 1 1  ? 9.015   4.626   7.062   1.00 1.28  ? 1  SER A HB2  1 
ATOM 12   H HB3  . SER A 1 1  ? 9.742   5.722   8.234   1.00 1.47  ? 1  SER A HB3  1 
ATOM 13   H HG   . SER A 1 1  ? 10.909  6.172   6.503   1.00 2.03  ? 1  SER A HG   1 
ATOM 14   N N    . GLU A 1 2  ? 9.769   1.845   6.957   1.00 1.35  ? 2  GLU A N    1 
ATOM 15   C CA   . GLU A 1 2  ? 10.052  0.705   6.039   1.00 1.38  ? 2  GLU A CA   1 
ATOM 16   C C    . GLU A 1 2  ? 9.217   0.857   4.767   1.00 1.21  ? 2  GLU A C    1 
ATOM 17   O O    . GLU A 1 2  ? 8.115   1.367   4.792   1.00 1.22  ? 2  GLU A O    1 
ATOM 18   C CB   . GLU A 1 2  ? 9.689   -0.609  6.734   1.00 1.53  ? 2  GLU A CB   1 
ATOM 19   C CG   . GLU A 1 2  ? 10.660  -0.863  7.889   1.00 1.90  ? 2  GLU A CG   1 
ATOM 20   C CD   . GLU A 1 2  ? 10.542  -2.318  8.346   1.00 2.19  ? 2  GLU A CD   1 
ATOM 21   O OE1  . GLU A 1 2  ? 9.942   -3.098  7.625   1.00 2.74  ? 2  GLU A OE1  1 
ATOM 22   O OE2  . GLU A 1 2  ? 11.052  -2.628  9.410   1.00 2.63  ? 2  GLU A OE2  1 
ATOM 23   H H    . GLU A 1 2  ? 8.844   2.082   7.175   1.00 1.38  ? 2  GLU A H    1 
ATOM 24   H HA   . GLU A 1 2  ? 11.100  0.699   5.785   1.00 1.46  ? 2  GLU A HA   1 
ATOM 25   H HB2  . GLU A 1 2  ? 8.680   -0.548  7.118   1.00 1.76  ? 2  GLU A HB2  1 
ATOM 26   H HB3  . GLU A 1 2  ? 9.756   -1.421  6.026   1.00 1.70  ? 2  GLU A HB3  1 
ATOM 27   H HG2  . GLU A 1 2  ? 11.670  -0.670  7.558   1.00 2.38  ? 2  GLU A HG2  1 
ATOM 28   H HG3  . GLU A 1 2  ? 10.419  -0.208  8.712   1.00 2.34  ? 2  GLU A HG3  1 
ATOM 29   N N    . ILE A 1 3  ? 9.734   0.416   3.652   1.00 1.16  ? 3  ILE A N    1 
ATOM 30   C CA   . ILE A 1 3  ? 8.969   0.536   2.378   1.00 1.01  ? 3  ILE A CA   1 
ATOM 31   C C    . ILE A 1 3  ? 8.102   -0.710  2.185   1.00 0.98  ? 3  ILE A C    1 
ATOM 32   O O    . ILE A 1 3  ? 8.511   -1.815  2.483   1.00 1.13  ? 3  ILE A O    1 
ATOM 33   C CB   . ILE A 1 3  ? 9.945   0.664   1.208   1.00 1.06  ? 3  ILE A CB   1 
ATOM 34   C CG1  . ILE A 1 3  ? 10.634  2.029   1.267   1.00 1.56  ? 3  ILE A CG1  1 
ATOM 35   C CG2  . ILE A 1 3  ? 9.180   0.537   -0.111  1.00 1.49  ? 3  ILE A CG2  1 
ATOM 36   C CD1  . ILE A 1 3  ? 12.120  1.866   0.942   1.00 2.24  ? 3  ILE A CD1  1 
ATOM 37   H H    . ILE A 1 3  ? 10.623  0.007   3.652   1.00 1.26  ? 3  ILE A H    1 
ATOM 38   H HA   . ILE A 1 3  ? 8.337   1.411   2.418   1.00 0.96  ? 3  ILE A HA   1 
ATOM 39   H HB   . ILE A 1 3  ? 10.686  -0.120  1.270   1.00 1.46  ? 3  ILE A HB   1 
ATOM 40   H HG12 . ILE A 1 3  ? 10.178  2.695   0.547   1.00 1.93  ? 3  ILE A HG12 1 
ATOM 41   H HG13 . ILE A 1 3  ? 10.528  2.444   2.258   1.00 2.10  ? 3  ILE A HG13 1 
ATOM 42   H HG21 . ILE A 1 3  ? 8.186   0.942   0.008   1.00 2.00  ? 3  ILE A HG21 1 
ATOM 43   H HG22 . ILE A 1 3  ? 9.701   1.085   -0.884  1.00 1.96  ? 3  ILE A HG22 1 
ATOM 44   H HG23 . ILE A 1 3  ? 9.114   -0.504  -0.390  1.00 1.94  ? 3  ILE A HG23 1 
ATOM 45   H HD11 . ILE A 1 3  ? 12.440  0.869   1.210   1.00 2.66  ? 3  ILE A HD11 1 
ATOM 46   H HD12 . ILE A 1 3  ? 12.276  2.022   -0.115  1.00 2.66  ? 3  ILE A HD12 1 
ATOM 47   H HD13 . ILE A 1 3  ? 12.693  2.590   1.501   1.00 2.69  ? 3  ILE A HD13 1 
ATOM 48   N N    . ILE A 1 4  ? 6.907   -0.542  1.690   1.00 0.87  ? 4  ILE A N    1 
ATOM 49   C CA   . ILE A 1 4  ? 6.015   -1.717  1.479   1.00 0.88  ? 4  ILE A CA   1 
ATOM 50   C C    . ILE A 1 4  ? 5.790   -1.925  -0.020  1.00 0.78  ? 4  ILE A C    1 
ATOM 51   O O    . ILE A 1 4  ? 5.043   -1.204  -0.652  1.00 0.78  ? 4  ILE A O    1 
ATOM 52   C CB   . ILE A 1 4  ? 4.671   -1.467  2.166   1.00 0.92  ? 4  ILE A CB   1 
ATOM 53   C CG1  . ILE A 1 4  ? 4.853   -1.548  3.683   1.00 1.07  ? 4  ILE A CG1  1 
ATOM 54   C CG2  . ILE A 1 4  ? 3.662   -2.526  1.717   1.00 1.02  ? 4  ILE A CG2  1 
ATOM 55   C CD1  . ILE A 1 4  ? 4.086   -0.406  4.352   1.00 1.76  ? 4  ILE A CD1  1 
ATOM 56   H H    . ILE A 1 4  ? 6.595   0.358   1.456   1.00 0.85  ? 4  ILE A H    1 
ATOM 57   H HA   . ILE A 1 4  ? 6.476   -2.598  1.899   1.00 0.98  ? 4  ILE A HA   1 
ATOM 58   H HB   . ILE A 1 4  ? 4.307   -0.486  1.896   1.00 0.85  ? 4  ILE A HB   1 
ATOM 59   H HG12 . ILE A 1 4  ? 4.474   -2.496  4.040   1.00 1.51  ? 4  ILE A HG12 1 
ATOM 60   H HG13 . ILE A 1 4  ? 5.901   -1.466  3.925   1.00 1.52  ? 4  ILE A HG13 1 
ATOM 61   H HG21 . ILE A 1 4  ? 4.143   -3.215  1.037   1.00 1.35  ? 4  ILE A HG21 1 
ATOM 62   H HG22 . ILE A 1 4  ? 3.301   -3.067  2.579   1.00 1.44  ? 4  ILE A HG22 1 
ATOM 63   H HG23 . ILE A 1 4  ? 2.834   -2.046  1.219   1.00 1.59  ? 4  ILE A HG23 1 
ATOM 64   H HD11 . ILE A 1 4  ? 3.040   -0.475  4.094   1.00 2.36  ? 4  ILE A HD11 1 
ATOM 65   H HD12 . ILE A 1 4  ? 4.198   -0.476  5.423   1.00 2.21  ? 4  ILE A HD12 1 
ATOM 66   H HD13 . ILE A 1 4  ? 4.480   0.540   4.010   1.00 2.25  ? 4  ILE A HD13 1 
ATOM 67   N N    . ARG A 1 5  ? 6.430   -2.906  -0.595  1.00 0.76  ? 5  ARG A N    1 
ATOM 68   C CA   . ARG A 1 5  ? 6.253   -3.159  -2.053  1.00 0.69  ? 5  ARG A CA   1 
ATOM 69   C C    . ARG A 1 5  ? 5.105   -4.149  -2.261  1.00 0.69  ? 5  ARG A C    1 
ATOM 70   O O    . ARG A 1 5  ? 4.489   -4.609  -1.319  1.00 0.78  ? 5  ARG A O    1 
ATOM 71   C CB   . ARG A 1 5  ? 7.543   -3.746  -2.630  1.00 0.73  ? 5  ARG A CB   1 
ATOM 72   C CG   . ARG A 1 5  ? 7.878   -5.052  -1.907  1.00 0.90  ? 5  ARG A CG   1 
ATOM 73   C CD   . ARG A 1 5  ? 9.384   -5.121  -1.648  1.00 1.31  ? 5  ARG A CD   1 
ATOM 74   N NE   . ARG A 1 5  ? 9.830   -6.542  -1.678  1.00 1.71  ? 5  ARG A NE   1 
ATOM 75   C CZ   . ARG A 1 5  ? 10.722  -6.965  -0.825  1.00 2.05  ? 5  ARG A CZ   1 
ATOM 76   N NH1  . ARG A 1 5  ? 11.705  -6.184  -0.469  1.00 2.49  ? 5  ARG A NH1  1 
ATOM 77   N NH2  . ARG A 1 5  ? 10.630  -8.168  -0.328  1.00 2.66  ? 5  ARG A NH2  1 
ATOM 78   H H    . ARG A 1 5  ? 7.028   -3.476  -0.068  1.00 0.82  ? 5  ARG A H    1 
ATOM 79   H HA   . ARG A 1 5  ? 6.024   -2.231  -2.554  1.00 0.68  ? 5  ARG A HA   1 
ATOM 80   H HB2  . ARG A 1 5  ? 7.409   -3.940  -3.684  1.00 0.77  ? 5  ARG A HB2  1 
ATOM 81   H HB3  . ARG A 1 5  ? 8.351   -3.043  -2.493  1.00 0.86  ? 5  ARG A HB3  1 
ATOM 82   H HG2  . ARG A 1 5  ? 7.348   -5.090  -0.966  1.00 1.19  ? 5  ARG A HG2  1 
ATOM 83   H HG3  . ARG A 1 5  ? 7.582   -5.890  -2.521  1.00 1.27  ? 5  ARG A HG3  1 
ATOM 84   H HD2  . ARG A 1 5  ? 9.907   -4.564  -2.411  1.00 1.97  ? 5  ARG A HD2  1 
ATOM 85   H HD3  . ARG A 1 5  ? 9.603   -4.696  -0.679  1.00 1.79  ? 5  ARG A HD3  1 
ATOM 86   H HE   . ARG A 1 5  ? 9.453   -7.160  -2.340  1.00 2.27  ? 5  ARG A HE   1 
ATOM 87   H HH11 . ARG A 1 5  ? 11.775  -5.263  -0.850  1.00 2.72  ? 5  ARG A HH11 1 
ATOM 88   H HH12 . ARG A 1 5  ? 12.389  -6.509  0.185   1.00 2.98  ? 5  ARG A HH12 1 
ATOM 89   H HH21 . ARG A 1 5  ? 9.877   -8.766  -0.601  1.00 3.01  ? 5  ARG A HH21 1 
ATOM 90   H HH22 . ARG A 1 5  ? 11.314  -8.492  0.326   1.00 3.09  ? 5  ARG A HH22 1 
ATOM 91   N N    . VAL A 1 6  ? 4.811   -4.480  -3.488  1.00 0.67  ? 6  VAL A N    1 
ATOM 92   C CA   . VAL A 1 6  ? 3.703   -5.439  -3.756  1.00 0.71  ? 6  VAL A CA   1 
ATOM 93   C C    . VAL A 1 6  ? 4.079   -6.818  -3.205  1.00 0.69  ? 6  VAL A C    1 
ATOM 94   O O    . VAL A 1 6  ? 5.210   -7.246  -3.326  1.00 0.72  ? 6  VAL A O    1 
ATOM 95   C CB   . VAL A 1 6  ? 3.470   -5.538  -5.265  1.00 0.76  ? 6  VAL A CB   1 
ATOM 96   C CG1  . VAL A 1 6  ? 2.508   -6.692  -5.561  1.00 0.86  ? 6  VAL A CG1  1 
ATOM 97   C CG2  . VAL A 1 6  ? 2.864   -4.228  -5.772  1.00 0.85  ? 6  VAL A CG2  1 
ATOM 98   H H    . VAL A 1 6  ? 5.319   -4.099  -4.235  1.00 0.71  ? 6  VAL A H    1 
ATOM 99   H HA   . VAL A 1 6  ? 2.802   -5.090  -3.274  1.00 0.80  ? 6  VAL A HA   1 
ATOM 100  H HB   . VAL A 1 6  ? 4.412   -5.719  -5.762  1.00 0.74  ? 6  VAL A HB   1 
ATOM 101  H HG11 . VAL A 1 6  ? 2.827   -7.572  -5.023  1.00 1.43  ? 6  VAL A HG11 1 
ATOM 102  H HG12 . VAL A 1 6  ? 1.512   -6.418  -5.248  1.00 1.14  ? 6  VAL A HG12 1 
ATOM 103  H HG13 . VAL A 1 6  ? 2.510   -6.897  -6.621  1.00 1.34  ? 6  VAL A HG13 1 
ATOM 104  H HG21 . VAL A 1 6  ? 2.039   -3.942  -5.136  1.00 1.36  ? 6  VAL A HG21 1 
ATOM 105  H HG22 . VAL A 1 6  ? 3.616   -3.454  -5.757  1.00 1.28  ? 6  VAL A HG22 1 
ATOM 106  H HG23 . VAL A 1 6  ? 2.508   -4.365  -6.783  1.00 1.34  ? 6  VAL A HG23 1 
ATOM 107  N N    . PRO A 1 7  ? 3.113   -7.472  -2.614  1.00 0.75  ? 7  PRO A N    1 
ATOM 108  C CA   . PRO A 1 7  ? 3.300   -8.810  -2.028  1.00 0.84  ? 7  PRO A CA   1 
ATOM 109  C C    . PRO A 1 7  ? 3.296   -9.879  -3.124  1.00 0.80  ? 7  PRO A C    1 
ATOM 110  O O    . PRO A 1 7  ? 3.327   -9.577  -4.300  1.00 0.73  ? 7  PRO A O    1 
ATOM 111  C CB   . PRO A 1 7  ? 2.089   -8.970  -1.105  1.00 1.03  ? 7  PRO A CB   1 
ATOM 112  C CG   . PRO A 1 7  ? 1.009   -7.994  -1.631  1.00 1.04  ? 7  PRO A CG   1 
ATOM 113  C CD   . PRO A 1 7  ? 1.744   -6.936  -2.476  1.00 0.86  ? 7  PRO A CD   1 
ATOM 114  H HA   . PRO A 1 7  ? 4.211   -8.854  -1.453  1.00 0.89  ? 7  PRO A HA   1 
ATOM 115  H HB2  . PRO A 1 7  ? 1.726   -9.988  -1.144  1.00 1.10  ? 7  PRO A HB2  1 
ATOM 116  H HB3  . PRO A 1 7  ? 2.354   -8.707  -0.093  1.00 1.15  ? 7  PRO A HB3  1 
ATOM 117  H HG2  . PRO A 1 7  ? 0.294   -8.530  -2.243  1.00 1.06  ? 7  PRO A HG2  1 
ATOM 118  H HG3  . PRO A 1 7  ? 0.506   -7.517  -0.805  1.00 1.20  ? 7  PRO A HG3  1 
ATOM 119  H HD2  . PRO A 1 7  ? 1.274   -6.834  -3.445  1.00 0.83  ? 7  PRO A HD2  1 
ATOM 120  H HD3  . PRO A 1 7  ? 1.766   -5.989  -1.961  1.00 0.94  ? 7  PRO A HD3  1 
ATOM 121  N N    . ASP A 1 8  ? 3.257   -11.128 -2.747  1.00 0.93  ? 8  ASP A N    1 
ATOM 122  C CA   . ASP A 1 8  ? 3.250   -12.215 -3.767  1.00 1.00  ? 8  ASP A CA   1 
ATOM 123  C C    . ASP A 1 8  ? 1.821   -12.433 -4.268  1.00 1.05  ? 8  ASP A C    1 
ATOM 124  O O    . ASP A 1 8  ? 0.977   -12.948 -3.563  1.00 1.16  ? 8  ASP A O    1 
ATOM 125  C CB   . ASP A 1 8  ? 3.773   -13.508 -3.138  1.00 1.17  ? 8  ASP A CB   1 
ATOM 126  C CG   . ASP A 1 8  ? 3.850   -14.601 -4.206  1.00 1.29  ? 8  ASP A CG   1 
ATOM 127  O OD1  . ASP A 1 8  ? 3.409   -14.349 -5.315  1.00 1.74  ? 8  ASP A OD1  1 
ATOM 128  O OD2  . ASP A 1 8  ? 4.347   -15.670 -3.896  1.00 1.71  ? 8  ASP A OD2  1 
ATOM 129  H H    . ASP A 1 8  ? 3.231   -11.350 -1.794  1.00 1.04  ? 8  ASP A H    1 
ATOM 130  H HA   . ASP A 1 8  ? 3.884   -11.935 -4.595  1.00 0.97  ? 8  ASP A HA   1 
ATOM 131  H HB2  . ASP A 1 8  ? 4.757   -13.336 -2.726  1.00 1.18  ? 8  ASP A HB2  1 
ATOM 132  H HB3  . ASP A 1 8  ? 3.103   -13.822 -2.352  1.00 1.22  ? 8  ASP A HB3  1 
ATOM 133  N N    . ILE A 1 9  ? 1.543   -12.042 -5.482  1.00 1.02  ? 9  ILE A N    1 
ATOM 134  C CA   . ILE A 1 9  ? 0.168   -12.226 -6.027  1.00 1.12  ? 9  ILE A CA   1 
ATOM 135  C C    . ILE A 1 9  ? 0.180   -13.345 -7.070  1.00 1.26  ? 9  ILE A C    1 
ATOM 136  O O    . ILE A 1 9  ? -0.796  -14.045 -7.255  1.00 1.51  ? 9  ILE A O    1 
ATOM 137  C CB   . ILE A 1 9  ? -0.309  -10.925 -6.680  1.00 1.06  ? 9  ILE A CB   1 
ATOM 138  C CG1  . ILE A 1 9  ? 0.809   -9.880  -6.634  1.00 1.15  ? 9  ILE A CG1  1 
ATOM 139  C CG2  . ILE A 1 9  ? -1.530  -10.395 -5.927  1.00 1.68  ? 9  ILE A CG2  1 
ATOM 140  C CD1  . ILE A 1 9  ? 0.324   -8.583  -7.284  1.00 1.06  ? 9  ILE A CD1  1 
ATOM 141  H H    . ILE A 1 9  ? 2.237   -11.628 -6.036  1.00 0.97  ? 9  ILE A H    1 
ATOM 142  H HA   . ILE A 1 9  ? -0.503  -12.493 -5.223  1.00 1.19  ? 9  ILE A HA   1 
ATOM 143  H HB   . ILE A 1 9  ? -0.579  -11.119 -7.709  1.00 1.07  ? 9  ILE A HB   1 
ATOM 144  H HG12 . ILE A 1 9  ? 1.079   -9.688  -5.605  1.00 1.58  ? 9  ILE A HG12 1 
ATOM 145  H HG13 . ILE A 1 9  ? 1.670   -10.249 -7.169  1.00 1.26  ? 9  ILE A HG13 1 
ATOM 146  H HG21 . ILE A 1 9  ? -1.571  -10.845 -4.946  1.00 2.09  ? 9  ILE A HG21 1 
ATOM 147  H HG22 . ILE A 1 9  ? -1.454  -9.322  -5.828  1.00 2.20  ? 9  ILE A HG22 1 
ATOM 148  H HG23 . ILE A 1 9  ? -2.427  -10.644 -6.474  1.00 2.05  ? 9  ILE A HG23 1 
ATOM 149  H HD11 . ILE A 1 9  ? -0.229  -8.816  -8.182  1.00 1.30  ? 9  ILE A HD11 1 
ATOM 150  H HD12 . ILE A 1 9  ? -0.317  -8.052  -6.595  1.00 1.56  ? 9  ILE A HD12 1 
ATOM 151  H HD13 . ILE A 1 9  ? 1.174   -7.966  -7.534  1.00 1.51  ? 9  ILE A HD13 1 
ATOM 152  N N    . GLY A 1 10 ? 1.277   -13.520 -7.754  1.00 1.20  ? 10 GLY A N    1 
ATOM 153  C CA   . GLY A 1 10 ? 1.350   -14.594 -8.785  1.00 1.38  ? 10 GLY A CA   1 
ATOM 154  C C    . GLY A 1 10 ? 1.071   -13.998 -10.166 1.00 1.20  ? 10 GLY A C    1 
ATOM 155  O O    . GLY A 1 10 ? 0.888   -14.709 -11.133 1.00 1.40  ? 10 GLY A O    1 
ATOM 156  H H    . GLY A 1 10 ? 2.054   -12.945 -7.590  1.00 1.13  ? 10 GLY A H    1 
ATOM 157  H HA2  . GLY A 1 10 ? 2.336   -15.035 -8.774  1.00 1.55  ? 10 GLY A HA2  1 
ATOM 158  H HA3  . GLY A 1 10 ? 0.613   -15.352 -8.568  1.00 1.56  ? 10 GLY A HA3  1 
ATOM 159  N N    . GLY A 1 11 ? 1.037   -12.697 -10.265 1.00 1.05  ? 11 GLY A N    1 
ATOM 160  C CA   . GLY A 1 11 ? 0.769   -12.057 -11.585 1.00 1.00  ? 11 GLY A CA   1 
ATOM 161  C C    . GLY A 1 11 ? 1.006   -10.550 -11.479 1.00 0.94  ? 11 GLY A C    1 
ATOM 162  O O    . GLY A 1 11 ? 1.795   -10.090 -10.677 1.00 1.35  ? 11 GLY A O    1 
ATOM 163  H H    . GLY A 1 11 ? 1.187   -12.141 -9.472  1.00 1.16  ? 11 GLY A H    1 
ATOM 164  H HA2  . GLY A 1 11 ? 1.431   -12.477 -12.328 1.00 1.15  ? 11 GLY A HA2  1 
ATOM 165  H HA3  . GLY A 1 11 ? -0.256  -12.238 -11.871 1.00 1.04  ? 11 GLY A HA3  1 
ATOM 166  N N    . ASP A 1 12 ? 0.330   -9.776  -12.283 1.00 0.85  ? 12 ASP A N    1 
ATOM 167  C CA   . ASP A 1 12 ? 0.518   -8.299  -12.229 1.00 0.75  ? 12 ASP A CA   1 
ATOM 168  C C    . ASP A 1 12 ? -0.526  -7.686  -11.293 1.00 0.74  ? 12 ASP A C    1 
ATOM 169  O O    . ASP A 1 12 ? -1.614  -8.202  -11.140 1.00 1.06  ? 12 ASP A O    1 
ATOM 170  C CB   . ASP A 1 12 ? 0.352   -7.712  -13.632 1.00 0.90  ? 12 ASP A CB   1 
ATOM 171  C CG   . ASP A 1 12 ? 1.681   -7.800  -14.384 1.00 1.51  ? 12 ASP A CG   1 
ATOM 172  O OD1  . ASP A 1 12 ? 2.475   -6.883  -14.255 1.00 2.20  ? 12 ASP A OD1  1 
ATOM 173  O OD2  . ASP A 1 12 ? 1.883   -8.785  -15.075 1.00 2.22  ? 12 ASP A OD2  1 
ATOM 174  H H    . ASP A 1 12 ? -0.301  -10.167 -12.923 1.00 1.16  ? 12 ASP A H    1 
ATOM 175  H HA   . ASP A 1 12 ? 1.508   -8.075  -11.859 1.00 0.72  ? 12 ASP A HA   1 
ATOM 176  H HB2  . ASP A 1 12 ? -0.404  -8.268  -14.167 1.00 1.38  ? 12 ASP A HB2  1 
ATOM 177  H HB3  . ASP A 1 12 ? 0.053   -6.677  -13.556 1.00 1.44  ? 12 ASP A HB3  1 
ATOM 178  N N    . GLY A 1 13 ? -0.201  -6.589  -10.665 1.00 0.68  ? 13 GLY A N    1 
ATOM 179  C CA   . GLY A 1 13 ? -1.175  -5.945  -9.739  1.00 0.76  ? 13 GLY A CA   1 
ATOM 180  C C    . GLY A 1 13 ? -1.528  -4.550  -10.257 1.00 0.66  ? 13 GLY A C    1 
ATOM 181  O O    . GLY A 1 13 ? -0.701  -3.660  -10.282 1.00 0.82  ? 13 GLY A O    1 
ATOM 182  H H    . GLY A 1 13 ? 0.683   -6.189  -10.802 1.00 0.85  ? 13 GLY A H    1 
ATOM 183  H HA2  . GLY A 1 13 ? -2.071  -6.547  -9.684  1.00 0.89  ? 13 GLY A HA2  1 
ATOM 184  H HA3  . GLY A 1 13 ? -0.737  -5.860  -8.756  1.00 0.88  ? 13 GLY A HA3  1 
ATOM 185  N N    . GLU A 1 14 ? -2.748  -4.351  -10.671 1.00 0.60  ? 14 GLU A N    1 
ATOM 186  C CA   . GLU A 1 14 ? -3.151  -3.013  -11.188 1.00 0.56  ? 14 GLU A CA   1 
ATOM 187  C C    . GLU A 1 14 ? -3.895  -2.247  -10.091 1.00 0.52  ? 14 GLU A C    1 
ATOM 188  O O    . GLU A 1 14 ? -4.839  -2.740  -9.506  1.00 0.56  ? 14 GLU A O    1 
ATOM 189  C CB   . GLU A 1 14 ? -4.070  -3.188  -12.399 1.00 0.67  ? 14 GLU A CB   1 
ATOM 190  C CG   . GLU A 1 14 ? -3.394  -2.605  -13.641 1.00 1.31  ? 14 GLU A CG   1 
ATOM 191  C CD   . GLU A 1 14 ? -4.381  -2.609  -14.810 1.00 1.90  ? 14 GLU A CD   1 
ATOM 192  O OE1  . GLU A 1 14 ? -5.261  -3.453  -14.813 1.00 2.30  ? 14 GLU A OE1  1 
ATOM 193  O OE2  . GLU A 1 14 ? -4.241  -1.765  -15.680 1.00 2.62  ? 14 GLU A OE2  1 
ATOM 194  H H    . GLU A 1 14 ? -3.400  -5.082  -10.644 1.00 0.73  ? 14 GLU A H    1 
ATOM 195  H HA   . GLU A 1 14 ? -2.271  -2.459  -11.480 1.00 0.58  ? 14 GLU A HA   1 
ATOM 196  H HB2  . GLU A 1 14 ? -4.263  -4.240  -12.554 1.00 1.10  ? 14 GLU A HB2  1 
ATOM 197  H HB3  . GLU A 1 14 ? -5.001  -2.672  -12.223 1.00 0.90  ? 14 GLU A HB3  1 
ATOM 198  H HG2  . GLU A 1 14 ? -3.079  -1.593  -13.437 1.00 1.69  ? 14 GLU A HG2  1 
ATOM 199  H HG3  . GLU A 1 14 ? -2.533  -3.205  -13.898 1.00 1.84  ? 14 GLU A HG3  1 
ATOM 200  N N    . VAL A 1 15 ? -3.476  -1.044  -9.807  1.00 0.53  ? 15 VAL A N    1 
ATOM 201  C CA   . VAL A 1 15 ? -4.160  -0.248  -8.749  1.00 0.52  ? 15 VAL A CA   1 
ATOM 202  C C    . VAL A 1 15 ? -5.545  0.175   -9.243  1.00 0.51  ? 15 VAL A C    1 
ATOM 203  O O    . VAL A 1 15 ? -5.697  0.681   -10.338 1.00 0.58  ? 15 VAL A O    1 
ATOM 204  C CB   . VAL A 1 15 ? -3.330  0.997   -8.432  1.00 0.58  ? 15 VAL A CB   1 
ATOM 205  C CG1  . VAL A 1 15 ? -3.971  1.756   -7.269  1.00 0.64  ? 15 VAL A CG1  1 
ATOM 206  C CG2  . VAL A 1 15 ? -1.910  0.578   -8.045  1.00 0.63  ? 15 VAL A CG2  1 
ATOM 207  H H    . VAL A 1 15 ? -2.713  -0.663  -10.290 1.00 0.60  ? 15 VAL A H    1 
ATOM 208  H HA   . VAL A 1 15 ? -4.264  -0.849  -7.858  1.00 0.53  ? 15 VAL A HA   1 
ATOM 209  H HB   . VAL A 1 15 ? -3.294  1.637   -9.302  1.00 0.61  ? 15 VAL A HB   1 
ATOM 210  H HG11 . VAL A 1 15 ? -4.115  1.084   -6.435  1.00 1.06  ? 15 VAL A HG11 1 
ATOM 211  H HG12 . VAL A 1 15 ? -3.324  2.567   -6.968  1.00 1.21  ? 15 VAL A HG12 1 
ATOM 212  H HG13 . VAL A 1 15 ? -4.925  2.153   -7.580  1.00 1.29  ? 15 VAL A HG13 1 
ATOM 213  H HG21 . VAL A 1 15 ? -1.554  -0.170  -8.738  1.00 1.20  ? 15 VAL A HG21 1 
ATOM 214  H HG22 . VAL A 1 15 ? -1.259  1.437   -8.077  1.00 1.14  ? 15 VAL A HG22 1 
ATOM 215  H HG23 . VAL A 1 15 ? -1.916  0.167   -7.045  1.00 1.19  ? 15 VAL A HG23 1 
ATOM 216  N N    . ILE A 1 16 ? -6.557  -0.029  -8.445  1.00 0.53  ? 16 ILE A N    1 
ATOM 217  C CA   . ILE A 1 16 ? -7.931  0.361   -8.870  1.00 0.57  ? 16 ILE A CA   1 
ATOM 218  C C    . ILE A 1 16 ? -8.323  1.674   -8.188  1.00 0.63  ? 16 ILE A C    1 
ATOM 219  O O    . ILE A 1 16 ? -8.727  2.622   -8.830  1.00 0.78  ? 16 ILE A O    1 
ATOM 220  C CB   . ILE A 1 16 ? -8.919  -0.736  -8.469  1.00 0.68  ? 16 ILE A CB   1 
ATOM 221  C CG1  . ILE A 1 16 ? -8.545  -2.041  -9.177  1.00 1.18  ? 16 ILE A CG1  1 
ATOM 222  C CG2  . ILE A 1 16 ? -10.335 -0.322  -8.878  1.00 1.17  ? 16 ILE A CG2  1 
ATOM 223  C CD1  . ILE A 1 16 ? -8.905  -1.940  -10.661 1.00 1.82  ? 16 ILE A CD1  1 
ATOM 224  H H    . ILE A 1 16 ? -6.414  -0.438  -7.566  1.00 0.59  ? 16 ILE A H    1 
ATOM 225  H HA   . ILE A 1 16 ? -7.954  0.492   -9.942  1.00 0.62  ? 16 ILE A HA   1 
ATOM 226  H HB   . ILE A 1 16 ? -8.881  -0.880  -7.400  1.00 1.07  ? 16 ILE A HB   1 
ATOM 227  H HG12 . ILE A 1 16 ? -7.483  -2.214  -9.074  1.00 1.66  ? 16 ILE A HG12 1 
ATOM 228  H HG13 . ILE A 1 16 ? -9.088  -2.860  -8.732  1.00 1.80  ? 16 ILE A HG13 1 
ATOM 229  H HG21 . ILE A 1 16 ? -10.359 -0.121  -9.939  1.00 1.73  ? 16 ILE A HG21 1 
ATOM 230  H HG22 . ILE A 1 16 ? -11.024 -1.122  -8.648  1.00 1.64  ? 16 ILE A HG22 1 
ATOM 231  H HG23 . ILE A 1 16 ? -10.621 0.566   -8.336  1.00 1.71  ? 16 ILE A HG23 1 
ATOM 232  H HD11 . ILE A 1 16 ? -8.715  -0.936  -11.011 1.00 2.25  ? 16 ILE A HD11 1 
ATOM 233  H HD12 . ILE A 1 16 ? -8.303  -2.638  -11.225 1.00 2.37  ? 16 ILE A HD12 1 
ATOM 234  H HD13 . ILE A 1 16 ? -9.950  -2.177  -10.794 1.00 2.27  ? 16 ILE A HD13 1 
ATOM 235  N N    . GLU A 1 17 ? -8.206  1.736   -6.890  1.00 0.64  ? 17 GLU A N    1 
ATOM 236  C CA   . GLU A 1 17 ? -8.572  2.988   -6.168  1.00 0.80  ? 17 GLU A CA   1 
ATOM 237  C C    . GLU A 1 17 ? -7.644  3.173   -4.965  1.00 0.70  ? 17 GLU A C    1 
ATOM 238  O O    . GLU A 1 17 ? -6.970  2.255   -4.542  1.00 0.73  ? 17 GLU A O    1 
ATOM 239  C CB   . GLU A 1 17 ? -10.021 2.893   -5.684  1.00 1.02  ? 17 GLU A CB   1 
ATOM 240  C CG   . GLU A 1 17 ? -10.671 4.276   -5.744  1.00 1.40  ? 17 GLU A CG   1 
ATOM 241  C CD   . GLU A 1 17 ? -12.154 4.128   -6.091  1.00 1.88  ? 17 GLU A CD   1 
ATOM 242  O OE1  . GLU A 1 17 ? -12.447 3.858   -7.245  1.00 2.56  ? 17 GLU A OE1  1 
ATOM 243  O OE2  . GLU A 1 17 ? -12.971 4.287   -5.199  1.00 2.32  ? 17 GLU A OE2  1 
ATOM 244  H H    . GLU A 1 17 ? -7.878  0.960   -6.389  1.00 0.62  ? 17 GLU A H    1 
ATOM 245  H HA   . GLU A 1 17 ? -8.470  3.831   -6.835  1.00 0.98  ? 17 GLU A HA   1 
ATOM 246  H HB2  . GLU A 1 17 ? -10.567 2.209   -6.317  1.00 1.37  ? 17 GLU A HB2  1 
ATOM 247  H HB3  . GLU A 1 17 ? -10.038 2.533   -4.667  1.00 1.30  ? 17 GLU A HB3  1 
ATOM 248  H HG2  . GLU A 1 17 ? -10.572 4.762   -4.784  1.00 1.73  ? 17 GLU A HG2  1 
ATOM 249  H HG3  . GLU A 1 17 ? -10.184 4.870   -6.502  1.00 1.97  ? 17 GLU A HG3  1 
ATOM 250  N N    . LEU A 1 18 ? -7.605  4.354   -4.412  1.00 0.76  ? 18 LEU A N    1 
ATOM 251  C CA   . LEU A 1 18 ? -6.720  4.597   -3.237  1.00 0.76  ? 18 LEU A CA   1 
ATOM 252  C C    . LEU A 1 18 ? -7.540  5.206   -2.098  1.00 0.78  ? 18 LEU A C    1 
ATOM 253  O O    . LEU A 1 18 ? -8.045  6.306   -2.202  1.00 0.92  ? 18 LEU A O    1 
ATOM 254  C CB   . LEU A 1 18 ? -5.602  5.563   -3.632  1.00 0.95  ? 18 LEU A CB   1 
ATOM 255  C CG   . LEU A 1 18 ? -4.300  5.146   -2.946  1.00 0.97  ? 18 LEU A CG   1 
ATOM 256  C CD1  . LEU A 1 18 ? -3.496  4.242   -3.883  1.00 1.59  ? 18 LEU A CD1  1 
ATOM 257  C CD2  . LEU A 1 18 ? -3.478  6.393   -2.613  1.00 1.53  ? 18 LEU A CD2  1 
ATOM 258  H H    . LEU A 1 18 ? -8.156  5.082   -4.768  1.00 0.90  ? 18 LEU A H    1 
ATOM 259  H HA   . LEU A 1 18 ? -6.289  3.662   -2.911  1.00 0.72  ? 18 LEU A HA   1 
ATOM 260  H HB2  . LEU A 1 18 ? -5.468  5.541   -4.704  1.00 1.42  ? 18 LEU A HB2  1 
ATOM 261  H HB3  . LEU A 1 18 ? -5.864  6.565   -3.323  1.00 1.39  ? 18 LEU A HB3  1 
ATOM 262  H HG   . LEU A 1 18 ? -4.529  4.610   -2.037  1.00 1.47  ? 18 LEU A HG   1 
ATOM 263  H HD11 . LEU A 1 18 ? -4.092  4.003   -4.751  1.00 2.13  ? 18 LEU A HD11 1 
ATOM 264  H HD12 . LEU A 1 18 ? -2.597  4.754   -4.192  1.00 2.10  ? 18 LEU A HD12 1 
ATOM 265  H HD13 . LEU A 1 18 ? -3.232  3.331   -3.366  1.00 2.01  ? 18 LEU A HD13 1 
ATOM 266  H HD21 . LEU A 1 18 ? -3.536  7.093   -3.434  1.00 1.97  ? 18 LEU A HD21 1 
ATOM 267  H HD22 . LEU A 1 18 ? -3.868  6.854   -1.718  1.00 1.97  ? 18 LEU A HD22 1 
ATOM 268  H HD23 . LEU A 1 18 ? -2.447  6.112   -2.452  1.00 2.05  ? 18 LEU A HD23 1 
ATOM 269  N N    . LEU A 1 19 ? -7.679  4.497   -1.010  1.00 0.77  ? 19 LEU A N    1 
ATOM 270  C CA   . LEU A 1 19 ? -8.467  5.035   0.133   1.00 0.87  ? 19 LEU A CA   1 
ATOM 271  C C    . LEU A 1 19 ? -7.512  5.532   1.222   1.00 0.80  ? 19 LEU A C    1 
ATOM 272  O O    . LEU A 1 19 ? -7.777  5.399   2.401   1.00 0.90  ? 19 LEU A O    1 
ATOM 273  C CB   . LEU A 1 19 ? -9.359  3.930   0.703   1.00 1.02  ? 19 LEU A CB   1 
ATOM 274  C CG   . LEU A 1 19 ? -8.534  2.657   0.897   1.00 0.75  ? 19 LEU A CG   1 
ATOM 275  C CD1  . LEU A 1 19 ? -8.775  2.099   2.300   1.00 1.26  ? 19 LEU A CD1  1 
ATOM 276  C CD2  . LEU A 1 19 ? -8.954  1.616   -0.143  1.00 0.86  ? 19 LEU A CD2  1 
ATOM 277  H H    . LEU A 1 19 ? -7.265  3.611   -0.946  1.00 0.80  ? 19 LEU A H    1 
ATOM 278  H HA   . LEU A 1 19 ? -9.083  5.855   -0.207  1.00 0.97  ? 19 LEU A HA   1 
ATOM 279  H HB2  . LEU A 1 19 ? -9.762  4.248   1.655   1.00 1.47  ? 19 LEU A HB2  1 
ATOM 280  H HB3  . LEU A 1 19 ? -10.169 3.731   0.018   1.00 1.33  ? 19 LEU A HB3  1 
ATOM 281  H HG   . LEU A 1 19 ? -7.484  2.886   0.776   1.00 0.99  ? 19 LEU A HG   1 
ATOM 282  H HD11 . LEU A 1 19 ? -9.676  2.532   2.710   1.00 1.78  ? 19 LEU A HD11 1 
ATOM 283  H HD12 . LEU A 1 19 ? -8.883  1.026   2.248   1.00 1.67  ? 19 LEU A HD12 1 
ATOM 284  H HD13 . LEU A 1 19 ? -7.937  2.347   2.935   1.00 1.77  ? 19 LEU A HD13 1 
ATOM 285  H HD21 . LEU A 1 19 ? -9.990  1.768   -0.406  1.00 1.37  ? 19 LEU A HD21 1 
ATOM 286  H HD22 . LEU A 1 19 ? -8.340  1.720   -1.025  1.00 1.39  ? 19 LEU A HD22 1 
ATOM 287  H HD23 . LEU A 1 19 ? -8.827  0.625   0.268   1.00 1.45  ? 19 LEU A HD23 1 
ATOM 288  N N    . VAL A 1 20 ? -6.405  6.104   0.837   1.00 0.74  ? 20 VAL A N    1 
ATOM 289  C CA   . VAL A 1 20 ? -5.436  6.609   1.849   1.00 0.74  ? 20 VAL A CA   1 
ATOM 290  C C    . VAL A 1 20 ? -4.888  7.966   1.400   1.00 0.69  ? 20 VAL A C    1 
ATOM 291  O O    . VAL A 1 20 ? -5.138  8.412   0.298   1.00 0.74  ? 20 VAL A O    1 
ATOM 292  C CB   . VAL A 1 20 ? -4.281  5.616   1.990   1.00 0.90  ? 20 VAL A CB   1 
ATOM 293  C CG1  . VAL A 1 20 ? -4.771  4.363   2.716   1.00 1.12  ? 20 VAL A CG1  1 
ATOM 294  C CG2  . VAL A 1 20 ? -3.769  5.230   0.599   1.00 1.01  ? 20 VAL A CG2  1 
ATOM 295  H H    . VAL A 1 20 ? -6.210  6.202   -0.119  1.00 0.77  ? 20 VAL A H    1 
ATOM 296  H HA   . VAL A 1 20 ? -5.933  6.719   2.801   1.00 0.82  ? 20 VAL A HA   1 
ATOM 297  H HB   . VAL A 1 20 ? -3.481  6.071   2.557   1.00 0.97  ? 20 VAL A HB   1 
ATOM 298  H HG11 . VAL A 1 20 ? -5.548  4.632   3.416   1.00 1.49  ? 20 VAL A HG11 1 
ATOM 299  H HG12 . VAL A 1 20 ? -5.164  3.659   1.997   1.00 1.52  ? 20 VAL A HG12 1 
ATOM 300  H HG13 . VAL A 1 20 ? -3.948  3.909   3.249   1.00 1.64  ? 20 VAL A HG13 1 
ATOM 301  H HG21 . VAL A 1 20 ? -4.269  5.830   -0.147  1.00 1.50  ? 20 VAL A HG21 1 
ATOM 302  H HG22 . VAL A 1 20 ? -2.704  5.404   0.547   1.00 1.43  ? 20 VAL A HG22 1 
ATOM 303  H HG23 . VAL A 1 20 ? -3.973  4.185   0.417   1.00 1.45  ? 20 VAL A HG23 1 
ATOM 304  N N    . LYS A 1 21 ? -4.145  8.625   2.245   1.00 0.73  ? 21 LYS A N    1 
ATOM 305  C CA   . LYS A 1 21 ? -3.584  9.952   1.865   1.00 0.80  ? 21 LYS A CA   1 
ATOM 306  C C    . LYS A 1 21 ? -2.214  10.135  2.524   1.00 0.74  ? 21 LYS A C    1 
ATOM 307  O O    . LYS A 1 21 ? -1.762  9.298   3.280   1.00 0.72  ? 21 LYS A O    1 
ATOM 308  C CB   . LYS A 1 21 ? -4.528  11.060  2.336   1.00 0.97  ? 21 LYS A CB   1 
ATOM 309  C CG   . LYS A 1 21 ? -5.097  11.797  1.123   1.00 1.16  ? 21 LYS A CG   1 
ATOM 310  C CD   . LYS A 1 21 ? -6.262  12.684  1.563   1.00 1.59  ? 21 LYS A CD   1 
ATOM 311  C CE   . LYS A 1 21 ? -7.142  13.011  0.355   1.00 1.98  ? 21 LYS A CE   1 
ATOM 312  N NZ   . LYS A 1 21 ? -7.741  14.365  0.527   1.00 2.68  ? 21 LYS A NZ   1 
ATOM 313  H H    . LYS A 1 21 ? -3.955  8.248   3.130   1.00 0.81  ? 21 LYS A H    1 
ATOM 314  H HA   . LYS A 1 21 ? -3.476  10.004  0.792   1.00 0.87  ? 21 LYS A HA   1 
ATOM 315  H HB2  . LYS A 1 21 ? -5.336  10.625  2.906   1.00 1.06  ? 21 LYS A HB2  1 
ATOM 316  H HB3  . LYS A 1 21 ? -3.985  11.757  2.957   1.00 1.20  ? 21 LYS A HB3  1 
ATOM 317  H HG2  . LYS A 1 21 ? -4.324  12.410  0.680   1.00 1.71  ? 21 LYS A HG2  1 
ATOM 318  H HG3  . LYS A 1 21 ? -5.448  11.079  0.397   1.00 1.59  ? 21 LYS A HG3  1 
ATOM 319  H HD2  . LYS A 1 21 ? -6.849  12.164  2.306   1.00 2.05  ? 21 LYS A HD2  1 
ATOM 320  H HD3  . LYS A 1 21 ? -5.878  13.601  1.984   1.00 2.19  ? 21 LYS A HD3  1 
ATOM 321  H HE2  . LYS A 1 21 ? -6.541  12.995  -0.543  1.00 2.35  ? 21 LYS A HE2  1 
ATOM 322  H HE3  . LYS A 1 21 ? -7.930  12.277  0.274   1.00 2.32  ? 21 LYS A HE3  1 
ATOM 323  H HZ1  . LYS A 1 21 ? -7.025  15.012  0.918   1.00 3.20  ? 21 LYS A HZ1  1 
ATOM 324  H HZ2  . LYS A 1 21 ? -8.065  14.721  -0.395  1.00 2.89  ? 21 LYS A HZ2  1 
ATOM 325  H HZ3  . LYS A 1 21 ? -8.550  14.306  1.177   1.00 3.09  ? 21 LYS A HZ3  1 
ATOM 326  N N    . THR A 1 22 ? -1.551  11.223  2.244   1.00 0.78  ? 22 THR A N    1 
ATOM 327  C CA   . THR A 1 22 ? -0.212  11.458  2.855   1.00 0.78  ? 22 THR A CA   1 
ATOM 328  C C    . THR A 1 22 ? -0.386  12.095  4.235   1.00 0.78  ? 22 THR A C    1 
ATOM 329  O O    . THR A 1 22 ? -1.158  13.016  4.411   1.00 0.84  ? 22 THR A O    1 
ATOM 330  C CB   . THR A 1 22 ? 0.600   12.396  1.958   1.00 0.87  ? 22 THR A CB   1 
ATOM 331  O OG1  . THR A 1 22 ? 0.989   11.703  0.780   1.00 1.45  ? 22 THR A OG1  1 
ATOM 332  C CG2  . THR A 1 22 ? 1.845   12.871  2.708   1.00 1.56  ? 22 THR A CG2  1 
ATOM 333  H H    . THR A 1 22 ? -1.934  11.886  1.631   1.00 0.83  ? 22 THR A H    1 
ATOM 334  H HA   . THR A 1 22 ? 0.308   10.517  2.955   1.00 0.77  ? 22 THR A HA   1 
ATOM 335  H HB   . THR A 1 22 ? -0.003  13.251  1.692   1.00 1.30  ? 22 THR A HB   1 
ATOM 336  H HG1  . THR A 1 22 ? 1.419   12.331  0.195   1.00 1.86  ? 22 THR A HG1  1 
ATOM 337  H HG21 . THR A 1 22 ? 2.381   12.016  3.093   1.00 2.01  ? 22 THR A HG21 1 
ATOM 338  H HG22 . THR A 1 22 ? 2.483   13.422  2.033   1.00 2.11  ? 22 THR A HG22 1 
ATOM 339  H HG23 . THR A 1 22 ? 1.550   13.510  3.528   1.00 2.12  ? 22 THR A HG23 1 
ATOM 340  N N    . GLY A 1 23 ? 0.327   11.612  5.215   1.00 0.79  ? 23 GLY A N    1 
ATOM 341  C CA   . GLY A 1 23 ? 0.202   12.189  6.583   1.00 0.85  ? 23 GLY A CA   1 
ATOM 342  C C    . GLY A 1 23 ? -0.979  11.542  7.309   1.00 0.86  ? 23 GLY A C    1 
ATOM 343  O O    . GLY A 1 23 ? -1.244  11.827  8.460   1.00 0.97  ? 23 GLY A O    1 
ATOM 344  H H    . GLY A 1 23 ? 0.944   10.868  5.052   1.00 0.80  ? 23 GLY A H    1 
ATOM 345  H HA2  . GLY A 1 23 ? 1.113   12.003  7.136   1.00 0.89  ? 23 GLY A HA2  1 
ATOM 346  H HA3  . GLY A 1 23 ? 0.036   13.254  6.511   1.00 0.90  ? 23 GLY A HA3  1 
ATOM 347  N N    . ASP A 1 24 ? -1.692  10.673  6.645   1.00 0.79  ? 24 ASP A N    1 
ATOM 348  C CA   . ASP A 1 24 ? -2.854  10.009  7.299   1.00 0.83  ? 24 ASP A CA   1 
ATOM 349  C C    . ASP A 1 24 ? -2.369  8.791   8.087   1.00 0.80  ? 24 ASP A C    1 
ATOM 350  O O    . ASP A 1 24 ? -1.622  7.973   7.588   1.00 0.75  ? 24 ASP A O    1 
ATOM 351  C CB   . ASP A 1 24 ? -3.853  9.561   6.230   1.00 0.83  ? 24 ASP A CB   1 
ATOM 352  C CG   . ASP A 1 24 ? -4.706  10.754  5.795   1.00 0.96  ? 24 ASP A CG   1 
ATOM 353  O OD1  . ASP A 1 24 ? -4.326  11.872  6.103   1.00 1.52  ? 24 ASP A OD1  1 
ATOM 354  O OD2  . ASP A 1 24 ? -5.723  10.529  5.161   1.00 1.44  ? 24 ASP A OD2  1 
ATOM 355  H H    . ASP A 1 24 ? -1.462  10.456  5.718   1.00 0.74  ? 24 ASP A H    1 
ATOM 356  H HA   . ASP A 1 24 ? -3.335  10.705  7.971   1.00 0.91  ? 24 ASP A HA   1 
ATOM 357  H HB2  . ASP A 1 24 ? -3.316  9.170   5.378   1.00 0.80  ? 24 ASP A HB2  1 
ATOM 358  H HB3  . ASP A 1 24 ? -4.493  8.792   6.636   1.00 0.87  ? 24 ASP A HB3  1 
ATOM 359  N N    . LEU A 1 25 ? -2.790  8.663   9.316   1.00 0.89  ? 25 LEU A N    1 
ATOM 360  C CA   . LEU A 1 25 ? -2.353  7.497   10.135  1.00 0.91  ? 25 LEU A CA   1 
ATOM 361  C C    . LEU A 1 25 ? -3.301  6.321   9.893   1.00 0.89  ? 25 LEU A C    1 
ATOM 362  O O    . LEU A 1 25 ? -4.493  6.417   10.108  1.00 0.97  ? 25 LEU A O    1 
ATOM 363  C CB   . LEU A 1 25 ? -2.379  7.876   11.617  1.00 1.06  ? 25 LEU A CB   1 
ATOM 364  C CG   . LEU A 1 25 ? -1.336  7.053   12.374  1.00 1.25  ? 25 LEU A CG   1 
ATOM 365  C CD1  . LEU A 1 25 ? -0.183  7.960   12.806  1.00 1.59  ? 25 LEU A CD1  1 
ATOM 366  C CD2  . LEU A 1 25 ? -1.983  6.427   13.612  1.00 1.93  ? 25 LEU A CD2  1 
ATOM 367  H H    . LEU A 1 25 ? -3.393  9.333   9.700   1.00 0.96  ? 25 LEU A H    1 
ATOM 368  H HA   . LEU A 1 25 ? -1.350  7.215   9.854   1.00 0.90  ? 25 LEU A HA   1 
ATOM 369  H HB2  . LEU A 1 25 ? -2.155  8.928   11.724  1.00 1.16  ? 25 LEU A HB2  1 
ATOM 370  H HB3  . LEU A 1 25 ? -3.358  7.674   12.023  1.00 1.17  ? 25 LEU A HB3  1 
ATOM 371  H HG   . LEU A 1 25 ? -0.958  6.272   11.730  1.00 1.72  ? 25 LEU A HG   1 
ATOM 372  H HD11 . LEU A 1 25 ? -0.332  8.948   12.399  1.00 2.04  ? 25 LEU A HD11 1 
ATOM 373  H HD12 . LEU A 1 25 ? -0.153  8.015   13.884  1.00 1.94  ? 25 LEU A HD12 1 
ATOM 374  H HD13 . LEU A 1 25 ? 0.749   7.555   12.440  1.00 2.15  ? 25 LEU A HD13 1 
ATOM 375  H HD21 . LEU A 1 25 ? -2.923  5.972   13.337  1.00 2.46  ? 25 LEU A HD21 1 
ATOM 376  H HD22 . LEU A 1 25 ? -1.325  5.674   14.021  1.00 2.31  ? 25 LEU A HD22 1 
ATOM 377  H HD23 . LEU A 1 25 ? -2.158  7.193   14.353  1.00 2.42  ? 25 LEU A HD23 1 
ATOM 378  N N    . ILE A 1 26 ? -2.782  5.209   9.445   1.00 0.83  ? 26 ILE A N    1 
ATOM 379  C CA   . ILE A 1 26 ? -3.650  4.030   9.189   1.00 0.83  ? 26 ILE A CA   1 
ATOM 380  C C    . ILE A 1 26 ? -3.657  3.127   10.424  1.00 0.95  ? 26 ILE A C    1 
ATOM 381  O O    . ILE A 1 26 ? -3.159  3.488   11.471  1.00 1.06  ? 26 ILE A O    1 
ATOM 382  C CB   . ILE A 1 26 ? -3.099  3.258   7.991   1.00 0.77  ? 26 ILE A CB   1 
ATOM 383  C CG1  . ILE A 1 26 ? -2.534  4.245   6.967   1.00 0.76  ? 26 ILE A CG1  1 
ATOM 384  C CG2  . ILE A 1 26 ? -4.219  2.441   7.345   1.00 0.80  ? 26 ILE A CG2  1 
ATOM 385  C CD1  . ILE A 1 26 ? -1.933  3.473   5.791   1.00 0.83  ? 26 ILE A CD1  1 
ATOM 386  H H    . ILE A 1 26 ? -1.818  5.150   9.276   1.00 0.84  ? 26 ILE A H    1 
ATOM 387  H HA   . ILE A 1 26 ? -4.657  4.359   8.975   1.00 0.86  ? 26 ILE A HA   1 
ATOM 388  H HB   . ILE A 1 26 ? -2.315  2.598   8.326   1.00 0.82  ? 26 ILE A HB   1 
ATOM 389  H HG12 . ILE A 1 26 ? -3.328  4.887   6.610   1.00 0.84  ? 26 ILE A HG12 1 
ATOM 390  H HG13 . ILE A 1 26 ? -1.766  4.845   7.431   1.00 0.87  ? 26 ILE A HG13 1 
ATOM 391  H HG21 . ILE A 1 26 ? -5.176  2.845   7.640   1.00 1.29  ? 26 ILE A HG21 1 
ATOM 392  H HG22 . ILE A 1 26 ? -4.125  2.490   6.270   1.00 1.21  ? 26 ILE A HG22 1 
ATOM 393  H HG23 . ILE A 1 26 ? -4.146  1.413   7.666   1.00 1.38  ? 26 ILE A HG23 1 
ATOM 394  H HD11 . ILE A 1 26 ? -1.589  2.508   6.133   1.00 1.30  ? 26 ILE A HD11 1 
ATOM 395  H HD12 . ILE A 1 26 ? -2.685  3.338   5.028   1.00 1.40  ? 26 ILE A HD12 1 
ATOM 396  H HD13 . ILE A 1 26 ? -1.102  4.028   5.384   1.00 1.22  ? 26 ILE A HD13 1 
ATOM 397  N N    . GLU A 1 27 ? -4.219  1.956   10.310  1.00 0.98  ? 27 GLU A N    1 
ATOM 398  C CA   . GLU A 1 27 ? -4.256  1.031   11.478  1.00 1.14  ? 27 GLU A CA   1 
ATOM 399  C C    . GLU A 1 27 ? -4.010  -0.403  11.001  1.00 1.09  ? 27 GLU A C    1 
ATOM 400  O O    . GLU A 1 27 ? -4.033  -0.686  9.819   1.00 1.05  ? 27 GLU A O    1 
ATOM 401  C CB   . GLU A 1 27 ? -5.627  1.115   12.151  1.00 1.28  ? 27 GLU A CB   1 
ATOM 402  C CG   . GLU A 1 27 ? -5.651  2.304   13.114  1.00 1.90  ? 27 GLU A CG   1 
ATOM 403  C CD   . GLU A 1 27 ? -6.934  2.263   13.946  1.00 2.42  ? 27 GLU A CD   1 
ATOM 404  O OE1  . GLU A 1 27 ? -8.001  2.260   13.354  1.00 2.93  ? 27 GLU A OE1  1 
ATOM 405  O OE2  . GLU A 1 27 ? -6.828  2.235   15.162  1.00 2.88  ? 27 GLU A OE2  1 
ATOM 406  H H    . GLU A 1 27 ? -4.614  1.684   9.457   1.00 0.93  ? 27 GLU A H    1 
ATOM 407  H HA   . GLU A 1 27 ? -3.490  1.311   12.184  1.00 1.26  ? 27 GLU A HA   1 
ATOM 408  H HB2  . GLU A 1 27 ? -6.391  1.245   11.398  1.00 1.52  ? 27 GLU A HB2  1 
ATOM 409  H HB3  . GLU A 1 27 ? -5.815  0.206   12.701  1.00 1.55  ? 27 GLU A HB3  1 
ATOM 410  H HG2  . GLU A 1 27 ? -4.793  2.253   13.770  1.00 2.35  ? 27 GLU A HG2  1 
ATOM 411  H HG3  . GLU A 1 27 ? -5.619  3.225   12.551  1.00 2.34  ? 27 GLU A HG3  1 
ATOM 412  N N    . VAL A 1 28 ? -3.775  -1.308  11.910  1.00 1.19  ? 28 VAL A N    1 
ATOM 413  C CA   . VAL A 1 28 ? -3.527  -2.721  11.507  1.00 1.18  ? 28 VAL A CA   1 
ATOM 414  C C    . VAL A 1 28 ? -4.863  -3.409  11.216  1.00 1.12  ? 28 VAL A C    1 
ATOM 415  O O    . VAL A 1 28 ? -5.359  -4.184  12.010  1.00 1.34  ? 28 VAL A O    1 
ATOM 416  C CB   . VAL A 1 28 ? -2.812  -3.457  12.641  1.00 1.37  ? 28 VAL A CB   1 
ATOM 417  C CG1  . VAL A 1 28 ? -3.692  -3.451  13.891  1.00 1.50  ? 28 VAL A CG1  1 
ATOM 418  C CG2  . VAL A 1 28 ? -2.540  -4.903  12.218  1.00 1.38  ? 28 VAL A CG2  1 
ATOM 419  H H    . VAL A 1 28 ? -3.761  -1.059  12.858  1.00 1.34  ? 28 VAL A H    1 
ATOM 420  H HA   . VAL A 1 28 ? -2.912  -2.741  10.620  1.00 1.13  ? 28 VAL A HA   1 
ATOM 421  H HB   . VAL A 1 28 ? -1.877  -2.961  12.858  1.00 1.48  ? 28 VAL A HB   1 
ATOM 422  H HG11 . VAL A 1 28 ? -4.268  -2.538  13.921  1.00 1.88  ? 28 VAL A HG11 1 
ATOM 423  H HG12 . VAL A 1 28 ? -4.363  -4.298  13.864  1.00 1.96  ? 28 VAL A HG12 1 
ATOM 424  H HG13 . VAL A 1 28 ? -3.069  -3.513  14.772  1.00 1.68  ? 28 VAL A HG13 1 
ATOM 425  H HG21 . VAL A 1 28 ? -3.284  -5.213  11.501  1.00 1.76  ? 28 VAL A HG21 1 
ATOM 426  H HG22 . VAL A 1 28 ? -1.559  -4.968  11.771  1.00 1.65  ? 28 VAL A HG22 1 
ATOM 427  H HG23 . VAL A 1 28 ? -2.584  -5.545  13.084  1.00 1.72  ? 28 VAL A HG23 1 
ATOM 428  N N    . GLU A 1 29 ? -5.448  -3.134  10.082  1.00 1.11  ? 29 GLU A N    1 
ATOM 429  C CA   . GLU A 1 29 ? -6.749  -3.771  9.737   1.00 1.15  ? 29 GLU A CA   1 
ATOM 430  C C    . GLU A 1 29 ? -7.430  -2.968  8.627   1.00 1.02  ? 29 GLU A C    1 
ATOM 431  O O    . GLU A 1 29 ? -7.889  -3.515  7.644   1.00 1.00  ? 29 GLU A O    1 
ATOM 432  C CB   . GLU A 1 29 ? -7.651  -3.800  10.972  1.00 1.34  ? 29 GLU A CB   1 
ATOM 433  C CG   . GLU A 1 29 ? -7.807  -5.243  11.457  1.00 1.88  ? 29 GLU A CG   1 
ATOM 434  C CD   . GLU A 1 29 ? -9.174  -5.414  12.120  1.00 2.12  ? 29 GLU A CD   1 
ATOM 435  O OE1  . GLU A 1 29 ? -9.483  -4.635  13.008  1.00 2.46  ? 29 GLU A OE1  1 
ATOM 436  O OE2  . GLU A 1 29 ? -9.891  -6.320  11.729  1.00 2.63  ? 29 GLU A OE2  1 
ATOM 437  H H    . GLU A 1 29 ? -5.030  -2.509  9.455   1.00 1.26  ? 29 GLU A H    1 
ATOM 438  H HA   . GLU A 1 29 ? -6.572  -4.779  9.395   1.00 1.21  ? 29 GLU A HA   1 
ATOM 439  H HB2  . GLU A 1 29 ? -7.207  -3.202  11.756  1.00 1.63  ? 29 GLU A HB2  1 
ATOM 440  H HB3  . GLU A 1 29 ? -8.621  -3.400  10.720  1.00 1.60  ? 29 GLU A HB3  1 
ATOM 441  H HG2  . GLU A 1 29 ? -7.727  -5.916  10.615  1.00 2.35  ? 29 GLU A HG2  1 
ATOM 442  H HG3  . GLU A 1 29 ? -7.031  -5.469  12.173  1.00 2.44  ? 29 GLU A HG3  1 
ATOM 443  N N    . GLN A 1 30 ? -7.500  -1.673  8.776   1.00 1.00  ? 30 GLN A N    1 
ATOM 444  C CA   . GLN A 1 30 ? -8.152  -0.838  7.728   1.00 0.91  ? 30 GLN A CA   1 
ATOM 445  C C    . GLN A 1 30 ? -7.529  -1.149  6.366   1.00 0.78  ? 30 GLN A C    1 
ATOM 446  O O    . GLN A 1 30 ? -6.351  -1.429  6.261   1.00 0.78  ? 30 GLN A O    1 
ATOM 447  C CB   . GLN A 1 30 ? -7.947  0.643   8.056   1.00 0.95  ? 30 GLN A CB   1 
ATOM 448  C CG   . GLN A 1 30 ? -9.271  1.392   7.890   1.00 1.12  ? 30 GLN A CG   1 
ATOM 449  C CD   . GLN A 1 30 ? -9.024  2.709   7.153   1.00 1.30  ? 30 GLN A CD   1 
ATOM 450  O OE1  . GLN A 1 30 ? -9.887  3.198   6.453   1.00 2.18  ? 30 GLN A OE1  1 
ATOM 451  N NE2  . GLN A 1 30 ? -7.872  3.309   7.283   1.00 1.25  ? 30 GLN A NE2  1 
ATOM 452  H H    . GLN A 1 30 ? -7.124  -1.251  9.575   1.00 1.09  ? 30 GLN A H    1 
ATOM 453  H HA   . GLN A 1 30 ? -9.209  -1.056  7.699   1.00 0.95  ? 30 GLN A HA   1 
ATOM 454  H HB2  . GLN A 1 30 ? -7.602  0.742   9.075   1.00 1.09  ? 30 GLN A HB2  1 
ATOM 455  H HB3  . GLN A 1 30 ? -7.212  1.062   7.386   1.00 0.92  ? 30 GLN A HB3  1 
ATOM 456  H HG2  . GLN A 1 30 ? -9.959  0.783   7.321   1.00 1.53  ? 30 GLN A HG2  1 
ATOM 457  H HG3  . GLN A 1 30 ? -9.692  1.598   8.862   1.00 1.43  ? 30 GLN A HG3  1 
ATOM 458  H HE21 . GLN A 1 30 ? -7.175  2.915   7.848   1.00 1.47  ? 30 GLN A HE21 1 
ATOM 459  H HE22 . GLN A 1 30 ? -7.704  4.153   6.814   1.00 1.60  ? 30 GLN A HE22 1 
ATOM 460  N N    . GLY A 1 31 ? -8.310  -1.104  5.321   1.00 0.74  ? 31 GLY A N    1 
ATOM 461  C CA   . GLY A 1 31 ? -7.760  -1.399  3.968   1.00 0.64  ? 31 GLY A CA   1 
ATOM 462  C C    . GLY A 1 31 ? -6.800  -0.283  3.552   1.00 0.60  ? 31 GLY A C    1 
ATOM 463  O O    . GLY A 1 31 ? -6.742  0.762   4.169   1.00 0.73  ? 31 GLY A O    1 
ATOM 464  H H    . GLY A 1 31 ? -9.257  -0.877  5.427   1.00 0.82  ? 31 GLY A H    1 
ATOM 465  H HA2  . GLY A 1 31 ? -7.232  -2.341  3.992   1.00 0.68  ? 31 GLY A HA2  1 
ATOM 466  H HA3  . GLY A 1 31 ? -8.569  -1.457  3.256   1.00 0.62  ? 31 GLY A HA3  1 
ATOM 467  N N    . LEU A 1 32 ? -6.044  -0.497  2.510   1.00 0.56  ? 32 LEU A N    1 
ATOM 468  C CA   . LEU A 1 32 ? -5.088  0.551   2.056   1.00 0.57  ? 32 LEU A CA   1 
ATOM 469  C C    . LEU A 1 32 ? -5.291  0.816   0.562   1.00 0.56  ? 32 LEU A C    1 
ATOM 470  O O    . LEU A 1 32 ? -5.392  1.948   0.131   1.00 0.63  ? 32 LEU A O    1 
ATOM 471  C CB   . LEU A 1 32 ? -3.654  0.073   2.298   1.00 0.69  ? 32 LEU A CB   1 
ATOM 472  C CG   . LEU A 1 32 ? -2.793  1.252   2.753   1.00 0.79  ? 32 LEU A CG   1 
ATOM 473  C CD1  . LEU A 1 32 ? -1.971  0.843   3.976   1.00 1.28  ? 32 LEU A CD1  1 
ATOM 474  C CD2  . LEU A 1 32 ? -1.849  1.659   1.618   1.00 1.71  ? 32 LEU A CD2  1 
ATOM 475  H H    . LEU A 1 32 ? -6.105  -1.347  2.025   1.00 0.63  ? 32 LEU A H    1 
ATOM 476  H HA   . LEU A 1 32 ? -5.261  1.462   2.610   1.00 0.59  ? 32 LEU A HA   1 
ATOM 477  H HB2  . LEU A 1 32 ? -3.655  -0.690  3.062   1.00 0.73  ? 32 LEU A HB2  1 
ATOM 478  H HB3  . LEU A 1 32 ? -3.251  -0.333  1.383   1.00 0.80  ? 32 LEU A HB3  1 
ATOM 479  H HG   . LEU A 1 32 ? -3.430  2.085   3.010   1.00 1.45  ? 32 LEU A HG   1 
ATOM 480  H HD11 . LEU A 1 32 ? -2.633  0.493   4.754   1.00 1.75  ? 32 LEU A HD11 1 
ATOM 481  H HD12 . LEU A 1 32 ? -1.287  0.053   3.703   1.00 1.87  ? 32 LEU A HD12 1 
ATOM 482  H HD13 . LEU A 1 32 ? -1.412  1.694   4.335   1.00 1.90  ? 32 LEU A HD13 1 
ATOM 483  H HD21 . LEU A 1 32 ? -2.253  1.322   0.675   1.00 2.32  ? 32 LEU A HD21 1 
ATOM 484  H HD22 . LEU A 1 32 ? -1.747  2.734   1.603   1.00 2.23  ? 32 LEU A HD22 1 
ATOM 485  H HD23 . LEU A 1 32 ? -0.880  1.209   1.777   1.00 2.18  ? 32 LEU A HD23 1 
ATOM 486  N N    . VAL A 1 33 ? -5.352  -0.218  -0.230  1.00 0.55  ? 33 VAL A N    1 
ATOM 487  C CA   . VAL A 1 33 ? -5.548  -0.024  -1.694  1.00 0.60  ? 33 VAL A CA   1 
ATOM 488  C C    . VAL A 1 33 ? -6.396  -1.169  -2.253  1.00 0.53  ? 33 VAL A C    1 
ATOM 489  O O    . VAL A 1 33 ? -6.672  -2.137  -1.574  1.00 0.58  ? 33 VAL A O    1 
ATOM 490  C CB   . VAL A 1 33 ? -4.189  -0.009  -2.394  1.00 0.70  ? 33 VAL A CB   1 
ATOM 491  C CG1  . VAL A 1 33 ? -3.353  1.156   -1.862  1.00 0.81  ? 33 VAL A CG1  1 
ATOM 492  C CG2  . VAL A 1 33 ? -3.460  -1.326  -2.116  1.00 0.73  ? 33 VAL A CG2  1 
ATOM 493  H H    . VAL A 1 33 ? -5.268  -1.123  0.136   1.00 0.57  ? 33 VAL A H    1 
ATOM 494  H HA   . VAL A 1 33 ? -6.054  0.915   -1.869  1.00 0.67  ? 33 VAL A HA   1 
ATOM 495  H HB   . VAL A 1 33 ? -4.333  0.108   -3.458  1.00 0.77  ? 33 VAL A HB   1 
ATOM 496  H HG11 . VAL A 1 33 ? -4.007  1.913   -1.456  1.00 1.28  ? 33 VAL A HG11 1 
ATOM 497  H HG12 . VAL A 1 33 ? -2.690  0.800   -1.087  1.00 1.30  ? 33 VAL A HG12 1 
ATOM 498  H HG13 . VAL A 1 33 ? -2.770  1.579   -2.667  1.00 1.30  ? 33 VAL A HG13 1 
ATOM 499  H HG21 . VAL A 1 33 ? -4.145  -2.029  -1.666  1.00 1.14  ? 33 VAL A HG21 1 
ATOM 500  H HG22 . VAL A 1 33 ? -3.085  -1.733  -3.045  1.00 1.35  ? 33 VAL A HG22 1 
ATOM 501  H HG23 . VAL A 1 33 ? -2.634  -1.146  -1.444  1.00 1.29  ? 33 VAL A HG23 1 
ATOM 502  N N    . VAL A 1 34 ? -6.811  -1.065  -3.486  1.00 0.51  ? 34 VAL A N    1 
ATOM 503  C CA   . VAL A 1 34 ? -7.639  -2.147  -4.086  1.00 0.50  ? 34 VAL A CA   1 
ATOM 504  C C    . VAL A 1 34 ? -7.025  -2.579  -5.420  1.00 0.48  ? 34 VAL A C    1 
ATOM 505  O O    . VAL A 1 34 ? -7.313  -2.017  -6.458  1.00 0.51  ? 34 VAL A O    1 
ATOM 506  C CB   . VAL A 1 34 ? -9.059  -1.632  -4.322  1.00 0.60  ? 34 VAL A CB   1 
ATOM 507  C CG1  . VAL A 1 34 ? -9.884  -2.709  -5.029  1.00 0.65  ? 34 VAL A CG1  1 
ATOM 508  C CG2  . VAL A 1 34 ? -9.708  -1.296  -2.977  1.00 0.71  ? 34 VAL A CG2  1 
ATOM 509  H H    . VAL A 1 34 ? -6.576  -0.276  -4.017  1.00 0.57  ? 34 VAL A H    1 
ATOM 510  H HA   . VAL A 1 34 ? -7.670  -2.993  -3.415  1.00 0.48  ? 34 VAL A HA   1 
ATOM 511  H HB   . VAL A 1 34 ? -9.022  -0.745  -4.938  1.00 0.64  ? 34 VAL A HB   1 
ATOM 512  H HG11 . VAL A 1 34 ? -9.249  -3.548  -5.270  1.00 1.18  ? 34 VAL A HG11 1 
ATOM 513  H HG12 . VAL A 1 34 ? -10.682 -3.037  -4.378  1.00 1.28  ? 34 VAL A HG12 1 
ATOM 514  H HG13 . VAL A 1 34 ? -10.304 -2.303  -5.937  1.00 1.18  ? 34 VAL A HG13 1 
ATOM 515  H HG21 . VAL A 1 34 ? -9.500  -2.085  -2.270  1.00 1.17  ? 34 VAL A HG21 1 
ATOM 516  H HG22 . VAL A 1 34 ? -9.305  -0.365  -2.605  1.00 1.30  ? 34 VAL A HG22 1 
ATOM 517  H HG23 . VAL A 1 34 ? -10.776 -1.200  -3.106  1.00 1.31  ? 34 VAL A HG23 1 
ATOM 518  N N    . LEU A 1 35 ? -6.182  -3.574  -5.401  1.00 0.50  ? 35 LEU A N    1 
ATOM 519  C CA   . LEU A 1 35 ? -5.550  -4.040  -6.668  1.00 0.54  ? 35 LEU A CA   1 
ATOM 520  C C    . LEU A 1 35 ? -6.421  -5.127  -7.302  1.00 0.58  ? 35 LEU A C    1 
ATOM 521  O O    . LEU A 1 35 ? -7.057  -5.904  -6.618  1.00 0.67  ? 35 LEU A O    1 
ATOM 522  C CB   . LEU A 1 35 ? -4.163  -4.610  -6.368  1.00 0.61  ? 35 LEU A CB   1 
ATOM 523  C CG   . LEU A 1 35 ? -3.321  -3.554  -5.649  1.00 0.63  ? 35 LEU A CG   1 
ATOM 524  C CD1  . LEU A 1 35 ? -2.735  -4.153  -4.369  1.00 1.18  ? 35 LEU A CD1  1 
ATOM 525  C CD2  . LEU A 1 35 ? -2.184  -3.099  -6.566  1.00 1.21  ? 35 LEU A CD2  1 
ATOM 526  H H    . LEU A 1 35 ? -5.962  -4.016  -4.554  1.00 0.55  ? 35 LEU A H    1 
ATOM 527  H HA   . LEU A 1 35 ? -5.458  -3.209  -7.351  1.00 0.54  ? 35 LEU A HA   1 
ATOM 528  H HB2  . LEU A 1 35 ? -4.261  -5.484  -5.739  1.00 0.69  ? 35 LEU A HB2  1 
ATOM 529  H HB3  . LEU A 1 35 ? -3.678  -4.885  -7.292  1.00 0.81  ? 35 LEU A HB3  1 
ATOM 530  H HG   . LEU A 1 35 ? -3.944  -2.709  -5.397  1.00 1.14  ? 35 LEU A HG   1 
ATOM 531  H HD11 . LEU A 1 35 ? -3.005  -5.197  -4.303  1.00 1.71  ? 35 LEU A HD11 1 
ATOM 532  H HD12 . LEU A 1 35 ? -1.659  -4.061  -4.389  1.00 1.71  ? 35 LEU A HD12 1 
ATOM 533  H HD13 . LEU A 1 35 ? -3.125  -3.625  -3.512  1.00 1.78  ? 35 LEU A HD13 1 
ATOM 534  H HD21 . LEU A 1 35 ? -1.813  -3.944  -7.126  1.00 1.80  ? 35 LEU A HD21 1 
ATOM 535  H HD22 . LEU A 1 35 ? -2.551  -2.347  -7.248  1.00 1.70  ? 35 LEU A HD22 1 
ATOM 536  H HD23 . LEU A 1 35 ? -1.385  -2.684  -5.969  1.00 1.74  ? 35 LEU A HD23 1 
ATOM 537  N N    . GLU A 1 36 ? -6.457  -5.187  -8.605  1.00 0.65  ? 36 GLU A N    1 
ATOM 538  C CA   . GLU A 1 36 ? -7.287  -6.223  -9.281  1.00 0.74  ? 36 GLU A CA   1 
ATOM 539  C C    . GLU A 1 36 ? -6.373  -7.276  -9.912  1.00 0.90  ? 36 GLU A C    1 
ATOM 540  O O    . GLU A 1 36 ? -5.301  -6.972  -10.396 1.00 1.28  ? 36 GLU A O    1 
ATOM 541  C CB   . GLU A 1 36 ? -8.137  -5.565  -10.371 1.00 0.97  ? 36 GLU A CB   1 
ATOM 542  C CG   . GLU A 1 36 ? -9.135  -6.584  -10.924 1.00 1.08  ? 36 GLU A CG   1 
ATOM 543  C CD   . GLU A 1 36 ? -9.976  -5.930  -12.022 1.00 1.57  ? 36 GLU A CD   1 
ATOM 544  O OE1  . GLU A 1 36 ? -10.749 -5.042  -11.699 1.00 2.27  ? 36 GLU A OE1  1 
ATOM 545  O OE2  . GLU A 1 36 ? -9.835  -6.329  -13.166 1.00 1.99  ? 36 GLU A OE2  1 
ATOM 546  H H    . GLU A 1 36 ? -5.937  -4.551  -9.140  1.00 0.72  ? 36 GLU A H    1 
ATOM 547  H HA   . GLU A 1 36 ? -7.934  -6.695  -8.556  1.00 0.73  ? 36 GLU A HA   1 
ATOM 548  H HB2  . GLU A 1 36 ? -8.672  -4.726  -9.952  1.00 1.19  ? 36 GLU A HB2  1 
ATOM 549  H HB3  . GLU A 1 36 ? -7.495  -5.223  -11.169 1.00 1.19  ? 36 GLU A HB3  1 
ATOM 550  H HG2  . GLU A 1 36 ? -8.598  -7.428  -11.335 1.00 1.40  ? 36 GLU A HG2  1 
ATOM 551  H HG3  . GLU A 1 36 ? -9.783  -6.921  -10.130 1.00 1.22  ? 36 GLU A HG3  1 
ATOM 552  N N    . SER A 1 37 ? -6.790  -8.514  -9.911  1.00 0.84  ? 37 SER A N    1 
ATOM 553  C CA   . SER A 1 37 ? -5.944  -9.583  -10.511 1.00 1.07  ? 37 SER A CA   1 
ATOM 554  C C    . SER A 1 37 ? -6.543  -10.014 -11.852 1.00 1.14  ? 37 SER A C    1 
ATOM 555  O O    . SER A 1 37 ? -7.491  -9.427  -12.336 1.00 1.16  ? 37 SER A O    1 
ATOM 556  C CB   . SER A 1 37 ? -5.894  -10.785 -9.567  1.00 1.23  ? 37 SER A CB   1 
ATOM 557  O OG   . SER A 1 37 ? -5.826  -10.324 -8.224  1.00 1.62  ? 37 SER A OG   1 
ATOM 558  H H    . SER A 1 37 ? -7.658  -8.739  -9.516  1.00 0.85  ? 37 SER A H    1 
ATOM 559  H HA   . SER A 1 37 ? -4.945  -9.206  -10.668 1.00 1.28  ? 37 SER A HA   1 
ATOM 560  H HB2  . SER A 1 37 ? -6.781  -11.382 -9.693  1.00 1.60  ? 37 SER A HB2  1 
ATOM 561  H HB3  . SER A 1 37 ? -5.023  -11.386 -9.797  1.00 1.62  ? 37 SER A HB3  1 
ATOM 562  H HG   . SER A 1 37 ? -4.899  -10.256 -7.980  1.00 1.90  ? 37 SER A HG   1 
ATOM 563  N N    . ALA A 1 38 ? -5.996  -11.032 -12.458 1.00 1.35  ? 38 ALA A N    1 
ATOM 564  C CA   . ALA A 1 38 ? -6.533  -11.497 -13.767 1.00 1.49  ? 38 ALA A CA   1 
ATOM 565  C C    . ALA A 1 38 ? -7.702  -12.457 -13.533 1.00 1.50  ? 38 ALA A C    1 
ATOM 566  O O    . ALA A 1 38 ? -8.346  -12.903 -14.462 1.00 1.87  ? 38 ALA A O    1 
ATOM 567  C CB   . ALA A 1 38 ? -5.429  -12.220 -14.542 1.00 1.66  ? 38 ALA A CB   1 
ATOM 568  H H    . ALA A 1 38 ? -5.231  -11.491 -12.051 1.00 1.49  ? 38 ALA A H    1 
ATOM 569  H HA   . ALA A 1 38 ? -6.875  -10.647 -14.338 1.00 1.70  ? 38 ALA A HA   1 
ATOM 570  H HB1  . ALA A 1 38 ? -4.515  -12.201 -13.968 1.00 2.01  ? 38 ALA A HB1  1 
ATOM 571  H HB2  . ALA A 1 38 ? -5.724  -13.244 -14.719 1.00 1.86  ? 38 ALA A HB2  1 
ATOM 572  H HB3  . ALA A 1 38 ? -5.270  -11.723 -15.488 1.00 2.07  ? 38 ALA A HB3  1 
ATOM 573  N N    . LYS A 1 39 ? -7.982  -12.781 -12.299 1.00 1.40  ? 39 LYS A N    1 
ATOM 574  C CA   . LYS A 1 39 ? -9.109  -13.713 -12.014 1.00 1.71  ? 39 LYS A CA   1 
ATOM 575  C C    . LYS A 1 39 ? -9.714  -13.388 -10.648 1.00 1.21  ? 39 LYS A C    1 
ATOM 576  O O    . LYS A 1 39 ? -10.376 -14.207 -10.042 1.00 1.23  ? 39 LYS A O    1 
ATOM 577  C CB   . LYS A 1 39 ? -8.590  -15.153 -12.013 1.00 2.43  ? 39 LYS A CB   1 
ATOM 578  C CG   . LYS A 1 39 ? -8.190  -15.555 -13.433 1.00 2.93  ? 39 LYS A CG   1 
ATOM 579  C CD   . LYS A 1 39 ? -7.380  -16.852 -13.389 1.00 3.66  ? 39 LYS A CD   1 
ATOM 580  C CE   . LYS A 1 39 ? -8.318  -18.034 -13.147 1.00 4.40  ? 39 LYS A CE   1 
ATOM 581  N NZ   . LYS A 1 39 ? -9.455  -17.971 -14.110 1.00 5.09  ? 39 LYS A NZ   1 
ATOM 582  H H    . LYS A 1 39 ? -7.451  -12.413 -11.563 1.00 1.34  ? 39 LYS A H    1 
ATOM 583  H HA   . LYS A 1 39 ? -9.866  -13.606 -12.778 1.00 2.15  ? 39 LYS A HA   1 
ATOM 584  H HB2  . LYS A 1 39 ? -7.731  -15.225 -11.361 1.00 2.88  ? 39 LYS A HB2  1 
ATOM 585  H HB3  . LYS A 1 39 ? -9.367  -15.815 -11.659 1.00 2.81  ? 39 LYS A HB3  1 
ATOM 586  H HG2  . LYS A 1 39 ? -9.080  -15.706 -14.028 1.00 3.12  ? 39 LYS A HG2  1 
ATOM 587  H HG3  . LYS A 1 39 ? -7.591  -14.772 -13.873 1.00 3.23  ? 39 LYS A HG3  1 
ATOM 588  H HD2  . LYS A 1 39 ? -6.864  -16.986 -14.328 1.00 3.88  ? 39 LYS A HD2  1 
ATOM 589  H HD3  . LYS A 1 39 ? -6.658  -16.798 -12.587 1.00 3.93  ? 39 LYS A HD3  1 
ATOM 590  H HE2  . LYS A 1 39 ? -7.778  -18.959 -13.290 1.00 4.62  ? 39 LYS A HE2  1 
ATOM 591  H HE3  . LYS A 1 39 ? -8.699  -17.991 -12.138 1.00 4.67  ? 39 LYS A HE3  1 
ATOM 592  H HZ1  . LYS A 1 39 ? -9.186  -17.385 -14.925 1.00 5.35  ? 39 LYS A HZ1  1 
ATOM 593  H HZ2  . LYS A 1 39 ? -9.689  -18.932 -14.434 1.00 5.33  ? 39 LYS A HZ2  1 
ATOM 594  H HZ3  . LYS A 1 39 ? -10.283 -17.550 -13.642 1.00 5.47  ? 39 LYS A HZ3  1 
ATOM 595  N N    . ALA A 1 40 ? -9.495  -12.199 -10.155 1.00 1.04  ? 40 ALA A N    1 
ATOM 596  C CA   . ALA A 1 40 ? -10.062 -11.828 -8.828  1.00 0.98  ? 40 ALA A CA   1 
ATOM 597  C C    . ALA A 1 40 ? -9.354  -10.578 -8.300  1.00 0.85  ? 40 ALA A C    1 
ATOM 598  O O    . ALA A 1 40 ? -8.150  -10.448 -8.396  1.00 1.18  ? 40 ALA A O    1 
ATOM 599  C CB   . ALA A 1 40 ? -9.857  -12.983 -7.845  1.00 1.48  ? 40 ALA A CB   1 
ATOM 600  H H    . ALA A 1 40 ? -8.960  -11.551 -10.659 1.00 1.22  ? 40 ALA A H    1 
ATOM 601  H HA   . ALA A 1 40 ? -11.118 -11.626 -8.931  1.00 1.23  ? 40 ALA A HA   1 
ATOM 602  H HB1  . ALA A 1 40 ? -8.886  -13.426 -8.008  1.00 1.84  ? 40 ALA A HB1  1 
ATOM 603  H HB2  . ALA A 1 40 ? -9.916  -12.609 -6.833  1.00 1.96  ? 40 ALA A HB2  1 
ATOM 604  H HB3  . ALA A 1 40 ? -10.625 -13.726 -7.999  1.00 1.92  ? 40 ALA A HB3  1 
ATOM 605  N N    . SER A 1 41 ? -10.092 -9.659  -7.741  1.00 0.82  ? 41 SER A N    1 
ATOM 606  C CA   . SER A 1 41 ? -9.460  -8.420  -7.206  1.00 0.76  ? 41 SER A CA   1 
ATOM 607  C C    . SER A 1 41 ? -9.198  -8.586  -5.708  1.00 0.85  ? 41 SER A C    1 
ATOM 608  O O    . SER A 1 41 ? -10.051 -9.030  -4.966  1.00 1.21  ? 41 SER A O    1 
ATOM 609  C CB   . SER A 1 41 ? -10.395 -7.232  -7.432  1.00 0.99  ? 41 SER A CB   1 
ATOM 610  O OG   . SER A 1 41 ? -11.188 -7.473  -8.587  1.00 1.65  ? 41 SER A OG   1 
ATOM 611  H H    . SER A 1 41 ? -11.061 -9.783  -7.671  1.00 1.13  ? 41 SER A H    1 
ATOM 612  H HA   . SER A 1 41 ? -8.524  -8.244  -7.717  1.00 0.66  ? 41 SER A HA   1 
ATOM 613  H HB2  . SER A 1 41 ? -11.040 -7.111  -6.579  1.00 1.50  ? 41 SER A HB2  1 
ATOM 614  H HB3  . SER A 1 41 ? -9.809  -6.333  -7.567  1.00 1.44  ? 41 SER A HB3  1 
ATOM 615  H HG   . SER A 1 41 ? -11.955 -6.896  -8.545  1.00 1.98  ? 41 SER A HG   1 
ATOM 616  N N    . MET A 1 42 ? -8.025  -8.233  -5.258  1.00 0.71  ? 42 MET A N    1 
ATOM 617  C CA   . MET A 1 42 ? -7.711  -8.372  -3.809  1.00 0.90  ? 42 MET A CA   1 
ATOM 618  C C    . MET A 1 42 ? -7.427  -6.991  -3.214  1.00 0.73  ? 42 MET A C    1 
ATOM 619  O O    . MET A 1 42 ? -7.070  -6.065  -3.913  1.00 0.82  ? 42 MET A O    1 
ATOM 620  C CB   . MET A 1 42 ? -6.480  -9.264  -3.636  1.00 1.15  ? 42 MET A CB   1 
ATOM 621  C CG   . MET A 1 42 ? -6.778  -10.658 -4.191  1.00 1.89  ? 42 MET A CG   1 
ATOM 622  S SD   . MET A 1 42 ? -5.290  -11.682 -4.080  1.00 2.40  ? 42 MET A SD   1 
ATOM 623  C CE   . MET A 1 42 ? -6.051  -13.100 -3.252  1.00 3.21  ? 42 MET A CE   1 
ATOM 624  H H    . MET A 1 42 ? -7.351  -7.877  -5.874  1.00 0.67  ? 42 MET A H    1 
ATOM 625  H HA   . MET A 1 42 ? -8.553  -8.817  -3.299  1.00 1.12  ? 42 MET A HA   1 
ATOM 626  H HB2  . MET A 1 42 ? -5.646  -8.833  -4.171  1.00 1.47  ? 42 MET A HB2  1 
ATOM 627  H HB3  . MET A 1 42 ? -6.234  -9.341  -2.588  1.00 1.62  ? 42 MET A HB3  1 
ATOM 628  H HG2  . MET A 1 42 ? -7.571  -11.112 -3.617  1.00 2.44  ? 42 MET A HG2  1 
ATOM 629  H HG3  . MET A 1 42 ? -7.083  -10.576 -5.224  1.00 2.35  ? 42 MET A HG3  1 
ATOM 630  H HE1  . MET A 1 42 ? -6.849  -13.490 -3.869  1.00 3.61  ? 42 MET A HE1  1 
ATOM 631  H HE2  . MET A 1 42 ? -5.311  -13.868 -3.098  1.00 3.65  ? 42 MET A HE2  1 
ATOM 632  H HE3  . MET A 1 42 ? -6.447  -12.786 -2.296  1.00 3.50  ? 42 MET A HE3  1 
ATOM 633  N N    . GLU A 1 43 ? -7.585  -6.847  -1.925  1.00 0.83  ? 43 GLU A N    1 
ATOM 634  C CA   . GLU A 1 43 ? -7.324  -5.526  -1.287  1.00 0.69  ? 43 GLU A CA   1 
ATOM 635  C C    . GLU A 1 43 ? -6.129  -5.645  -0.339  1.00 0.68  ? 43 GLU A C    1 
ATOM 636  O O    . GLU A 1 43 ? -5.827  -6.708  0.164   1.00 0.88  ? 43 GLU A O    1 
ATOM 637  C CB   . GLU A 1 43 ? -8.559  -5.087  -0.498  1.00 0.90  ? 43 GLU A CB   1 
ATOM 638  C CG   . GLU A 1 43 ? -9.823  -5.473  -1.271  1.00 1.33  ? 43 GLU A CG   1 
ATOM 639  C CD   . GLU A 1 43 ? -11.052 -5.224  -0.397  1.00 1.59  ? 43 GLU A CD   1 
ATOM 640  O OE1  . GLU A 1 43 ? -11.108 -4.178  0.229   1.00 2.08  ? 43 GLU A OE1  1 
ATOM 641  O OE2  . GLU A 1 43 ? -11.918 -6.083  -0.367  1.00 2.11  ? 43 GLU A OE2  1 
ATOM 642  H H    . GLU A 1 43 ? -7.873  -7.607  -1.379  1.00 1.15  ? 43 GLU A H    1 
ATOM 643  H HA   . GLU A 1 43 ? -7.106  -4.794  -2.050  1.00 0.64  ? 43 GLU A HA   1 
ATOM 644  H HB2  . GLU A 1 43 ? -8.563  -5.575  0.465   1.00 1.48  ? 43 GLU A HB2  1 
ATOM 645  H HB3  . GLU A 1 43 ? -8.538  -4.017  -0.360  1.00 1.59  ? 43 GLU A HB3  1 
ATOM 646  H HG2  . GLU A 1 43 ? -9.891  -4.877  -2.169  1.00 2.05  ? 43 GLU A HG2  1 
ATOM 647  H HG3  . GLU A 1 43 ? -9.777  -6.519  -1.536  1.00 1.91  ? 43 GLU A HG3  1 
ATOM 648  N N    . VAL A 1 44 ? -5.446  -4.560  -0.091  1.00 0.60  ? 44 VAL A N    1 
ATOM 649  C CA   . VAL A 1 44 ? -4.271  -4.611  0.824   1.00 0.76  ? 44 VAL A CA   1 
ATOM 650  C C    . VAL A 1 44 ? -4.386  -3.490  1.861   1.00 0.74  ? 44 VAL A C    1 
ATOM 651  O O    . VAL A 1 44 ? -4.260  -2.327  1.528   1.00 0.77  ? 44 VAL A O    1 
ATOM 652  C CB   . VAL A 1 44 ? -2.987  -4.426  0.014   1.00 0.90  ? 44 VAL A CB   1 
ATOM 653  C CG1  . VAL A 1 44 ? -1.776  -4.673  0.913   1.00 1.19  ? 44 VAL A CG1  1 
ATOM 654  C CG2  . VAL A 1 44 ? -2.971  -5.422  -1.148  1.00 0.94  ? 44 VAL A CG2  1 
ATOM 655  H H    . VAL A 1 44 ? -5.706  -3.712  -0.508  1.00 0.55  ? 44 VAL A H    1 
ATOM 656  H HA   . VAL A 1 44 ? -4.246  -5.567  1.324   1.00 0.90  ? 44 VAL A HA   1 
ATOM 657  H HB   . VAL A 1 44 ? -2.949  -3.418  -0.373  1.00 0.91  ? 44 VAL A HB   1 
ATOM 658  H HG11 . VAL A 1 44 ? -2.068  -5.291  1.749   1.00 1.47  ? 44 VAL A HG11 1 
ATOM 659  H HG12 . VAL A 1 44 ? -1.003  -5.174  0.347   1.00 1.58  ? 44 VAL A HG12 1 
ATOM 660  H HG13 . VAL A 1 44 ? -1.399  -3.728  1.278   1.00 1.72  ? 44 VAL A HG13 1 
ATOM 661  H HG21 . VAL A 1 44 ? -3.815  -6.090  -1.062  1.00 1.24  ? 44 VAL A HG21 1 
ATOM 662  H HG22 . VAL A 1 44 ? -3.031  -4.884  -2.083  1.00 1.36  ? 44 VAL A HG22 1 
ATOM 663  H HG23 . VAL A 1 44 ? -2.055  -5.993  -1.119  1.00 1.56  ? 44 VAL A HG23 1 
ATOM 664  N N    . PRO A 1 45 ? -4.621  -3.873  3.088   1.00 0.72  ? 45 PRO A N    1 
ATOM 665  C CA   . PRO A 1 45 ? -4.759  -2.923  4.204   1.00 0.74  ? 45 PRO A CA   1 
ATOM 666  C C    . PRO A 1 45 ? -3.384  -2.427  4.658   1.00 0.72  ? 45 PRO A C    1 
ATOM 667  O O    . PRO A 1 45 ? -2.386  -2.639  3.998   1.00 0.72  ? 45 PRO A O    1 
ATOM 668  C CB   . PRO A 1 45 ? -5.429  -3.752  5.302   1.00 0.81  ? 45 PRO A CB   1 
ATOM 669  C CG   . PRO A 1 45 ? -5.124  -5.232  4.976   1.00 0.82  ? 45 PRO A CG   1 
ATOM 670  C CD   . PRO A 1 45 ? -4.770  -5.290  3.478   1.00 0.75  ? 45 PRO A CD   1 
ATOM 671  H HA   . PRO A 1 45 ? -5.391  -2.096  3.928   1.00 0.77  ? 45 PRO A HA   1 
ATOM 672  H HB2  . PRO A 1 45 ? -5.020  -3.487  6.268   1.00 0.84  ? 45 PRO A HB2  1 
ATOM 673  H HB3  . PRO A 1 45 ? -6.496  -3.590  5.292   1.00 0.88  ? 45 PRO A HB3  1 
ATOM 674  H HG2  . PRO A 1 45 ? -4.288  -5.575  5.571   1.00 0.83  ? 45 PRO A HG2  1 
ATOM 675  H HG3  . PRO A 1 45 ? -5.992  -5.842  5.170   1.00 0.89  ? 45 PRO A HG3  1 
ATOM 676  H HD2  . PRO A 1 45 ? -3.843  -5.826  3.330   1.00 0.74  ? 45 PRO A HD2  1 
ATOM 677  H HD3  . PRO A 1 45 ? -5.570  -5.748  2.917   1.00 0.80  ? 45 PRO A HD3  1 
ATOM 678  N N    . SER A 1 46 ? -3.327  -1.766  5.780   1.00 0.76  ? 46 SER A N    1 
ATOM 679  C CA   . SER A 1 46 ? -2.020  -1.255  6.279   1.00 0.80  ? 46 SER A CA   1 
ATOM 680  C C    . SER A 1 46 ? -1.306  -2.357  7.068   1.00 0.88  ? 46 SER A C    1 
ATOM 681  O O    . SER A 1 46 ? -1.828  -2.850  8.050   1.00 0.94  ? 46 SER A O    1 
ATOM 682  C CB   . SER A 1 46 ? -2.260  -0.052  7.193   1.00 0.85  ? 46 SER A CB   1 
ATOM 683  O OG   . SER A 1 46 ? -1.179  0.067   8.107   1.00 0.95  ? 46 SER A OG   1 
ATOM 684  H H    . SER A 1 46 ? -4.146  -1.606  6.294   1.00 0.79  ? 46 SER A H    1 
ATOM 685  H HA   . SER A 1 46 ? -1.410  -0.953  5.442   1.00 0.80  ? 46 SER A HA   1 
ATOM 686  H HB2  . SER A 1 46 ? -2.324  0.845   6.601   1.00 0.87  ? 46 SER A HB2  1 
ATOM 687  H HB3  . SER A 1 46 ? -3.188  -0.191  7.732   1.00 0.95  ? 46 SER A HB3  1 
ATOM 688  H HG   . SER A 1 46 ? -0.774  0.927   7.978   1.00 1.02  ? 46 SER A HG   1 
ATOM 689  N N    . PRO A 1 47 ? -0.132  -2.710  6.615   1.00 0.94  ? 47 PRO A N    1 
ATOM 690  C CA   . PRO A 1 47 ? 0.687   -3.752  7.258   1.00 1.05  ? 47 PRO A CA   1 
ATOM 691  C C    . PRO A 1 47 ? 1.375   -3.192  8.506   1.00 1.16  ? 47 PRO A C    1 
ATOM 692  O O    . PRO A 1 47 ? 2.094   -3.886  9.196   1.00 1.31  ? 47 PRO A O    1 
ATOM 693  C CB   . PRO A 1 47 ? 1.713   -4.118  6.183   1.00 1.13  ? 47 PRO A CB   1 
ATOM 694  C CG   . PRO A 1 47 ? 1.793   -2.903  5.227   1.00 1.12  ? 47 PRO A CG   1 
ATOM 695  C CD   . PRO A 1 47 ? 0.490   -2.104  5.421   1.00 0.97  ? 47 PRO A CD   1 
ATOM 696  H HA   . PRO A 1 47 ? 0.087   -4.612  7.506   1.00 1.06  ? 47 PRO A HA   1 
ATOM 697  H HB2  . PRO A 1 47 ? 2.678   -4.300  6.639   1.00 1.24  ? 47 PRO A HB2  1 
ATOM 698  H HB3  . PRO A 1 47 ? 1.387   -4.988  5.638   1.00 1.13  ? 47 PRO A HB3  1 
ATOM 699  H HG2  . PRO A 1 47 ? 2.648   -2.290  5.478   1.00 1.20  ? 47 PRO A HG2  1 
ATOM 700  H HG3  . PRO A 1 47 ? 1.865   -3.240  4.205   1.00 1.16  ? 47 PRO A HG3  1 
ATOM 701  H HD2  . PRO A 1 47 ? 0.710   -1.060  5.594   1.00 0.98  ? 47 PRO A HD2  1 
ATOM 702  H HD3  . PRO A 1 47 ? -0.157  -2.219  4.565   1.00 0.94  ? 47 PRO A HD3  1 
ATOM 703  N N    . LYS A 1 48 ? 1.158   -1.940  8.797   1.00 1.10  ? 48 LYS A N    1 
ATOM 704  C CA   . LYS A 1 48 ? 1.796   -1.330  9.997   1.00 1.24  ? 48 LYS A CA   1 
ATOM 705  C C    . LYS A 1 48 ? 1.028   -0.068  10.395  1.00 1.15  ? 48 LYS A C    1 
ATOM 706  O O    . LYS A 1 48 ? 0.630   0.717   9.556   1.00 1.23  ? 48 LYS A O    1 
ATOM 707  C CB   . LYS A 1 48 ? 3.246   -0.966  9.675   1.00 1.38  ? 48 LYS A CB   1 
ATOM 708  C CG   . LYS A 1 48 ? 4.181   -2.033  10.247  1.00 1.76  ? 48 LYS A CG   1 
ATOM 709  C CD   . LYS A 1 48 ? 5.453   -1.368  10.778  1.00 1.86  ? 48 LYS A CD   1 
ATOM 710  C CE   . LYS A 1 48 ? 5.806   -1.959  12.143  1.00 2.38  ? 48 LYS A CE   1 
ATOM 711  N NZ   . LYS A 1 48 ? 7.288   -2.024  12.287  1.00 3.13  ? 48 LYS A NZ   1 
ATOM 712  H H    . LYS A 1 48 ? 0.574   -1.400  8.226   1.00 0.99  ? 48 LYS A H    1 
ATOM 713  H HA   . LYS A 1 48 ? 1.775   -2.036  10.815  1.00 1.34  ? 48 LYS A HA   1 
ATOM 714  H HB2  . LYS A 1 48 ? 3.373   -0.910  8.603   1.00 1.51  ? 48 LYS A HB2  1 
ATOM 715  H HB3  . LYS A 1 48 ? 3.484   -0.008  10.116  1.00 1.45  ? 48 LYS A HB3  1 
ATOM 716  H HG2  . LYS A 1 48 ? 3.683   -2.553  11.052  1.00 2.16  ? 48 LYS A HG2  1 
ATOM 717  H HG3  . LYS A 1 48 ? 4.442   -2.736  9.471   1.00 2.34  ? 48 LYS A HG3  1 
ATOM 718  H HD2  . LYS A 1 48 ? 6.265   -1.542  10.087  1.00 2.30  ? 48 LYS A HD2  1 
ATOM 719  H HD3  . LYS A 1 48 ? 5.288   -0.306  10.879  1.00 2.19  ? 48 LYS A HD3  1 
ATOM 720  H HE2  . LYS A 1 48 ? 5.396   -1.335  12.923  1.00 2.72  ? 48 LYS A HE2  1 
ATOM 721  H HE3  . LYS A 1 48 ? 5.392   -2.954  12.223  1.00 2.69  ? 48 LYS A HE3  1 
ATOM 722  H HZ1  . LYS A 1 48 ? 7.683   -2.623  11.536  1.00 3.41  ? 48 LYS A HZ1  1 
ATOM 723  H HZ2  . LYS A 1 48 ? 7.687   -1.068  12.212  1.00 3.51  ? 48 LYS A HZ2  1 
ATOM 724  H HZ3  . LYS A 1 48 ? 7.528   -2.429  13.216  1.00 3.55  ? 48 LYS A HZ3  1 
ATOM 725  N N    . ALA A 1 49 ? 0.818   0.136   11.666  1.00 1.12  ? 49 ALA A N    1 
ATOM 726  C CA   . ALA A 1 49 ? 0.076   1.349   12.112  1.00 1.08  ? 49 ALA A CA   1 
ATOM 727  C C    . ALA A 1 49 ? 1.023   2.550   12.126  1.00 1.14  ? 49 ALA A C    1 
ATOM 728  O O    . ALA A 1 49 ? 1.694   2.812   13.105  1.00 1.43  ? 49 ALA A O    1 
ATOM 729  C CB   . ALA A 1 49 ? -0.478  1.119   13.520  1.00 1.26  ? 49 ALA A CB   1 
ATOM 730  H H    . ALA A 1 49 ? 1.146   -0.508  12.327  1.00 1.22  ? 49 ALA A H    1 
ATOM 731  H HA   . ALA A 1 49 ? -0.741  1.543   11.432  1.00 1.06  ? 49 ALA A HA   1 
ATOM 732  H HB1  . ALA A 1 49 ? -0.494  0.060   13.732  1.00 1.67  ? 49 ALA A HB1  1 
ATOM 733  H HB2  . ALA A 1 49 ? 0.152   1.621   14.240  1.00 1.62  ? 49 ALA A HB2  1 
ATOM 734  H HB3  . ALA A 1 49 ? -1.481  1.514   13.581  1.00 1.72  ? 49 ALA A HB3  1 
ATOM 735  N N    . GLY A 1 50 ? 1.085   3.283   11.048  1.00 1.01  ? 50 GLY A N    1 
ATOM 736  C CA   . GLY A 1 50 ? 1.990   4.465   11.002  1.00 1.20  ? 50 GLY A CA   1 
ATOM 737  C C    . GLY A 1 50 ? 1.318   5.593   10.216  1.00 1.04  ? 50 GLY A C    1 
ATOM 738  O O    . GLY A 1 50 ? 0.127   5.573   9.978   1.00 1.06  ? 50 GLY A O    1 
ATOM 739  H H    . GLY A 1 50 ? 0.535   3.055   10.268  1.00 0.92  ? 50 GLY A H    1 
ATOM 740  H HA2  . GLY A 1 50 ? 2.197   4.799   12.009  1.00 1.39  ? 50 GLY A HA2  1 
ATOM 741  H HA3  . GLY A 1 50 ? 2.914   4.193   10.515  1.00 1.39  ? 50 GLY A HA3  1 
ATOM 742  N N    . VAL A 1 51 ? 2.073   6.579   9.812   1.00 0.99  ? 51 VAL A N    1 
ATOM 743  C CA   . VAL A 1 51 ? 1.477   7.706   9.043   1.00 0.90  ? 51 VAL A CA   1 
ATOM 744  C C    . VAL A 1 51 ? 2.097   7.754   7.644   1.00 0.84  ? 51 VAL A C    1 
ATOM 745  O O    . VAL A 1 51 ? 3.298   7.863   7.491   1.00 0.93  ? 51 VAL A O    1 
ATOM 746  C CB   . VAL A 1 51 ? 1.757   9.023   9.769   1.00 0.99  ? 51 VAL A CB   1 
ATOM 747  C CG1  . VAL A 1 51 ? 3.267   9.222   9.903   1.00 1.08  ? 51 VAL A CG1  1 
ATOM 748  C CG2  . VAL A 1 51 ? 1.160   10.183  8.969   1.00 0.97  ? 51 VAL A CG2  1 
ATOM 749  H H    . VAL A 1 51 ? 3.032   6.576   10.015  1.00 1.08  ? 51 VAL A H    1 
ATOM 750  H HA   . VAL A 1 51 ? 0.410   7.561   8.959   1.00 0.86  ? 51 VAL A HA   1 
ATOM 751  H HB   . VAL A 1 51 ? 1.309   8.993   10.752  1.00 1.07  ? 51 VAL A HB   1 
ATOM 752  H HG11 . VAL A 1 51 ? 3.724   8.302   10.238  1.00 1.37  ? 51 VAL A HG11 1 
ATOM 753  H HG12 . VAL A 1 51 ? 3.680   9.502   8.946   1.00 1.54  ? 51 VAL A HG12 1 
ATOM 754  H HG13 . VAL A 1 51 ? 3.465   10.003  10.624  1.00 1.52  ? 51 VAL A HG13 1 
ATOM 755  H HG21 . VAL A 1 51 ? 1.380   10.046  7.920   1.00 1.42  ? 51 VAL A HG21 1 
ATOM 756  H HG22 . VAL A 1 51 ? 0.090   10.206  9.113   1.00 1.38  ? 51 VAL A HG22 1 
ATOM 757  H HG23 . VAL A 1 51 ? 1.589   11.114  9.308   1.00 1.43  ? 51 VAL A HG23 1 
ATOM 758  N N    . VAL A 1 52 ? 1.288   7.673   6.624   1.00 0.76  ? 52 VAL A N    1 
ATOM 759  C CA   . VAL A 1 52 ? 1.832   7.713   5.237   1.00 0.72  ? 52 VAL A CA   1 
ATOM 760  C C    . VAL A 1 52 ? 2.887   8.817   5.136   1.00 0.75  ? 52 VAL A C    1 
ATOM 761  O O    . VAL A 1 52 ? 2.716   9.902   5.654   1.00 0.79  ? 52 VAL A O    1 
ATOM 762  C CB   . VAL A 1 52 ? 0.698   8.001   4.253   1.00 0.71  ? 52 VAL A CB   1 
ATOM 763  C CG1  . VAL A 1 52 ? 1.257   8.059   2.830   1.00 0.76  ? 52 VAL A CG1  1 
ATOM 764  C CG2  . VAL A 1 52 ? -0.349  6.888   4.343   1.00 0.75  ? 52 VAL A CG2  1 
ATOM 765  H H    . VAL A 1 52 ? 0.323   7.585   6.769   1.00 0.78  ? 52 VAL A H    1 
ATOM 766  H HA   . VAL A 1 52 ? 2.283   6.761   5.000   1.00 0.73  ? 52 VAL A HA   1 
ATOM 767  H HB   . VAL A 1 52 ? 0.241   8.950   4.499   1.00 0.71  ? 52 VAL A HB   1 
ATOM 768  H HG11 . VAL A 1 52 ? 2.115   7.408   2.755   1.00 1.27  ? 52 VAL A HG11 1 
ATOM 769  H HG12 . VAL A 1 52 ? 0.499   7.737   2.132   1.00 1.32  ? 52 VAL A HG12 1 
ATOM 770  H HG13 . VAL A 1 52 ? 1.553   9.072   2.600   1.00 1.21  ? 52 VAL A HG13 1 
ATOM 771  H HG21 . VAL A 1 52 ? -0.245  6.372   5.286   1.00 1.23  ? 52 VAL A HG21 1 
ATOM 772  H HG22 . VAL A 1 52 ? -1.338  7.317   4.276   1.00 1.34  ? 52 VAL A HG22 1 
ATOM 773  H HG23 . VAL A 1 52 ? -0.204  6.190   3.533   1.00 1.24  ? 52 VAL A HG23 1 
ATOM 774  N N    . LYS A 1 53 ? 3.979   8.548   4.473   1.00 0.79  ? 53 LYS A N    1 
ATOM 775  C CA   . LYS A 1 53 ? 5.044   9.582   4.340   1.00 0.86  ? 53 LYS A CA   1 
ATOM 776  C C    . LYS A 1 53 ? 5.163   10.005  2.874   1.00 0.84  ? 53 LYS A C    1 
ATOM 777  O O    . LYS A 1 53 ? 5.319   11.169  2.564   1.00 0.97  ? 53 LYS A O    1 
ATOM 778  C CB   . LYS A 1 53 ? 6.378   9.004   4.814   1.00 1.01  ? 53 LYS A CB   1 
ATOM 779  C CG   . LYS A 1 53 ? 7.372   10.143  5.050   1.00 1.30  ? 53 LYS A CG   1 
ATOM 780  C CD   . LYS A 1 53 ? 8.713   9.564   5.506   1.00 1.57  ? 53 LYS A CD   1 
ATOM 781  C CE   . LYS A 1 53 ? 9.844   10.512  5.100   1.00 1.95  ? 53 LYS A CE   1 
ATOM 782  N NZ   . LYS A 1 53 ? 10.217  11.366  6.264   1.00 2.49  ? 53 LYS A NZ   1 
ATOM 783  H H    . LYS A 1 53 ? 4.098   7.666   4.063   1.00 0.82  ? 53 LYS A H    1 
ATOM 784  H HA   . LYS A 1 53 ? 4.788   10.441  4.942   1.00 0.92  ? 53 LYS A HA   1 
ATOM 785  H HB2  . LYS A 1 53 ? 6.228   8.460   5.735   1.00 1.16  ? 53 LYS A HB2  1 
ATOM 786  H HB3  . LYS A 1 53 ? 6.770   8.337   4.062   1.00 1.02  ? 53 LYS A HB3  1 
ATOM 787  H HG2  . LYS A 1 53 ? 7.511   10.695  4.131   1.00 1.63  ? 53 LYS A HG2  1 
ATOM 788  H HG3  . LYS A 1 53 ? 6.990   10.804  5.812   1.00 2.01  ? 53 LYS A HG3  1 
ATOM 789  H HD2  . LYS A 1 53 ? 8.707   9.448   6.581   1.00 2.15  ? 53 LYS A HD2  1 
ATOM 790  H HD3  . LYS A 1 53 ? 8.868   8.603   5.041   1.00 1.99  ? 53 LYS A HD3  1 
ATOM 791  H HE2  . LYS A 1 53 ? 10.701  9.936   4.787   1.00 2.32  ? 53 LYS A HE2  1 
ATOM 792  H HE3  . LYS A 1 53 ? 9.513   11.138  4.285   1.00 2.39  ? 53 LYS A HE3  1 
ATOM 793  H HZ1  . LYS A 1 53 ? 9.359   11.776  6.681   1.00 2.78  ? 53 LYS A HZ1  1 
ATOM 794  H HZ2  . LYS A 1 53 ? 10.705  10.789  6.976   1.00 2.93  ? 53 LYS A HZ2  1 
ATOM 795  H HZ3  . LYS A 1 53 ? 10.847  12.130  5.943   1.00 2.86  ? 53 LYS A HZ3  1 
ATOM 796  N N    . SER A 1 54 ? 5.091   9.067   1.968   1.00 0.81  ? 54 SER A N    1 
ATOM 797  C CA   . SER A 1 54 ? 5.201   9.416   0.524   1.00 0.89  ? 54 SER A CA   1 
ATOM 798  C C    . SER A 1 54 ? 4.553   8.315   -0.317  1.00 0.77  ? 54 SER A C    1 
ATOM 799  O O    . SER A 1 54 ? 4.625   7.148   0.010   1.00 0.81  ? 54 SER A O    1 
ATOM 800  C CB   . SER A 1 54 ? 6.675   9.549   0.143   1.00 1.11  ? 54 SER A CB   1 
ATOM 801  O OG   . SER A 1 54 ? 6.886   10.805  -0.489  1.00 1.67  ? 54 SER A OG   1 
ATOM 802  H H    . SER A 1 54 ? 4.965   8.134   2.238   1.00 0.84  ? 54 SER A H    1 
ATOM 803  H HA   . SER A 1 54 ? 4.696   10.354  0.341   1.00 0.98  ? 54 SER A HA   1 
ATOM 804  H HB2  . SER A 1 54 ? 7.285   9.491   1.028   1.00 1.49  ? 54 SER A HB2  1 
ATOM 805  H HB3  . SER A 1 54 ? 6.945   8.746   -0.531  1.00 1.67  ? 54 SER A HB3  1 
ATOM 806  H HG   . SER A 1 54 ? 7.802   10.844  -0.774  1.00 2.07  ? 54 SER A HG   1 
ATOM 807  N N    . VAL A 1 55 ? 3.921   8.678   -1.400  1.00 0.85  ? 55 VAL A N    1 
ATOM 808  C CA   . VAL A 1 55 ? 3.269   7.651   -2.261  1.00 0.78  ? 55 VAL A CA   1 
ATOM 809  C C    . VAL A 1 55 ? 4.091   7.460   -3.537  1.00 0.76  ? 55 VAL A C    1 
ATOM 810  O O    . VAL A 1 55 ? 4.166   8.336   -4.376  1.00 0.88  ? 55 VAL A O    1 
ATOM 811  C CB   . VAL A 1 55 ? 1.858   8.114   -2.628  1.00 0.89  ? 55 VAL A CB   1 
ATOM 812  C CG1  . VAL A 1 55 ? 1.143   7.007   -3.406  1.00 0.96  ? 55 VAL A CG1  1 
ATOM 813  C CG2  . VAL A 1 55 ? 1.076   8.425   -1.349  1.00 0.96  ? 55 VAL A CG2  1 
ATOM 814  H H    . VAL A 1 55 ? 3.874   9.625   -1.647  1.00 1.06  ? 55 VAL A H    1 
ATOM 815  H HA   . VAL A 1 55 ? 3.214   6.715   -1.726  1.00 0.75  ? 55 VAL A HA   1 
ATOM 816  H HB   . VAL A 1 55 ? 1.919   9.002   -3.240  1.00 0.97  ? 55 VAL A HB   1 
ATOM 817  H HG11 . VAL A 1 55 ? 1.334   6.055   -2.934  1.00 1.32  ? 55 VAL A HG11 1 
ATOM 818  H HG12 . VAL A 1 55 ? 0.080   7.200   -3.409  1.00 1.38  ? 55 VAL A HG12 1 
ATOM 819  H HG13 . VAL A 1 55 ? 1.509   6.987   -4.421  1.00 1.50  ? 55 VAL A HG13 1 
ATOM 820  H HG21 . VAL A 1 55 ? 1.745   8.392   -0.502  1.00 1.31  ? 55 VAL A HG21 1 
ATOM 821  H HG22 . VAL A 1 55 ? 0.639   9.409   -1.425  1.00 1.51  ? 55 VAL A HG22 1 
ATOM 822  H HG23 . VAL A 1 55 ? 0.294   7.692   -1.219  1.00 1.36  ? 55 VAL A HG23 1 
ATOM 823  N N    . SER A 1 56 ? 4.708   6.320   -3.692  1.00 0.71  ? 56 SER A N    1 
ATOM 824  C CA   . SER A 1 56 ? 5.525   6.074   -4.913  1.00 0.78  ? 56 SER A CA   1 
ATOM 825  C C    . SER A 1 56 ? 4.645   5.448   -5.997  1.00 0.80  ? 56 SER A C    1 
ATOM 826  O O    . SER A 1 56 ? 5.133   4.881   -6.955  1.00 0.91  ? 56 SER A O    1 
ATOM 827  C CB   . SER A 1 56 ? 6.674   5.123   -4.577  1.00 0.83  ? 56 SER A CB   1 
ATOM 828  O OG   . SER A 1 56 ? 7.767   5.872   -4.062  1.00 1.40  ? 56 SER A OG   1 
ATOM 829  H H    . SER A 1 56 ? 4.635   5.626   -3.003  1.00 0.71  ? 56 SER A H    1 
ATOM 830  H HA   . SER A 1 56 ? 5.926   7.011   -5.273  1.00 0.86  ? 56 SER A HA   1 
ATOM 831  H HB2  . SER A 1 56 ? 6.349   4.413   -3.834  1.00 1.26  ? 56 SER A HB2  1 
ATOM 832  H HB3  . SER A 1 56 ? 6.975   4.593   -5.471  1.00 1.36  ? 56 SER A HB3  1 
ATOM 833  H HG   . SER A 1 56 ? 8.483   5.826   -4.700  1.00 1.84  ? 56 SER A HG   1 
ATOM 834  N N    . VAL A 1 57 ? 3.352   5.545   -5.855  1.00 0.77  ? 57 VAL A N    1 
ATOM 835  C CA   . VAL A 1 57 ? 2.442   4.955   -6.878  1.00 0.85  ? 57 VAL A CA   1 
ATOM 836  C C    . VAL A 1 57 ? 1.256   5.894   -7.108  1.00 0.80  ? 57 VAL A C    1 
ATOM 837  O O    . VAL A 1 57 ? 1.154   6.941   -6.501  1.00 0.82  ? 57 VAL A O    1 
ATOM 838  C CB   . VAL A 1 57 ? 1.932   3.600   -6.385  1.00 0.94  ? 57 VAL A CB   1 
ATOM 839  C CG1  . VAL A 1 57 ? 3.109   2.635   -6.233  1.00 1.12  ? 57 VAL A CG1  1 
ATOM 840  C CG2  . VAL A 1 57 ? 1.243   3.778   -5.031  1.00 0.95  ? 57 VAL A CG2  1 
ATOM 841  H H    . VAL A 1 57 ? 2.978   6.006   -5.075  1.00 0.74  ? 57 VAL A H    1 
ATOM 842  H HA   . VAL A 1 57 ? 2.982   4.822   -7.804  1.00 0.96  ? 57 VAL A HA   1 
ATOM 843  H HB   . VAL A 1 57 ? 1.228   3.199   -7.101  1.00 0.98  ? 57 VAL A HB   1 
ATOM 844  H HG11 . VAL A 1 57 ? 3.891   3.108   -5.656  1.00 1.52  ? 57 VAL A HG11 1 
ATOM 845  H HG12 . VAL A 1 57 ? 2.779   1.741   -5.726  1.00 1.60  ? 57 VAL A HG12 1 
ATOM 846  H HG13 . VAL A 1 57 ? 3.491   2.375   -7.210  1.00 1.51  ? 57 VAL A HG13 1 
ATOM 847  H HG21 . VAL A 1 57 ? 0.546   4.601   -5.088  1.00 1.30  ? 57 VAL A HG21 1 
ATOM 848  H HG22 . VAL A 1 57 ? 0.710   2.873   -4.777  1.00 1.34  ? 57 VAL A HG22 1 
ATOM 849  H HG23 . VAL A 1 57 ? 1.984   3.984   -4.273  1.00 1.56  ? 57 VAL A HG23 1 
ATOM 850  N N    . LYS A 1 58 ? 0.360   5.527   -7.983  1.00 0.81  ? 58 LYS A N    1 
ATOM 851  C CA   . LYS A 1 58 ? -0.819  6.399   -8.251  1.00 0.82  ? 58 LYS A CA   1 
ATOM 852  C C    . LYS A 1 58 ? -2.060  5.529   -8.462  1.00 0.75  ? 58 LYS A C    1 
ATOM 853  O O    . LYS A 1 58 ? -1.982  4.316   -8.490  1.00 0.83  ? 58 LYS A O    1 
ATOM 854  C CB   . LYS A 1 58 ? -0.560  7.232   -9.508  1.00 0.91  ? 58 LYS A CB   1 
ATOM 855  C CG   . LYS A 1 58 ? -1.028  8.670   -9.272  1.00 1.13  ? 58 LYS A CG   1 
ATOM 856  C CD   . LYS A 1 58 ? -0.231  9.620   -10.168 1.00 1.72  ? 58 LYS A CD   1 
ATOM 857  C CE   . LYS A 1 58 ? -1.067  10.867  -10.462 1.00 2.47  ? 58 LYS A CE   1 
ATOM 858  N NZ   . LYS A 1 58 ? -0.341  11.734  -11.433 1.00 3.16  ? 58 LYS A NZ   1 
ATOM 859  H H    . LYS A 1 58 ? 0.460   4.678   -8.462  1.00 0.87  ? 58 LYS A H    1 
ATOM 860  H HA   . LYS A 1 58 ? -0.979  7.056   -7.409  1.00 0.90  ? 58 LYS A HA   1 
ATOM 861  H HB2  . LYS A 1 58 ? 0.496   7.229   -9.730  1.00 1.02  ? 58 LYS A HB2  1 
ATOM 862  H HB3  . LYS A 1 58 ? -1.105  6.811   -10.339 1.00 0.91  ? 58 LYS A HB3  1 
ATOM 863  H HG2  . LYS A 1 58 ? -2.080  8.749   -9.508  1.00 1.41  ? 58 LYS A HG2  1 
ATOM 864  H HG3  . LYS A 1 58 ? -0.870  8.936   -8.238  1.00 1.44  ? 58 LYS A HG3  1 
ATOM 865  H HD2  . LYS A 1 58 ? 0.682   9.908   -9.665  1.00 2.16  ? 58 LYS A HD2  1 
ATOM 866  H HD3  . LYS A 1 58 ? 0.010   9.123   -11.095 1.00 2.13  ? 58 LYS A HD3  1 
ATOM 867  H HE2  . LYS A 1 58 ? -2.016  10.573  -10.882 1.00 2.88  ? 58 LYS A HE2  1 
ATOM 868  H HE3  . LYS A 1 58 ? -1.232  11.414  -9.545  1.00 2.82  ? 58 LYS A HE3  1 
ATOM 869  H HZ1  . LYS A 1 58 ? 0.247   11.142  -12.055 1.00 3.63  ? 58 LYS A HZ1  1 
ATOM 870  H HZ2  . LYS A 1 58 ? -1.028  12.261  -12.009 1.00 3.46  ? 58 LYS A HZ2  1 
ATOM 871  H HZ3  . LYS A 1 58 ? 0.265   12.403  -10.915 1.00 3.45  ? 58 LYS A HZ3  1 
ATOM 872  N N    . LEU A 1 59 ? -3.204  6.137   -8.610  1.00 0.77  ? 59 LEU A N    1 
ATOM 873  C CA   . LEU A 1 59 ? -4.448  5.344   -8.820  1.00 0.81  ? 59 LEU A CA   1 
ATOM 874  C C    . LEU A 1 59 ? -4.596  5.010   -10.305 1.00 0.73  ? 59 LEU A C    1 
ATOM 875  O O    . LEU A 1 59 ? -4.509  5.871   -11.157 1.00 0.82  ? 59 LEU A O    1 
ATOM 876  C CB   . LEU A 1 59 ? -5.658  6.160   -8.358  1.00 0.96  ? 59 LEU A CB   1 
ATOM 877  C CG   . LEU A 1 59 ? -5.699  7.488   -9.117  1.00 0.97  ? 59 LEU A CG   1 
ATOM 878  C CD1  . LEU A 1 59 ? -6.989  7.569   -9.935  1.00 1.15  ? 59 LEU A CD1  1 
ATOM 879  C CD2  . LEU A 1 59 ? -5.656  8.646   -8.118  1.00 1.20  ? 59 LEU A CD2  1 
ATOM 880  H H    . LEU A 1 59 ? -3.246  7.117   -8.584  1.00 0.87  ? 59 LEU A H    1 
ATOM 881  H HA   . LEU A 1 59 ? -4.392  4.430   -8.249  1.00 0.89  ? 59 LEU A HA   1 
ATOM 882  H HB2  . LEU A 1 59 ? -6.563  5.604   -8.554  1.00 1.06  ? 59 LEU A HB2  1 
ATOM 883  H HB3  . LEU A 1 59 ? -5.577  6.356   -7.300  1.00 1.09  ? 59 LEU A HB3  1 
ATOM 884  H HG   . LEU A 1 59 ? -4.849  7.549   -9.780  1.00 0.87  ? 59 LEU A HG   1 
ATOM 885  H HD11 . LEU A 1 59 ? -7.727  6.904   -9.510  1.00 1.59  ? 59 LEU A HD11 1 
ATOM 886  H HD12 . LEU A 1 59 ? -7.363  8.581   -9.918  1.00 1.60  ? 59 LEU A HD12 1 
ATOM 887  H HD13 . LEU A 1 59 ? -6.788  7.276   -10.955 1.00 1.48  ? 59 LEU A HD13 1 
ATOM 888  H HD21 . LEU A 1 59 ? -6.215  8.379   -7.234  1.00 1.62  ? 59 LEU A HD21 1 
ATOM 889  H HD22 . LEU A 1 59 ? -4.631  8.851   -7.848  1.00 1.43  ? 59 LEU A HD22 1 
ATOM 890  H HD23 . LEU A 1 59 ? -6.092  9.526   -8.568  1.00 1.78  ? 59 LEU A HD23 1 
ATOM 891  N N    . GLY A 1 60 ? -4.820  3.764   -10.623 1.00 0.74  ? 60 GLY A N    1 
ATOM 892  C CA   . GLY A 1 60 ? -4.974  3.375   -12.053 1.00 0.81  ? 60 GLY A CA   1 
ATOM 893  C C    . GLY A 1 60 ? -3.611  2.980   -12.625 1.00 0.74  ? 60 GLY A C    1 
ATOM 894  O O    . GLY A 1 60 ? -3.516  2.432   -13.706 1.00 0.84  ? 60 GLY A O    1 
ATOM 895  H H    . GLY A 1 60 ? -4.888  3.084   -9.921  1.00 0.82  ? 60 GLY A H    1 
ATOM 896  H HA2  . GLY A 1 60 ? -5.654  2.538   -12.129 1.00 0.93  ? 60 GLY A HA2  1 
ATOM 897  H HA3  . GLY A 1 60 ? -5.366  4.210   -12.614 1.00 0.90  ? 60 GLY A HA3  1 
ATOM 898  N N    . ASP A 1 61 ? -2.555  3.252   -11.909 1.00 0.67  ? 61 ASP A N    1 
ATOM 899  C CA   . ASP A 1 61 ? -1.200  2.891   -12.412 1.00 0.69  ? 61 ASP A CA   1 
ATOM 900  C C    . ASP A 1 61 ? -0.991  1.381   -12.277 1.00 0.63  ? 61 ASP A C    1 
ATOM 901  O O    . ASP A 1 61 ? -1.629  0.726   -11.477 1.00 0.64  ? 61 ASP A O    1 
ATOM 902  C CB   . ASP A 1 61 ? -0.138  3.628   -11.593 1.00 0.75  ? 61 ASP A CB   1 
ATOM 903  C CG   . ASP A 1 61 ? 0.161   4.981   -12.242 1.00 0.92  ? 61 ASP A CG   1 
ATOM 904  O OD1  . ASP A 1 61 ? -0.731  5.814   -12.267 1.00 1.52  ? 61 ASP A OD1  1 
ATOM 905  O OD2  . ASP A 1 61 ? 1.275   5.161   -12.703 1.00 1.35  ? 61 ASP A OD2  1 
ATOM 906  H H    . ASP A 1 61 ? -2.653  3.694   -11.039 1.00 0.67  ? 61 ASP A H    1 
ATOM 907  H HA   . ASP A 1 61 ? -1.114  3.176   -13.450 1.00 0.82  ? 61 ASP A HA   1 
ATOM 908  H HB2  . ASP A 1 61 ? -0.503  3.783   -10.588 1.00 0.75  ? 61 ASP A HB2  1 
ATOM 909  H HB3  . ASP A 1 61 ? 0.766   3.039   -11.561 1.00 0.79  ? 61 ASP A HB3  1 
ATOM 910  N N    . LYS A 1 62 ? -0.101  0.824   -13.053 1.00 0.70  ? 62 LYS A N    1 
ATOM 911  C CA   . LYS A 1 62 ? 0.148   -0.642  -12.968 1.00 0.71  ? 62 LYS A CA   1 
ATOM 912  C C    . LYS A 1 62 ? 1.490   -0.893  -12.278 1.00 0.76  ? 62 LYS A C    1 
ATOM 913  O O    . LYS A 1 62 ? 2.439   -0.155  -12.457 1.00 1.05  ? 62 LYS A O    1 
ATOM 914  C CB   . LYS A 1 62 ? 0.179   -1.236  -14.378 1.00 0.91  ? 62 LYS A CB   1 
ATOM 915  C CG   . LYS A 1 62 ? -1.045  -0.760  -15.161 1.00 1.52  ? 62 LYS A CG   1 
ATOM 916  C CD   . LYS A 1 62 ? -0.692  -0.651  -16.646 1.00 1.97  ? 62 LYS A CD   1 
ATOM 917  C CE   . LYS A 1 62 ? -0.683  -2.047  -17.271 1.00 2.78  ? 62 LYS A CE   1 
ATOM 918  N NZ   . LYS A 1 62 ? -0.300  -1.946  -18.709 1.00 3.49  ? 62 LYS A NZ   1 
ATOM 919  H H    . LYS A 1 62 ? 0.404   1.371   -13.691 1.00 0.81  ? 62 LYS A H    1 
ATOM 920  H HA   . LYS A 1 62 ? -0.643  -1.108  -12.399 1.00 0.69  ? 62 LYS A HA   1 
ATOM 921  H HB2  . LYS A 1 62 ? 1.079   -0.914  -14.884 1.00 1.35  ? 62 LYS A HB2  1 
ATOM 922  H HB3  . LYS A 1 62 ? 0.168   -2.313  -14.315 1.00 1.49  ? 62 LYS A HB3  1 
ATOM 923  H HG2  . LYS A 1 62 ? -1.852  -1.468  -15.032 1.00 2.19  ? 62 LYS A HG2  1 
ATOM 924  H HG3  . LYS A 1 62 ? -1.352  0.208   -14.795 1.00 2.00  ? 62 LYS A HG3  1 
ATOM 925  H HD2  . LYS A 1 62 ? -1.426  -0.036  -17.146 1.00 2.29  ? 62 LYS A HD2  1 
ATOM 926  H HD3  . LYS A 1 62 ? 0.285   -0.205  -16.752 1.00 2.28  ? 62 LYS A HD3  1 
ATOM 927  H HE2  . LYS A 1 62 ? 0.031   -2.670  -16.753 1.00 3.17  ? 62 LYS A HE2  1 
ATOM 928  H HE3  . LYS A 1 62 ? -1.667  -2.484  -17.192 1.00 3.15  ? 62 LYS A HE3  1 
ATOM 929  H HZ1  . LYS A 1 62 ? -0.381  -0.956  -19.018 1.00 3.90  ? 62 LYS A HZ1  1 
ATOM 930  H HZ2  . LYS A 1 62 ? 0.681   -2.268  -18.830 1.00 3.85  ? 62 LYS A HZ2  1 
ATOM 931  H HZ3  . LYS A 1 62 ? -0.932  -2.541  -19.279 1.00 3.75  ? 62 LYS A HZ3  1 
ATOM 932  N N    . LEU A 1 63 ? 1.578   -1.929  -11.489 1.00 0.69  ? 63 LEU A N    1 
ATOM 933  C CA   . LEU A 1 63 ? 2.859   -2.226  -10.790 1.00 0.85  ? 63 LEU A CA   1 
ATOM 934  C C    . LEU A 1 63 ? 3.095   -3.738  -10.776 1.00 0.78  ? 63 LEU A C    1 
ATOM 935  O O    . LEU A 1 63 ? 2.177   -4.518  -10.617 1.00 0.98  ? 63 LEU A O    1 
ATOM 936  C CB   . LEU A 1 63 ? 2.786   -1.709  -9.351  1.00 1.05  ? 63 LEU A CB   1 
ATOM 937  C CG   . LEU A 1 63 ? 2.778   -0.179  -9.358  1.00 1.33  ? 63 LEU A CG   1 
ATOM 938  C CD1  . LEU A 1 63 ? 1.796   0.331   -8.302  1.00 2.00  ? 63 LEU A CD1  1 
ATOM 939  C CD2  . LEU A 1 63 ? 4.182   0.339   -9.041  1.00 1.57  ? 63 LEU A CD2  1 
ATOM 940  H H    . LEU A 1 63 ? 0.801   -2.513  -11.359 1.00 0.72  ? 63 LEU A H    1 
ATOM 941  H HA   . LEU A 1 63 ? 3.673   -1.740  -11.306 1.00 1.01  ? 63 LEU A HA   1 
ATOM 942  H HB2  . LEU A 1 63 ? 1.882   -2.073  -8.883  1.00 1.10  ? 63 LEU A HB2  1 
ATOM 943  H HB3  . LEU A 1 63 ? 3.645   -2.059  -8.799  1.00 1.23  ? 63 LEU A HB3  1 
ATOM 944  H HG   . LEU A 1 63 ? 2.472   0.174   -10.334 1.00 1.93  ? 63 LEU A HG   1 
ATOM 945  H HD11 . LEU A 1 63 ? 1.759   -0.366  -7.478  1.00 2.49  ? 63 LEU A HD11 1 
ATOM 946  H HD12 . LEU A 1 63 ? 2.123   1.296   -7.943  1.00 2.38  ? 63 LEU A HD12 1 
ATOM 947  H HD13 . LEU A 1 63 ? 0.812   0.424   -8.739  1.00 2.52  ? 63 LEU A HD13 1 
ATOM 948  H HD21 . LEU A 1 63 ? 4.871   -0.492  -8.996  1.00 2.18  ? 63 LEU A HD21 1 
ATOM 949  H HD22 . LEU A 1 63 ? 4.495   1.025   -9.814  1.00 2.05  ? 63 LEU A HD22 1 
ATOM 950  H HD23 . LEU A 1 63 ? 4.171   0.849   -8.090  1.00 1.79  ? 63 LEU A HD23 1 
ATOM 951  N N    . LYS A 1 64 ? 4.319   -4.158  -10.942 1.00 0.66  ? 64 LYS A N    1 
ATOM 952  C CA   . LYS A 1 64 ? 4.613   -5.619  -10.938 1.00 0.67  ? 64 LYS A CA   1 
ATOM 953  C C    . LYS A 1 64 ? 5.131   -6.031  -9.558  1.00 0.63  ? 64 LYS A C    1 
ATOM 954  O O    . LYS A 1 64 ? 5.885   -5.316  -8.929  1.00 0.58  ? 64 LYS A O    1 
ATOM 955  C CB   . LYS A 1 64 ? 5.675   -5.929  -11.995 1.00 0.79  ? 64 LYS A CB   1 
ATOM 956  C CG   . LYS A 1 64 ? 5.306   -7.221  -12.726 1.00 0.93  ? 64 LYS A CG   1 
ATOM 957  C CD   . LYS A 1 64 ? 6.291   -7.457  -13.874 1.00 1.27  ? 64 LYS A CD   1 
ATOM 958  C CE   . LYS A 1 64 ? 6.757   -8.914  -13.856 1.00 1.82  ? 64 LYS A CE   1 
ATOM 959  N NZ   . LYS A 1 64 ? 7.336   -9.266  -15.183 1.00 2.42  ? 64 LYS A NZ   1 
ATOM 960  H H    . LYS A 1 64 ? 5.046   -3.513  -11.068 1.00 0.72  ? 64 LYS A H    1 
ATOM 961  H HA   . LYS A 1 64 ? 3.711   -6.168  -11.162 1.00 0.72  ? 64 LYS A HA   1 
ATOM 962  H HB2  . LYS A 1 64 ? 5.726   -5.114  -12.703 1.00 0.99  ? 64 LYS A HB2  1 
ATOM 963  H HB3  . LYS A 1 64 ? 6.635   -6.050  -11.516 1.00 0.89  ? 64 LYS A HB3  1 
ATOM 964  H HG2  . LYS A 1 64 ? 5.351   -8.051  -12.035 1.00 1.37  ? 64 LYS A HG2  1 
ATOM 965  H HG3  . LYS A 1 64 ? 4.307   -7.137  -13.124 1.00 1.28  ? 64 LYS A HG3  1 
ATOM 966  H HD2  . LYS A 1 64 ? 5.803   -7.246  -14.814 1.00 1.72  ? 64 LYS A HD2  1 
ATOM 967  H HD3  . LYS A 1 64 ? 7.144   -6.806  -13.756 1.00 1.89  ? 64 LYS A HD3  1 
ATOM 968  H HE2  . LYS A 1 64 ? 7.508   -9.041  -13.089 1.00 2.39  ? 64 LYS A HE2  1 
ATOM 969  H HE3  . LYS A 1 64 ? 5.916   -9.558  -13.646 1.00 2.21  ? 64 LYS A HE3  1 
ATOM 970  H HZ1  . LYS A 1 64 ? 7.807   -8.432  -15.588 1.00 2.70  ? 64 LYS A HZ1  1 
ATOM 971  H HZ2  . LYS A 1 64 ? 8.028   -10.034 -15.066 1.00 2.89  ? 64 LYS A HZ2  1 
ATOM 972  H HZ3  . LYS A 1 64 ? 6.577   -9.581  -15.819 1.00 2.82  ? 64 LYS A HZ3  1 
ATOM 973  N N    . GLU A 1 65 ? 4.728   -7.178  -9.082  1.00 0.77  ? 65 GLU A N    1 
ATOM 974  C CA   . GLU A 1 65 ? 5.192   -7.638  -7.744  1.00 0.86  ? 65 GLU A CA   1 
ATOM 975  C C    . GLU A 1 65 ? 6.679   -7.317  -7.578  1.00 0.85  ? 65 GLU A C    1 
ATOM 976  O O    . GLU A 1 65 ? 7.461   -7.465  -8.496  1.00 0.97  ? 65 GLU A O    1 
ATOM 977  C CB   . GLU A 1 65 ? 4.979   -9.148  -7.621  1.00 1.08  ? 65 GLU A CB   1 
ATOM 978  C CG   . GLU A 1 65 ? 5.908   -9.875  -8.596  1.00 1.68  ? 65 GLU A CG   1 
ATOM 979  C CD   . GLU A 1 65 ? 5.349   -11.269 -8.889  1.00 2.05  ? 65 GLU A CD   1 
ATOM 980  O OE1  . GLU A 1 65 ? 5.018   -11.964 -7.943  1.00 2.61  ? 65 GLU A OE1  1 
ATOM 981  O OE2  . GLU A 1 65 ? 5.263   -11.619 -10.055 1.00 2.36  ? 65 GLU A OE2  1 
ATOM 982  H H    . GLU A 1 65 ? 4.118   -7.737  -9.604  1.00 0.87  ? 65 GLU A H    1 
ATOM 983  H HA   . GLU A 1 65 ? 4.628   -7.132  -6.977  1.00 0.87  ? 65 GLU A HA   1 
ATOM 984  H HB2  . GLU A 1 65 ? 5.200   -9.461  -6.611  1.00 1.53  ? 65 GLU A HB2  1 
ATOM 985  H HB3  . GLU A 1 65 ? 3.954   -9.387  -7.857  1.00 1.57  ? 65 GLU A HB3  1 
ATOM 986  H HG2  . GLU A 1 65 ? 5.974   -9.312  -9.517  1.00 2.24  ? 65 GLU A HG2  1 
ATOM 987  H HG3  . GLU A 1 65 ? 6.889   -9.967  -8.158  1.00 2.16  ? 65 GLU A HG3  1 
ATOM 988  N N    . GLY A 1 66 ? 7.077   -6.880  -6.414  1.00 0.87  ? 66 GLY A N    1 
ATOM 989  C CA   . GLY A 1 66 ? 8.513   -6.552  -6.191  1.00 0.95  ? 66 GLY A CA   1 
ATOM 990  C C    . GLY A 1 66 ? 8.717   -5.040  -6.312  1.00 0.83  ? 66 GLY A C    1 
ATOM 991  O O    . GLY A 1 66 ? 9.726   -4.506  -5.898  1.00 0.91  ? 66 GLY A O    1 
ATOM 992  H H    . GLY A 1 66 ? 6.429   -6.768  -5.687  1.00 0.94  ? 66 GLY A H    1 
ATOM 993  H HA2  . GLY A 1 66 ? 8.807   -6.879  -5.204  1.00 1.09  ? 66 GLY A HA2  1 
ATOM 994  H HA3  . GLY A 1 66 ? 9.116   -7.052  -6.933  1.00 1.01  ? 66 GLY A HA3  1 
ATOM 995  N N    . ASP A 1 67 ? 7.766   -4.347  -6.874  1.00 0.72  ? 67 ASP A N    1 
ATOM 996  C CA   . ASP A 1 67 ? 7.907   -2.870  -7.020  1.00 0.65  ? 67 ASP A CA   1 
ATOM 997  C C    . ASP A 1 67 ? 7.444   -2.184  -5.734  1.00 0.62  ? 67 ASP A C    1 
ATOM 998  O O    . ASP A 1 67 ? 6.470   -2.579  -5.123  1.00 0.63  ? 67 ASP A O    1 
ATOM 999  C CB   . ASP A 1 67 ? 7.048   -2.390  -8.193  1.00 0.61  ? 67 ASP A CB   1 
ATOM 1000 C CG   . ASP A 1 67 ? 7.773   -2.675  -9.508  1.00 0.71  ? 67 ASP A CG   1 
ATOM 1001 O OD1  . ASP A 1 67 ? 8.244   -3.789  -9.673  1.00 1.17  ? 67 ASP A OD1  1 
ATOM 1002 O OD2  . ASP A 1 67 ? 7.846   -1.776  -10.329 1.00 1.43  ? 67 ASP A OD2  1 
ATOM 1003 H H    . ASP A 1 67 ? 6.959   -4.797  -7.202  1.00 0.74  ? 67 ASP A H    1 
ATOM 1004 H HA   . ASP A 1 67 ? 8.941   -2.625  -7.208  1.00 0.73  ? 67 ASP A HA   1 
ATOM 1005 H HB2  . ASP A 1 67 ? 6.101   -2.910  -8.182  1.00 0.58  ? 67 ASP A HB2  1 
ATOM 1006 H HB3  . ASP A 1 67 ? 6.877   -1.328  -8.101  1.00 0.62  ? 67 ASP A HB3  1 
ATOM 1007 N N    . ALA A 1 68 ? 8.134   -1.157  -5.316  1.00 0.63  ? 68 ALA A N    1 
ATOM 1008 C CA   . ALA A 1 68 ? 7.731   -0.447  -4.069  1.00 0.64  ? 68 ALA A CA   1 
ATOM 1009 C C    . ALA A 1 68 ? 6.342   0.164   -4.258  1.00 0.61  ? 68 ALA A C    1 
ATOM 1010 O O    . ALA A 1 68 ? 5.949   0.512   -5.353  1.00 0.67  ? 68 ALA A O    1 
ATOM 1011 C CB   . ALA A 1 68 ? 8.741   0.662   -3.767  1.00 0.70  ? 68 ALA A CB   1 
ATOM 1012 H H    . ALA A 1 68 ? 8.915   -0.854  -5.823  1.00 0.68  ? 68 ALA A H    1 
ATOM 1013 H HA   . ALA A 1 68 ? 7.709   -1.148  -3.248  1.00 0.70  ? 68 ALA A HA   1 
ATOM 1014 H HB1  . ALA A 1 68 ? 8.967   1.201   -4.676  1.00 1.30  ? 68 ALA A HB1  1 
ATOM 1015 H HB2  . ALA A 1 68 ? 8.321   1.343   -3.041  1.00 1.19  ? 68 ALA A HB2  1 
ATOM 1016 H HB3  . ALA A 1 68 ? 9.646   0.227   -3.371  1.00 1.23  ? 68 ALA A HB3  1 
ATOM 1017 N N    . ILE A 1 69 ? 5.593   0.298   -3.197  1.00 0.61  ? 69 ILE A N    1 
ATOM 1018 C CA   . ILE A 1 69 ? 4.230   0.887   -3.317  1.00 0.62  ? 69 ILE A CA   1 
ATOM 1019 C C    . ILE A 1 69 ? 4.179   2.214   -2.556  1.00 0.64  ? 69 ILE A C    1 
ATOM 1020 O O    . ILE A 1 69 ? 4.027   3.269   -3.138  1.00 0.69  ? 69 ILE A O    1 
ATOM 1021 C CB   . ILE A 1 69 ? 3.203   -0.080  -2.724  1.00 0.72  ? 69 ILE A CB   1 
ATOM 1022 C CG1  . ILE A 1 69 ? 3.305   -1.429  -3.439  1.00 0.76  ? 69 ILE A CG1  1 
ATOM 1023 C CG2  . ILE A 1 69 ? 1.797   0.491   -2.912  1.00 0.82  ? 69 ILE A CG2  1 
ATOM 1024 C CD1  . ILE A 1 69 ? 2.810   -1.284  -4.878  1.00 1.30  ? 69 ILE A CD1  1 
ATOM 1025 H H    . ILE A 1 69 ? 5.929   0.011   -2.321  1.00 0.68  ? 69 ILE A H    1 
ATOM 1026 H HA   . ILE A 1 69 ? 4.003   1.061   -4.358  1.00 0.62  ? 69 ILE A HA   1 
ATOM 1027 H HB   . ILE A 1 69 ? 3.399   -0.212  -1.670  1.00 0.79  ? 69 ILE A HB   1 
ATOM 1028 H HG12 . ILE A 1 69 ? 4.334   -1.758  -3.442  1.00 1.46  ? 69 ILE A HG12 1 
ATOM 1029 H HG13 . ILE A 1 69 ? 2.697   -2.157  -2.923  1.00 1.30  ? 69 ILE A HG13 1 
ATOM 1030 H HG21 . ILE A 1 69 ? 1.756   1.489   -2.504  1.00 1.35  ? 69 ILE A HG21 1 
ATOM 1031 H HG22 . ILE A 1 69 ? 1.559   0.523   -3.966  1.00 1.29  ? 69 ILE A HG22 1 
ATOM 1032 H HG23 . ILE A 1 69 ? 1.082   -0.138  -2.402  1.00 1.34  ? 69 ILE A HG23 1 
ATOM 1033 H HD11 . ILE A 1 69 ? 2.547   -0.253  -5.067  1.00 1.78  ? 69 ILE A HD11 1 
ATOM 1034 H HD12 . ILE A 1 69 ? 3.591   -1.588  -5.560  1.00 1.95  ? 69 ILE A HD12 1 
ATOM 1035 H HD13 . ILE A 1 69 ? 1.942   -1.910  -5.026  1.00 1.87  ? 69 ILE A HD13 1 
ATOM 1036 N N    . ILE A 1 70 ? 4.304   2.169   -1.257  1.00 0.67  ? 70 ILE A N    1 
ATOM 1037 C CA   . ILE A 1 70 ? 4.262   3.428   -0.461  1.00 0.72  ? 70 ILE A CA   1 
ATOM 1038 C C    . ILE A 1 70 ? 5.265   3.337   0.690   1.00 0.76  ? 70 ILE A C    1 
ATOM 1039 O O    . ILE A 1 70 ? 5.912   2.327   0.886   1.00 0.78  ? 70 ILE A O    1 
ATOM 1040 C CB   . ILE A 1 70 ? 2.855   3.628   0.103   1.00 0.77  ? 70 ILE A CB   1 
ATOM 1041 C CG1  . ILE A 1 70 ? 2.360   2.314   0.712   1.00 0.84  ? 70 ILE A CG1  1 
ATOM 1042 C CG2  . ILE A 1 70 ? 1.910   4.054   -1.022  1.00 0.78  ? 70 ILE A CG2  1 
ATOM 1043 C CD1  . ILE A 1 70 ? 1.700   2.596   2.064   1.00 1.23  ? 70 ILE A CD1  1 
ATOM 1044 H H    . ILE A 1 70 ? 4.427   1.308   -0.806  1.00 0.69  ? 70 ILE A H    1 
ATOM 1045 H HA   . ILE A 1 70 ? 4.518   4.264   -1.096  1.00 0.73  ? 70 ILE A HA   1 
ATOM 1046 H HB   . ILE A 1 70 ? 2.878   4.395   0.864   1.00 0.83  ? 70 ILE A HB   1 
ATOM 1047 H HG12 . ILE A 1 70 ? 1.642   1.857   0.048   1.00 1.01  ? 70 ILE A HG12 1 
ATOM 1048 H HG13 . ILE A 1 70 ? 3.195   1.646   0.854   1.00 0.99  ? 70 ILE A HG13 1 
ATOM 1049 H HG21 . ILE A 1 70 ? 2.376   4.833   -1.609  1.00 1.19  ? 70 ILE A HG21 1 
ATOM 1050 H HG22 . ILE A 1 70 ? 1.697   3.205   -1.654  1.00 1.28  ? 70 ILE A HG22 1 
ATOM 1051 H HG23 . ILE A 1 70 ? 0.989   4.425   -0.597  1.00 1.19  ? 70 ILE A HG23 1 
ATOM 1052 H HD11 . ILE A 1 70 ? 1.148   3.522   2.009   1.00 1.75  ? 70 ILE A HD11 1 
ATOM 1053 H HD12 . ILE A 1 70 ? 1.026   1.788   2.310   1.00 1.75  ? 70 ILE A HD12 1 
ATOM 1054 H HD13 . ILE A 1 70 ? 2.461   2.674   2.827   1.00 1.58  ? 70 ILE A HD13 1 
ATOM 1055 N N    . GLU A 1 71 ? 5.400   4.384   1.457   1.00 0.81  ? 71 GLU A N    1 
ATOM 1056 C CA   . GLU A 1 71 ? 6.360   4.357   2.596   1.00 0.88  ? 71 GLU A CA   1 
ATOM 1057 C C    . GLU A 1 71 ? 5.655   4.831   3.868   1.00 0.88  ? 71 GLU A C    1 
ATOM 1058 O O    . GLU A 1 71 ? 5.411   6.006   4.052   1.00 0.96  ? 71 GLU A O    1 
ATOM 1059 C CB   . GLU A 1 71 ? 7.539   5.282   2.291   1.00 0.94  ? 71 GLU A CB   1 
ATOM 1060 C CG   . GLU A 1 71 ? 8.789   4.445   2.017   1.00 1.38  ? 71 GLU A CG   1 
ATOM 1061 C CD   . GLU A 1 71 ? 9.999   5.368   1.858   1.00 1.64  ? 71 GLU A CD   1 
ATOM 1062 O OE1  . GLU A 1 71 ? 10.183  5.886   0.769   1.00 2.09  ? 71 GLU A OE1  1 
ATOM 1063 O OE2  . GLU A 1 71 ? 10.719  5.541   2.827   1.00 2.13  ? 71 GLU A OE2  1 
ATOM 1064 H H    . GLU A 1 71 ? 4.868   5.190   1.283   1.00 0.83  ? 71 GLU A H    1 
ATOM 1065 H HA   . GLU A 1 71 ? 6.721   3.348   2.738   1.00 0.91  ? 71 GLU A HA   1 
ATOM 1066 H HB2  . GLU A 1 71 ? 7.309   5.883   1.421   1.00 1.28  ? 71 GLU A HB2  1 
ATOM 1067 H HB3  . GLU A 1 71 ? 7.719   5.928   3.137   1.00 1.15  ? 71 GLU A HB3  1 
ATOM 1068 H HG2  . GLU A 1 71 ? 8.958   3.769   2.844   1.00 1.70  ? 71 GLU A HG2  1 
ATOM 1069 H HG3  . GLU A 1 71 ? 8.651   3.877   1.110   1.00 1.93  ? 71 GLU A HG3  1 
ATOM 1070 N N    . LEU A 1 72 ? 5.327   3.924   4.749   1.00 0.93  ? 72 LEU A N    1 
ATOM 1071 C CA   . LEU A 1 72 ? 4.638   4.325   6.008   1.00 0.94  ? 72 LEU A CA   1 
ATOM 1072 C C    . LEU A 1 72 ? 5.683   4.627   7.084   1.00 1.02  ? 72 LEU A C    1 
ATOM 1073 O O    . LEU A 1 72 ? 6.712   3.987   7.161   1.00 1.17  ? 72 LEU A O    1 
ATOM 1074 C CB   . LEU A 1 72 ? 3.733   3.185   6.480   1.00 0.99  ? 72 LEU A CB   1 
ATOM 1075 C CG   . LEU A 1 72 ? 3.285   3.449   7.918   1.00 1.04  ? 72 LEU A CG   1 
ATOM 1076 C CD1  . LEU A 1 72 ? 1.840   2.980   8.099   1.00 1.36  ? 72 LEU A CD1  1 
ATOM 1077 C CD2  . LEU A 1 72 ? 4.193   2.680   8.882   1.00 1.41  ? 72 LEU A CD2  1 
ATOM 1078 H H    . LEU A 1 72 ? 5.532   2.982   4.581   1.00 1.04  ? 72 LEU A H    1 
ATOM 1079 H HA   . LEU A 1 72 ? 4.041   5.207   5.827   1.00 0.90  ? 72 LEU A HA   1 
ATOM 1080 H HB2  . LEU A 1 72 ? 2.865   3.125   5.838   1.00 0.96  ? 72 LEU A HB2  1 
ATOM 1081 H HB3  . LEU A 1 72 ? 4.276   2.253   6.439   1.00 1.07  ? 72 LEU A HB3  1 
ATOM 1082 H HG   . LEU A 1 72 ? 3.350   4.507   8.126   1.00 1.27  ? 72 LEU A HG   1 
ATOM 1083 H HD11 . LEU A 1 72 ? 1.554   2.365   7.259   1.00 1.72  ? 72 LEU A HD11 1 
ATOM 1084 H HD12 . LEU A 1 72 ? 1.759   2.407   9.010   1.00 1.93  ? 72 LEU A HD12 1 
ATOM 1085 H HD13 . LEU A 1 72 ? 1.189   3.840   8.155   1.00 1.76  ? 72 LEU A HD13 1 
ATOM 1086 H HD21 . LEU A 1 72 ? 5.019   2.250   8.334   1.00 1.94  ? 72 LEU A HD21 1 
ATOM 1087 H HD22 . LEU A 1 72 ? 4.572   3.355   9.634   1.00 1.69  ? 72 LEU A HD22 1 
ATOM 1088 H HD23 . LEU A 1 72 ? 3.627   1.892   9.357   1.00 1.89  ? 72 LEU A HD23 1 
ATOM 1089 N N    . GLU A 1 73 ? 5.425   5.598   7.916   1.00 0.97  ? 73 GLU A N    1 
ATOM 1090 C CA   . GLU A 1 73 ? 6.402   5.941   8.987   1.00 1.06  ? 73 GLU A CA   1 
ATOM 1091 C C    . GLU A 1 73 ? 5.805   5.590   10.353  1.00 1.14  ? 73 GLU A C    1 
ATOM 1092 O O    . GLU A 1 73 ? 5.083   6.377   10.934  1.00 1.33  ? 73 GLU A O    1 
ATOM 1093 C CB   . GLU A 1 73 ? 6.711   7.439   8.935   1.00 1.09  ? 73 GLU A CB   1 
ATOM 1094 C CG   . GLU A 1 73 ? 7.995   7.722   9.716   1.00 1.29  ? 73 GLU A CG   1 
ATOM 1095 C CD   . GLU A 1 73 ? 8.548   9.089   9.309   1.00 1.53  ? 73 GLU A CD   1 
ATOM 1096 O OE1  . GLU A 1 73 ? 7.893   9.765   8.531   1.00 2.18  ? 73 GLU A OE1  1 
ATOM 1097 O OE2  . GLU A 1 73 ? 9.617   9.439   9.782   1.00 1.92  ? 73 GLU A OE2  1 
ATOM 1098 H H    . GLU A 1 73 ? 4.588   6.102   7.837   1.00 0.92  ? 73 GLU A H    1 
ATOM 1099 H HA   . GLU A 1 73 ? 7.313   5.381   8.837   1.00 1.13  ? 73 GLU A HA   1 
ATOM 1100 H HB2  . GLU A 1 73 ? 6.838   7.744   7.907   1.00 1.18  ? 73 GLU A HB2  1 
ATOM 1101 H HB3  . GLU A 1 73 ? 5.894   7.990   9.377   1.00 1.19  ? 73 GLU A HB3  1 
ATOM 1102 H HG2  . GLU A 1 73 ? 7.781   7.721   10.775  1.00 1.72  ? 73 GLU A HG2  1 
ATOM 1103 H HG3  . GLU A 1 73 ? 8.727   6.961   9.495   1.00 1.60  ? 73 GLU A HG3  1 
ATOM 1104 N N    . PRO A 1 74 ? 6.126   4.414   10.822  1.00 1.21  ? 74 PRO A N    1 
ATOM 1105 C CA   . PRO A 1 74 ? 5.642   3.914   12.120  1.00 1.36  ? 74 PRO A CA   1 
ATOM 1106 C C    . PRO A 1 74 ? 6.431   4.552   13.266  1.00 1.33  ? 74 PRO A C    1 
ATOM 1107 O O    . PRO A 1 74 ? 7.320   3.947   13.833  1.00 2.02  ? 74 PRO A O    1 
ATOM 1108 C CB   . PRO A 1 74 ? 5.905   2.407   12.044  1.00 1.66  ? 74 PRO A CB   1 
ATOM 1109 C CG   . PRO A 1 74 ? 7.015   2.211   10.984  1.00 1.73  ? 74 PRO A CG   1 
ATOM 1110 C CD   . PRO A 1 74 ? 7.006   3.472   10.100  1.00 1.39  ? 74 PRO A CD   1 
ATOM 1111 H HA   . PRO A 1 74 ? 4.586   4.100   12.230  1.00 1.48  ? 74 PRO A HA   1 
ATOM 1112 H HB2  . PRO A 1 74 ? 6.237   2.043   13.007  1.00 1.77  ? 74 PRO A HB2  1 
ATOM 1113 H HB3  . PRO A 1 74 ? 5.012   1.889   11.736  1.00 1.87  ? 74 PRO A HB3  1 
ATOM 1114 H HG2  . PRO A 1 74 ? 7.975   2.103   11.471  1.00 1.85  ? 74 PRO A HG2  1 
ATOM 1115 H HG3  . PRO A 1 74 ? 6.803   1.342   10.381  1.00 2.00  ? 74 PRO A HG3  1 
ATOM 1116 H HD2  . PRO A 1 74 ? 8.005   3.877   10.009  1.00 1.40  ? 74 PRO A HD2  1 
ATOM 1117 H HD3  . PRO A 1 74 ? 6.596   3.250   9.127   1.00 1.46  ? 74 PRO A HD3  1 
ATOM 1118 N N    . ALA A 1 75 ? 6.114   5.770   13.611  1.00 1.24  ? 75 ALA A N    1 
ATOM 1119 C CA   . ALA A 1 75 ? 6.845   6.445   14.719  1.00 1.41  ? 75 ALA A CA   1 
ATOM 1120 C C    . ALA A 1 75 ? 6.974   5.485   15.904  1.00 1.49  ? 75 ALA A C    1 
ATOM 1121 O O    . ALA A 1 75 ? 6.063   5.332   16.692  1.00 2.07  ? 75 ALA A O    1 
ATOM 1122 C CB   . ALA A 1 75 ? 6.074   7.692   15.154  1.00 2.24  ? 75 ALA A CB   1 
ATOM 1123 H H    . ALA A 1 75 ? 5.394   6.240   13.141  1.00 1.63  ? 75 ALA A H    1 
ATOM 1124 H HA   . ALA A 1 75 ? 7.830   6.731   14.380  1.00 1.84  ? 75 ALA A HA   1 
ATOM 1125 H HB1  . ALA A 1 75 ? 5.021   7.549   14.962  1.00 2.58  ? 75 ALA A HB1  1 
ATOM 1126 H HB2  . ALA A 1 75 ? 6.227   7.861   16.210  1.00 2.75  ? 75 ALA A HB2  1 
ATOM 1127 H HB3  . ALA A 1 75 ? 6.430   8.547   14.599  1.00 2.75  ? 75 ALA A HB3  1 
ATOM 1128 N N    . ALA A 1 76 ? 8.099   4.838   16.036  1.00 2.06  ? 76 ALA A N    1 
ATOM 1129 C CA   . ALA A 1 76 ? 8.283   3.890   17.169  1.00 2.93  ? 76 ALA A CA   1 
ATOM 1130 C C    . ALA A 1 76 ? 8.777   4.655   18.399  1.00 3.20  ? 76 ALA A C    1 
ATOM 1131 O O    . ALA A 1 76 ? 9.828   4.373   18.938  1.00 3.75  ? 76 ALA A O    1 
ATOM 1132 C CB   . ALA A 1 76 ? 9.315   2.827   16.782  1.00 3.79  ? 76 ALA A CB   1 
ATOM 1133 H H    . ALA A 1 76 ? 8.822   4.975   15.389  1.00 2.38  ? 76 ALA A H    1 
ATOM 1134 H HA   . ALA A 1 76 ? 7.343   3.412   17.397  1.00 3.40  ? 76 ALA A HA   1 
ATOM 1135 H HB1  . ALA A 1 76 ? 10.059  3.268   16.136  1.00 4.17  ? 76 ALA A HB1  1 
ATOM 1136 H HB2  . ALA A 1 76 ? 9.792   2.447   17.674  1.00 4.22  ? 76 ALA A HB2  1 
ATOM 1137 H HB3  . ALA A 1 76 ? 8.821   2.018   16.266  1.00 4.11  ? 76 ALA A HB3  1 
ATOM 1138 N N    . GLY A 1 77 ? 8.026   5.626   18.845  1.00 3.42  ? 77 GLY A N    1 
ATOM 1139 C CA   . GLY A 1 77 ? 8.453   6.409   20.038  1.00 4.23  ? 77 GLY A CA   1 
ATOM 1140 C C    . GLY A 1 77 ? 9.323   7.585   19.591  1.00 4.61  ? 77 GLY A C    1 
ATOM 1141 O O    . GLY A 1 77 ? 8.961   8.733   19.752  1.00 4.83  ? 77 GLY A O    1 
ATOM 1142 H H    . GLY A 1 77 ? 7.182   5.838   18.395  1.00 3.44  ? 77 GLY A H    1 
ATOM 1143 H HA2  . GLY A 1 77 ? 7.580   6.780   20.556  1.00 4.47  ? 77 GLY A HA2  1 
ATOM 1144 H HA3  . GLY A 1 77 ? 9.023   5.776   20.700  1.00 4.76  ? 77 GLY A HA3  1 
ATOM 1145 N N    . ALA A 1 78 ? 10.469  7.309   19.032  1.00 5.16  ? 78 ALA A N    1 
ATOM 1146 C CA   . ALA A 1 78 ? 11.362  8.411   18.575  1.00 5.93  ? 78 ALA A CA   1 
ATOM 1147 C C    . ALA A 1 78 ? 11.484  9.460   19.682  1.00 6.39  ? 78 ALA A C    1 
ATOM 1148 O O    . ALA A 1 78 ? 12.323  9.359   20.556  1.00 6.60  ? 78 ALA A O    1 
ATOM 1149 C CB   . ALA A 1 78 ? 10.771  9.058   17.320  1.00 6.51  ? 78 ALA A CB   1 
ATOM 1150 H H    . ALA A 1 78 ? 10.743  6.375   18.913  1.00 5.31  ? 78 ALA A H    1 
ATOM 1151 H HA   . ALA A 1 78 ? 12.339  8.011   18.348  1.00 6.14  ? 78 ALA A HA   1 
ATOM 1152 H HB1  . ALA A 1 78 ? 9.737   9.311   17.499  1.00 6.50  ? 78 ALA A HB1  1 
ATOM 1153 H HB2  . ALA A 1 78 ? 11.326  9.952   17.081  1.00 6.82  ? 78 ALA A HB2  1 
ATOM 1154 H HB3  . ALA A 1 78 ? 10.834  8.363   16.495  1.00 6.92  ? 78 ALA A HB3  1 
ATOM 1155 N N    . ARG A 1 79 ? 10.657  10.469  19.652  1.00 6.89  ? 79 ARG A N    1 
ATOM 1156 C CA   . ARG A 1 79 ? 10.729  11.523  20.702  1.00 7.67  ? 79 ARG A CA   1 
ATOM 1157 C C    . ARG A 1 79 ? 12.164  12.044  20.803  1.00 8.27  ? 79 ARG A C    1 
ATOM 1158 O O    . ARG A 1 79 ? 12.924  11.486  21.577  1.00 8.43  ? 79 ARG A O    1 
ATOM 1159 C CB   . ARG A 1 79 ? 10.306  10.931  22.048  1.00 8.20  ? 79 ARG A CB   1 
ATOM 1160 C CG   . ARG A 1 79 ? 10.637  11.920  23.168  1.00 8.68  ? 79 ARG A CG   1 
ATOM 1161 C CD   . ARG A 1 79 ? 9.471   11.984  24.155  1.00 9.12  ? 79 ARG A CD   1 
ATOM 1162 N NE   . ARG A 1 79 ? 8.521   13.053  23.733  1.00 9.65  ? 79 ARG A NE   1 
ATOM 1163 C CZ   . ARG A 1 79 ? 8.082   13.087  22.505  1.00 10.22 ? 79 ARG A CZ   1 
ATOM 1164 N NH1  . ARG A 1 79 ? 7.025   12.398  22.171  1.00 10.44 ? 79 ARG A NH1  1 
ATOM 1165 N NH2  . ARG A 1 79 ? 8.698   13.810  21.611  1.00 10.79 ? 79 ARG A NH2  1 
ATOM 1166 H H    . ARG A 1 79 ? 9.988   10.534  18.938  1.00 6.96  ? 79 ARG A H    1 
ATOM 1167 H HA   . ARG A 1 79 ? 10.068  12.336  20.442  1.00 7.74  ? 79 ARG A HA   1 
ATOM 1168 H HB2  . ARG A 1 79 ? 9.242   10.740  22.038  1.00 8.03  ? 79 ARG A HB2  1 
ATOM 1169 H HB3  . ARG A 1 79 ? 10.837  10.007  22.218  1.00 8.71  ? 79 ARG A HB3  1 
ATOM 1170 H HG2  . ARG A 1 79 ? 11.529  11.594  23.684  1.00 9.02  ? 79 ARG A HG2  1 
ATOM 1171 H HG3  . ARG A 1 79 ? 10.804  12.899  22.746  1.00 8.65  ? 79 ARG A HG3  1 
ATOM 1172 H HD2  . ARG A 1 79 ? 8.959   11.034  24.169  1.00 9.15  ? 79 ARG A HD2  1 
ATOM 1173 H HD3  . ARG A 1 79 ? 9.846   12.206  25.142  1.00 9.27  ? 79 ARG A HD3  1 
ATOM 1174 H HE   . ARG A 1 79 ? 8.229   13.730  24.378  1.00 9.73  ? 79 ARG A HE   1 
ATOM 1175 H HH11 . ARG A 1 79 ? 6.553   11.844  22.856  1.00 10.18 ? 79 ARG A HH11 1 
ATOM 1176 H HH12 . ARG A 1 79 ? 6.688   12.424  21.230  1.00 11.01 ? 79 ARG A HH12 1 
ATOM 1177 H HH21 . ARG A 1 79 ? 9.508   14.339  21.866  1.00 10.79 ? 79 ARG A HH21 1 
ATOM 1178 H HH22 . ARG A 1 79 ? 8.361   13.836  20.670  1.00 11.34 ? 79 ARG A HH22 1 
# 
